data_4MIN
#
_entry.id   4MIN
#
_cell.length_a   106.560
_cell.length_b   110.510
_cell.length_c   127.116
_cell.angle_alpha   90.000
_cell.angle_beta   90.000
_cell.angle_gamma   90.000
#
_symmetry.space_group_name_H-M   'P 21 21 21'
#
loop_
_entity.id
_entity.type
_entity.pdbx_description
1 polymer 'Inositol 2-dehydrogenase/D-chiro-inositol 3-dehydrogenase'
2 non-polymer NICOTINAMIDE-ADENINE-DINUCLEOTIDE
3 non-polymer GLYCEROL
4 non-polymer 'SULFATE ION'
5 water water
#
_entity_poly.entity_id   1
_entity_poly.type   'polypeptide(L)'
_entity_poly.pdbx_seq_one_letter_code
;MRGSHHHHHHGSMVVKVGVIGTGAMGRAHIDRLTNVLTGAEVVAVTDIDHEAAEAAVRDFHLNAKVYPDDTSLLQDPDID
AVFVVSFGGAHEATVLKALDTDKFIFTEKPLATTLEGAKRIVDKELTKSKKVIQVGFMRRYDQGIRALKEKLDTGIIGAP
LVVRASHINPNVASNYSNEMAITDTLIHEIDEMHWLLDDEYTSIQITYPRQSAEVRNEGLHDPQLATLTTKKGTVIQVLV
HVTAQYGYEVKLEVIGETGELQLPNYGLGPILRSNANQQTAVEMSWINRFIQAYNTEVQEFIDEVAKSEPPVGPSAWDGY
IAAITAAAANRSQKDQETVLINVAGTPTFYQ
;
_entity_poly.pdbx_strand_id   A,B,C,D
#
# COMPACT_ATOMS: atom_id res chain seq x y z
N MET A 13 -0.83 35.01 -29.69
CA MET A 13 -1.54 34.55 -30.87
C MET A 13 -1.64 33.01 -30.96
N VAL A 14 -2.60 32.55 -31.76
CA VAL A 14 -3.03 31.16 -31.80
C VAL A 14 -2.27 30.33 -32.82
N VAL A 15 -1.90 29.10 -32.47
CA VAL A 15 -1.20 28.21 -33.39
C VAL A 15 -2.21 27.52 -34.28
N LYS A 16 -2.06 27.71 -35.57
CA LYS A 16 -2.98 27.18 -36.54
C LYS A 16 -2.52 25.84 -37.08
N VAL A 17 -3.36 24.83 -36.89
CA VAL A 17 -3.00 23.45 -37.10
C VAL A 17 -3.75 22.79 -38.25
N GLY A 18 -3.02 22.02 -39.05
CA GLY A 18 -3.62 21.11 -40.00
C GLY A 18 -3.55 19.67 -39.53
N VAL A 19 -4.60 18.90 -39.68
CA VAL A 19 -4.55 17.49 -39.30
C VAL A 19 -4.74 16.54 -40.48
N ILE A 20 -3.76 15.68 -40.66
CA ILE A 20 -3.74 14.66 -41.67
C ILE A 20 -4.02 13.29 -41.04
N GLY A 21 -5.22 12.83 -41.29
CA GLY A 21 -5.70 11.57 -40.78
C GLY A 21 -6.66 11.91 -39.69
N THR A 22 -7.95 11.80 -39.96
CA THR A 22 -8.96 12.13 -38.99
C THR A 22 -9.72 10.89 -38.51
N GLY A 23 -8.99 9.91 -38.02
CA GLY A 23 -9.54 8.70 -37.48
C GLY A 23 -9.70 8.79 -35.99
N ALA A 24 -9.56 7.66 -35.29
CA ALA A 24 -9.73 7.66 -33.85
C ALA A 24 -8.74 8.62 -33.13
N MET A 25 -7.47 8.45 -33.36
CA MET A 25 -6.49 9.30 -32.68
C MET A 25 -6.48 10.70 -33.27
N GLY A 26 -6.73 10.80 -34.57
CA GLY A 26 -6.77 12.11 -35.18
C GLY A 26 -7.88 12.94 -34.61
N ARG A 27 -9.01 12.31 -34.41
CA ARG A 27 -10.12 12.98 -33.81
C ARG A 27 -9.83 13.33 -32.37
N ALA A 28 -9.11 12.45 -31.71
CA ALA A 28 -8.83 12.71 -30.32
C ALA A 28 -7.84 13.85 -30.15
N HIS A 29 -6.92 14.00 -31.08
CA HIS A 29 -6.04 15.14 -31.08
C HIS A 29 -6.82 16.41 -31.45
N ILE A 30 -7.77 16.29 -32.35
CA ILE A 30 -8.57 17.44 -32.66
C ILE A 30 -9.32 17.93 -31.45
N ASP A 31 -9.87 16.98 -30.71
CA ASP A 31 -10.55 17.28 -29.49
C ASP A 31 -9.62 17.95 -28.47
N ARG A 32 -8.41 17.46 -28.36
CA ARG A 32 -7.41 18.06 -27.48
C ARG A 32 -7.21 19.51 -27.84
N LEU A 33 -7.03 19.74 -29.13
CA LEU A 33 -6.66 21.05 -29.63
C LEU A 33 -7.85 22.01 -29.61
N THR A 34 -9.03 21.47 -29.70
CA THR A 34 -10.26 22.27 -29.78
C THR A 34 -10.93 22.51 -28.45
N ASN A 35 -10.98 21.48 -27.63
CA ASN A 35 -11.75 21.52 -26.43
C ASN A 35 -10.96 21.50 -25.13
N VAL A 36 -9.78 20.91 -25.16
CA VAL A 36 -9.06 20.65 -23.93
C VAL A 36 -7.92 21.61 -23.65
N LEU A 37 -7.09 21.83 -24.64
CA LEU A 37 -5.86 22.56 -24.45
C LEU A 37 -5.97 23.98 -24.93
N THR A 38 -4.99 24.78 -24.57
CA THR A 38 -5.02 26.17 -24.89
C THR A 38 -4.02 26.56 -25.95
N GLY A 39 -4.45 27.43 -26.83
CA GLY A 39 -3.55 28.11 -27.73
C GLY A 39 -3.47 27.63 -29.15
N ALA A 40 -4.39 26.78 -29.55
CA ALA A 40 -4.38 26.29 -30.90
C ALA A 40 -5.77 26.25 -31.49
N GLU A 41 -5.81 26.10 -32.81
CA GLU A 41 -7.05 25.97 -33.58
C GLU A 41 -6.81 25.12 -34.78
N VAL A 42 -7.70 24.18 -35.02
CA VAL A 42 -7.58 23.34 -36.19
C VAL A 42 -8.30 24.06 -37.35
N VAL A 43 -7.53 24.47 -38.34
CA VAL A 43 -8.02 25.21 -39.48
C VAL A 43 -8.08 24.39 -40.75
N ALA A 44 -7.57 23.17 -40.72
CA ALA A 44 -7.54 22.32 -41.92
C ALA A 44 -7.42 20.85 -41.57
N VAL A 45 -8.09 20.03 -42.35
CA VAL A 45 -7.97 18.59 -42.21
C VAL A 45 -7.88 17.92 -43.54
N THR A 46 -7.37 16.71 -43.55
CA THR A 46 -7.50 15.86 -44.69
C THR A 46 -7.48 14.40 -44.26
N ASP A 47 -8.27 13.59 -44.95
CA ASP A 47 -8.24 12.16 -44.78
C ASP A 47 -8.47 11.48 -46.17
N ILE A 48 -7.96 10.28 -46.41
CA ILE A 48 -8.29 9.59 -47.64
C ILE A 48 -9.72 9.14 -47.65
N ASP A 49 -10.31 9.01 -46.48
CA ASP A 49 -11.74 8.89 -46.42
C ASP A 49 -12.36 10.25 -46.26
N HIS A 50 -12.63 10.86 -47.42
CA HIS A 50 -13.03 12.22 -47.44
C HIS A 50 -14.27 12.45 -46.58
N GLU A 51 -15.05 11.41 -46.33
CA GLU A 51 -16.13 11.61 -45.41
C GLU A 51 -15.71 11.67 -43.95
N ALA A 52 -14.58 11.06 -43.64
CA ALA A 52 -14.07 11.08 -42.28
C ALA A 52 -13.67 12.51 -41.99
N ALA A 53 -12.91 13.07 -42.91
CA ALA A 53 -12.49 14.44 -42.82
C ALA A 53 -13.66 15.37 -42.63
N GLU A 54 -14.74 15.12 -43.36
CA GLU A 54 -15.89 15.94 -43.25
C GLU A 54 -16.60 15.77 -41.92
N ALA A 55 -16.52 14.57 -41.37
CA ALA A 55 -17.15 14.34 -40.10
C ALA A 55 -16.46 15.14 -38.98
N ALA A 56 -15.18 15.32 -39.11
CA ALA A 56 -14.42 15.93 -38.05
C ALA A 56 -14.75 17.40 -37.95
N VAL A 57 -14.83 18.04 -39.09
CA VAL A 57 -15.19 19.44 -39.11
C VAL A 57 -16.53 19.62 -38.48
N ARG A 58 -17.44 18.79 -38.89
CA ARG A 58 -18.77 18.86 -38.41
C ARG A 58 -18.91 18.57 -36.91
N ASP A 59 -18.40 17.46 -36.46
CA ASP A 59 -18.61 17.05 -35.08
C ASP A 59 -17.93 17.95 -34.06
N PHE A 60 -16.86 18.58 -34.46
CA PHE A 60 -16.11 19.43 -33.53
C PHE A 60 -16.29 20.90 -33.82
N HIS A 61 -17.17 21.21 -34.77
CA HIS A 61 -17.50 22.61 -35.09
C HIS A 61 -16.33 23.43 -35.50
N LEU A 62 -15.45 22.84 -36.28
CA LEU A 62 -14.32 23.53 -36.84
C LEU A 62 -14.69 24.54 -37.91
N ASN A 63 -13.94 25.64 -37.93
CA ASN A 63 -13.91 26.53 -39.04
C ASN A 63 -12.68 26.12 -39.78
N ALA A 64 -12.83 25.08 -40.57
CA ALA A 64 -11.70 24.52 -41.22
C ALA A 64 -11.99 24.10 -42.63
N LYS A 65 -10.94 24.03 -43.39
CA LYS A 65 -10.96 23.62 -44.76
C LYS A 65 -10.71 22.13 -44.84
N VAL A 66 -11.51 21.46 -45.64
CA VAL A 66 -11.20 20.09 -45.97
C VAL A 66 -10.40 20.08 -47.21
N TYR A 67 -9.20 19.56 -47.12
CA TYR A 67 -8.31 19.48 -48.26
C TYR A 67 -8.39 18.06 -48.84
N PRO A 68 -8.25 17.96 -50.15
CA PRO A 68 -8.39 16.66 -50.81
C PRO A 68 -7.21 15.75 -50.58
N ASP A 69 -6.07 16.31 -50.25
CA ASP A 69 -4.91 15.51 -49.91
C ASP A 69 -3.91 16.23 -49.01
N ASP A 70 -2.84 15.55 -48.64
CA ASP A 70 -1.87 16.14 -47.77
C ASP A 70 -1.01 17.17 -48.50
N THR A 71 -0.73 16.91 -49.76
CA THR A 71 0.09 17.82 -50.55
C THR A 71 -0.58 19.16 -50.62
N SER A 72 -1.87 19.17 -50.87
CA SER A 72 -2.54 20.43 -50.93
C SER A 72 -2.58 21.15 -49.57
N LEU A 73 -2.77 20.39 -48.50
CA LEU A 73 -2.87 20.97 -47.16
C LEU A 73 -1.61 21.70 -46.79
N LEU A 74 -0.51 21.08 -47.12
CA LEU A 74 0.75 21.56 -46.73
C LEU A 74 1.14 22.82 -47.48
N GLN A 75 0.46 23.10 -48.56
CA GLN A 75 0.74 24.30 -49.31
C GLN A 75 0.01 25.50 -48.69
N ASP A 76 -0.80 25.28 -47.67
CA ASP A 76 -1.58 26.37 -47.12
C ASP A 76 -0.63 27.14 -46.24
N PRO A 77 -0.38 28.42 -46.56
CA PRO A 77 0.69 29.08 -45.85
C PRO A 77 0.28 29.62 -44.51
N ASP A 78 -1.00 29.57 -44.21
CA ASP A 78 -1.46 30.02 -42.92
C ASP A 78 -1.45 28.92 -41.86
N ILE A 79 -1.02 27.73 -42.22
CA ILE A 79 -0.90 26.65 -41.27
C ILE A 79 0.48 26.67 -40.64
N ASP A 80 0.48 26.70 -39.30
CA ASP A 80 1.71 26.76 -38.54
C ASP A 80 2.36 25.38 -38.32
N ALA A 81 1.52 24.40 -38.09
CA ALA A 81 1.96 23.07 -37.74
C ALA A 81 0.98 22.02 -38.21
N VAL A 82 1.52 20.87 -38.56
CA VAL A 82 0.71 19.75 -38.92
C VAL A 82 0.83 18.57 -37.98
N PHE A 83 -0.31 17.93 -37.74
CA PHE A 83 -0.41 16.69 -37.03
C PHE A 83 -0.62 15.57 -38.02
N VAL A 84 0.25 14.57 -37.98
CA VAL A 84 0.20 13.43 -38.88
C VAL A 84 -0.33 12.24 -38.13
N VAL A 85 -1.57 11.90 -38.38
CA VAL A 85 -2.24 10.86 -37.63
C VAL A 85 -2.92 9.80 -38.52
N SER A 86 -2.27 9.54 -39.64
CA SER A 86 -2.71 8.58 -40.61
C SER A 86 -2.26 7.17 -40.22
N PHE A 87 -2.60 6.18 -41.02
CA PHE A 87 -2.01 4.87 -40.83
C PHE A 87 -0.53 5.02 -40.69
N GLY A 88 0.05 4.20 -39.83
CA GLY A 88 1.46 4.28 -39.62
C GLY A 88 2.30 4.23 -40.86
N GLY A 89 1.91 3.40 -41.80
CA GLY A 89 2.67 3.24 -43.03
C GLY A 89 2.65 4.48 -43.90
N ALA A 90 1.72 5.37 -43.62
CA ALA A 90 1.56 6.59 -44.39
C ALA A 90 2.31 7.77 -43.80
N HIS A 91 3.01 7.58 -42.68
CA HIS A 91 3.65 8.71 -42.04
C HIS A 91 4.86 9.19 -42.79
N GLU A 92 5.71 8.24 -43.20
CA GLU A 92 6.97 8.53 -43.81
C GLU A 92 6.84 9.46 -44.99
N ALA A 93 5.90 9.21 -45.90
CA ALA A 93 5.80 10.05 -47.08
C ALA A 93 5.24 11.41 -46.75
N THR A 94 4.24 11.43 -45.90
CA THR A 94 3.65 12.66 -45.46
C THR A 94 4.65 13.50 -44.67
N VAL A 95 5.49 12.87 -43.89
CA VAL A 95 6.47 13.58 -43.14
C VAL A 95 7.50 14.23 -44.05
N LEU A 96 8.00 13.49 -45.03
CA LEU A 96 8.94 14.06 -45.96
C LEU A 96 8.30 15.15 -46.83
N LYS A 97 7.03 15.06 -47.15
CA LYS A 97 6.41 16.14 -47.88
C LYS A 97 6.39 17.37 -47.01
N ALA A 98 6.02 17.20 -45.76
CA ALA A 98 5.91 18.36 -44.89
C ALA A 98 7.27 19.00 -44.66
N LEU A 99 8.33 18.22 -44.74
CA LEU A 99 9.63 18.79 -44.61
C LEU A 99 10.08 19.65 -45.81
N ASP A 100 9.28 19.71 -46.84
CA ASP A 100 9.55 20.64 -47.93
C ASP A 100 8.85 21.98 -47.63
N THR A 101 8.19 22.07 -46.48
CA THR A 101 7.72 23.34 -45.99
C THR A 101 8.54 23.72 -44.79
N ASP A 102 8.16 24.82 -44.16
CA ASP A 102 8.77 25.30 -42.93
C ASP A 102 7.93 24.94 -41.69
N LYS A 103 6.90 24.18 -41.88
CA LYS A 103 5.98 23.92 -40.84
C LYS A 103 6.55 23.00 -39.74
N PHE A 104 6.05 23.17 -38.53
CA PHE A 104 6.33 22.27 -37.47
C PHE A 104 5.49 21.01 -37.66
N ILE A 105 6.03 19.89 -37.21
CA ILE A 105 5.43 18.60 -37.48
C ILE A 105 5.36 17.77 -36.21
N PHE A 106 4.14 17.43 -35.84
CA PHE A 106 3.86 16.43 -34.84
C PHE A 106 3.36 15.19 -35.55
N THR A 107 4.15 14.15 -35.48
CA THR A 107 3.67 12.88 -36.01
C THR A 107 3.47 11.89 -34.90
N GLU A 108 2.34 11.21 -34.94
CA GLU A 108 2.17 10.09 -34.06
C GLU A 108 3.24 9.05 -34.37
N LYS A 109 3.48 8.17 -33.42
CA LYS A 109 4.29 7.04 -33.70
C LYS A 109 3.58 6.14 -34.70
N PRO A 110 4.35 5.40 -35.49
CA PRO A 110 5.78 5.48 -35.62
C PRO A 110 6.17 6.62 -36.54
N LEU A 111 7.43 7.01 -36.50
CA LEU A 111 7.93 7.99 -37.43
C LEU A 111 7.79 7.40 -38.83
N ALA A 112 7.98 6.10 -38.89
CA ALA A 112 7.84 5.34 -40.09
C ALA A 112 7.81 3.88 -39.73
N THR A 113 7.36 3.07 -40.67
CA THR A 113 7.19 1.65 -40.44
C THR A 113 8.40 0.86 -40.82
N THR A 114 9.40 1.51 -41.34
CA THR A 114 10.64 0.84 -41.62
C THR A 114 11.73 1.67 -41.16
N LEU A 115 12.84 1.05 -40.84
CA LEU A 115 13.95 1.81 -40.35
C LEU A 115 14.61 2.62 -41.45
N GLU A 116 14.44 2.17 -42.69
CA GLU A 116 14.96 2.91 -43.83
C GLU A 116 14.20 4.19 -44.00
N GLY A 117 12.89 4.11 -43.91
CA GLY A 117 12.06 5.28 -43.90
C GLY A 117 12.40 6.30 -42.83
N ALA A 118 12.62 5.83 -41.63
CA ALA A 118 12.97 6.76 -40.56
C ALA A 118 14.30 7.42 -40.84
N LYS A 119 15.20 6.70 -41.46
CA LYS A 119 16.49 7.24 -41.80
C LYS A 119 16.38 8.35 -42.88
N ARG A 120 15.45 8.19 -43.79
CA ARG A 120 15.27 9.18 -44.82
C ARG A 120 14.78 10.49 -44.20
N ILE A 121 13.95 10.36 -43.16
CA ILE A 121 13.35 11.51 -42.50
C ILE A 121 14.40 12.22 -41.73
N VAL A 122 15.18 11.45 -41.03
CA VAL A 122 16.25 12.03 -40.30
C VAL A 122 17.20 12.77 -41.23
N ASP A 123 17.46 12.20 -42.38
CA ASP A 123 18.46 12.77 -43.23
C ASP A 123 17.96 14.06 -43.79
N LYS A 124 16.70 14.12 -44.14
CA LYS A 124 16.14 15.35 -44.65
C LYS A 124 16.04 16.47 -43.61
N GLU A 125 15.62 16.15 -42.39
CA GLU A 125 15.53 17.17 -41.35
C GLU A 125 16.88 17.79 -40.98
N LEU A 126 17.92 16.99 -41.03
CA LEU A 126 19.23 17.45 -40.72
C LEU A 126 19.79 18.42 -41.76
N THR A 127 19.11 18.58 -42.88
CA THR A 127 19.53 19.56 -43.86
C THR A 127 18.94 20.90 -43.53
N LYS A 128 17.97 20.89 -42.64
CA LYS A 128 17.17 22.06 -42.39
C LYS A 128 17.80 22.87 -41.32
N SER A 129 17.30 24.07 -41.15
CA SER A 129 17.95 25.06 -40.35
C SER A 129 17.72 24.78 -38.89
N LYS A 130 16.58 24.19 -38.62
CA LYS A 130 16.21 23.89 -37.24
C LYS A 130 15.23 22.74 -37.22
N LYS A 131 15.15 22.12 -36.08
CA LYS A 131 14.29 20.97 -35.84
C LYS A 131 12.83 21.37 -35.80
N VAL A 132 12.00 20.57 -36.43
CA VAL A 132 10.60 20.81 -36.49
C VAL A 132 9.74 19.61 -36.14
N ILE A 133 10.33 18.44 -36.01
CA ILE A 133 9.55 17.24 -35.77
C ILE A 133 9.54 16.78 -34.31
N GLN A 134 8.35 16.50 -33.83
CA GLN A 134 8.11 15.80 -32.59
C GLN A 134 7.31 14.53 -32.89
N VAL A 135 7.70 13.44 -32.26
CA VAL A 135 7.04 12.15 -32.40
C VAL A 135 6.26 11.82 -31.12
N GLY A 136 5.05 11.31 -31.30
CA GLY A 136 4.13 11.10 -30.21
C GLY A 136 4.38 9.99 -29.21
N PHE A 137 5.60 9.88 -28.73
CA PHE A 137 5.89 9.01 -27.61
C PHE A 137 5.49 9.63 -26.26
N MET A 138 4.25 9.42 -25.87
CA MET A 138 3.69 10.11 -24.73
C MET A 138 4.10 9.63 -23.35
N ARG A 139 4.70 8.46 -23.26
CA ARG A 139 5.10 7.94 -21.96
C ARG A 139 5.97 8.92 -21.21
N ARG A 140 6.77 9.67 -21.95
CA ARG A 140 7.72 10.56 -21.34
C ARG A 140 7.01 11.68 -20.58
N TYR A 141 5.76 11.88 -20.87
CA TYR A 141 5.03 12.97 -20.28
C TYR A 141 4.12 12.52 -19.16
N ASP A 142 4.05 11.24 -18.93
CA ASP A 142 3.27 10.73 -17.85
C ASP A 142 3.91 11.17 -16.54
N GLN A 143 3.09 11.69 -15.66
CA GLN A 143 3.59 12.24 -14.42
C GLN A 143 4.36 11.28 -13.55
N GLY A 144 3.84 10.07 -13.41
CA GLY A 144 4.53 9.07 -12.63
C GLY A 144 5.85 8.62 -13.23
N ILE A 145 5.83 8.34 -14.52
CA ILE A 145 7.03 7.89 -15.15
C ILE A 145 8.11 8.97 -15.09
N ARG A 146 7.70 10.20 -15.31
CA ARG A 146 8.59 11.31 -15.24
C ARG A 146 9.16 11.49 -13.82
N ALA A 147 8.32 11.31 -12.81
CA ALA A 147 8.78 11.49 -11.44
C ALA A 147 9.76 10.43 -11.02
N LEU A 148 9.56 9.24 -11.54
CA LEU A 148 10.51 8.19 -11.29
C LEU A 148 11.86 8.49 -11.94
N LYS A 149 11.84 8.87 -13.20
CA LYS A 149 13.07 9.25 -13.86
C LYS A 149 13.84 10.30 -13.08
N GLU A 150 13.13 11.34 -12.67
CA GLU A 150 13.80 12.39 -11.94
C GLU A 150 14.39 11.94 -10.63
N LYS A 151 13.71 11.06 -9.93
CA LYS A 151 14.28 10.53 -8.72
C LYS A 151 15.52 9.69 -8.98
N LEU A 152 15.49 8.90 -10.02
CA LEU A 152 16.60 8.09 -10.42
C LEU A 152 17.81 8.98 -10.71
N ASP A 153 17.55 10.07 -11.41
CA ASP A 153 18.60 10.98 -11.77
C ASP A 153 19.23 11.74 -10.60
N THR A 154 18.65 11.68 -9.41
CA THR A 154 19.30 12.25 -8.25
C THR A 154 20.47 11.43 -7.72
N GLY A 155 20.57 10.19 -8.14
CA GLY A 155 21.60 9.32 -7.67
C GLY A 155 21.26 8.51 -6.45
N ILE A 156 20.04 8.64 -5.98
CA ILE A 156 19.69 8.12 -4.68
C ILE A 156 19.77 6.61 -4.55
N ILE A 157 19.61 5.91 -5.65
CA ILE A 157 19.76 4.48 -5.65
C ILE A 157 21.01 4.03 -6.40
N GLY A 158 21.89 4.97 -6.67
CA GLY A 158 23.07 4.61 -7.42
C GLY A 158 22.78 4.30 -8.86
N ALA A 159 23.64 3.53 -9.48
CA ALA A 159 23.53 3.25 -10.87
C ALA A 159 22.46 2.22 -11.11
N PRO A 160 21.71 2.37 -12.19
CA PRO A 160 20.69 1.39 -12.56
C PRO A 160 21.30 0.13 -13.16
N LEU A 161 20.96 -0.99 -12.56
CA LEU A 161 21.55 -2.26 -12.91
C LEU A 161 20.63 -3.11 -13.77
N VAL A 162 19.37 -3.11 -13.38
CA VAL A 162 18.31 -3.87 -14.00
C VAL A 162 17.03 -3.04 -13.98
N VAL A 163 16.23 -3.13 -15.03
CA VAL A 163 14.92 -2.55 -15.06
C VAL A 163 13.94 -3.67 -15.34
N ARG A 164 12.86 -3.69 -14.57
CA ARG A 164 11.80 -4.65 -14.81
C ARG A 164 10.52 -3.93 -15.08
N ALA A 165 9.86 -4.29 -16.17
CA ALA A 165 8.69 -3.58 -16.57
C ALA A 165 7.59 -4.53 -17.05
N SER A 166 6.36 -4.05 -17.01
CA SER A 166 5.24 -4.77 -17.55
C SER A 166 4.36 -3.85 -18.35
N HIS A 167 3.89 -4.36 -19.47
CA HIS A 167 2.89 -3.72 -20.29
C HIS A 167 1.74 -4.71 -20.43
N ILE A 168 0.72 -4.49 -19.63
CA ILE A 168 -0.40 -5.39 -19.47
C ILE A 168 -1.67 -4.78 -20.09
N ASN A 169 -2.30 -5.54 -20.98
CA ASN A 169 -3.51 -5.10 -21.64
C ASN A 169 -4.55 -6.22 -21.56
N PRO A 170 -5.82 -5.87 -21.41
CA PRO A 170 -6.79 -6.92 -21.12
C PRO A 170 -7.15 -7.84 -22.31
N ASN A 171 -7.32 -7.26 -23.48
CA ASN A 171 -7.65 -8.01 -24.68
CA ASN A 171 -7.64 -8.02 -24.68
C ASN A 171 -7.38 -7.23 -25.94
N VAL A 172 -7.32 -7.92 -27.06
CA VAL A 172 -7.02 -7.25 -28.30
C VAL A 172 -8.07 -7.52 -29.36
N ALA A 173 -8.11 -6.65 -30.34
CA ALA A 173 -9.06 -6.82 -31.39
C ALA A 173 -8.58 -7.87 -32.34
N SER A 174 -9.44 -8.22 -33.28
CA SER A 174 -9.18 -9.20 -34.33
C SER A 174 -7.97 -8.92 -35.19
N ASN A 175 -7.64 -7.67 -35.39
CA ASN A 175 -6.59 -7.35 -36.30
C ASN A 175 -5.21 -7.32 -35.69
N TYR A 176 -5.14 -7.68 -34.41
CA TYR A 176 -3.90 -7.56 -33.68
C TYR A 176 -2.94 -8.70 -33.98
N SER A 177 -1.77 -8.35 -34.46
CA SER A 177 -0.82 -9.31 -34.97
C SER A 177 0.37 -9.53 -34.05
N ASN A 178 1.10 -10.60 -34.26
CA ASN A 178 2.31 -10.83 -33.50
C ASN A 178 3.25 -9.63 -33.56
N GLU A 179 3.35 -9.03 -34.73
CA GLU A 179 4.26 -7.94 -34.93
C GLU A 179 3.79 -6.69 -34.19
N MET A 180 2.50 -6.54 -34.05
CA MET A 180 1.94 -5.44 -33.32
C MET A 180 2.31 -5.47 -31.83
N ALA A 181 2.69 -6.62 -31.32
CA ALA A 181 3.16 -6.68 -29.97
C ALA A 181 4.38 -5.83 -29.78
N ILE A 182 5.15 -5.72 -30.84
CA ILE A 182 6.26 -4.79 -30.90
C ILE A 182 5.80 -3.40 -31.34
N THR A 183 5.24 -3.31 -32.53
CA THR A 183 5.08 -2.00 -33.12
C THR A 183 4.02 -1.17 -32.45
N ASP A 184 3.10 -1.82 -31.79
CA ASP A 184 2.05 -1.08 -31.14
CA ASP A 184 2.05 -1.09 -31.15
C ASP A 184 2.13 -1.03 -29.61
N THR A 185 2.76 -2.02 -29.05
CA THR A 185 2.71 -2.15 -27.62
C THR A 185 4.09 -1.91 -27.01
N LEU A 186 5.02 -2.80 -27.26
CA LEU A 186 6.36 -2.66 -26.74
C LEU A 186 7.07 -1.36 -27.17
N ILE A 187 6.59 -0.77 -28.23
CA ILE A 187 7.21 0.42 -28.80
C ILE A 187 7.31 1.52 -27.76
N HIS A 188 6.37 1.54 -26.86
CA HIS A 188 6.36 2.53 -25.83
C HIS A 188 7.50 2.32 -24.87
N GLU A 189 7.76 1.08 -24.51
CA GLU A 189 8.90 0.79 -23.69
C GLU A 189 10.20 1.00 -24.45
N ILE A 190 10.18 0.68 -25.74
CA ILE A 190 11.35 0.86 -26.57
C ILE A 190 11.79 2.32 -26.59
N ASP A 191 10.85 3.25 -26.66
CA ASP A 191 11.23 4.63 -26.56
C ASP A 191 11.63 5.05 -25.15
N GLU A 192 10.90 4.54 -24.18
CA GLU A 192 10.99 5.01 -22.82
C GLU A 192 12.29 4.68 -22.16
N MET A 193 12.80 3.48 -22.41
CA MET A 193 13.93 3.01 -21.64
C MET A 193 15.25 3.73 -21.86
N HIS A 194 15.58 4.01 -23.10
CA HIS A 194 16.82 4.68 -23.35
C HIS A 194 16.82 6.11 -22.84
N TRP A 195 15.65 6.69 -22.85
CA TRP A 195 15.45 8.01 -22.26
C TRP A 195 15.52 7.97 -20.73
N LEU A 196 14.87 6.98 -20.15
CA LEU A 196 14.91 6.81 -18.72
C LEU A 196 16.32 6.69 -18.19
N LEU A 197 17.11 5.89 -18.89
CA LEU A 197 18.43 5.50 -18.49
C LEU A 197 19.55 6.39 -19.03
N ASP A 198 19.20 7.27 -19.95
CA ASP A 198 20.17 8.05 -20.70
C ASP A 198 21.28 7.14 -21.24
N ASP A 199 20.87 6.12 -21.96
CA ASP A 199 21.79 5.12 -22.43
C ASP A 199 21.38 4.62 -23.79
N GLU A 200 22.18 3.79 -24.38
CA GLU A 200 21.92 3.34 -25.71
C GLU A 200 21.76 1.80 -25.70
N TYR A 201 20.89 1.30 -26.54
CA TYR A 201 20.68 -0.13 -26.65
C TYR A 201 21.77 -0.83 -27.42
N THR A 202 22.09 -2.04 -26.99
CA THR A 202 23.09 -2.85 -27.65
C THR A 202 22.50 -4.15 -28.20
N SER A 203 21.31 -4.52 -27.73
CA SER A 203 20.65 -5.73 -28.17
C SER A 203 19.21 -5.86 -27.66
N ILE A 204 18.45 -6.68 -28.35
CA ILE A 204 17.12 -7.05 -27.96
C ILE A 204 16.85 -8.53 -28.26
N GLN A 205 16.15 -9.20 -27.36
CA GLN A 205 15.77 -10.58 -27.57
C GLN A 205 14.34 -10.78 -27.10
N ILE A 206 13.55 -11.41 -27.94
CA ILE A 206 12.18 -11.70 -27.65
C ILE A 206 12.05 -13.18 -27.42
N THR A 207 11.52 -13.56 -26.27
CA THR A 207 11.22 -14.95 -26.00
C THR A 207 9.74 -15.19 -25.71
N TYR A 208 9.31 -16.43 -25.97
CA TYR A 208 7.94 -16.79 -25.85
C TYR A 208 7.73 -17.85 -24.75
N PRO A 209 7.11 -17.46 -23.63
CA PRO A 209 6.68 -18.44 -22.66
C PRO A 209 5.53 -19.23 -23.24
N ARG A 210 4.93 -20.11 -22.46
CA ARG A 210 3.78 -20.85 -22.96
C ARG A 210 2.68 -19.92 -23.43
N GLN A 211 2.02 -20.32 -24.49
CA GLN A 211 0.93 -19.56 -25.05
C GLN A 211 -0.30 -19.53 -24.15
N SER A 212 -0.85 -18.36 -23.96
CA SER A 212 -2.04 -18.26 -23.19
C SER A 212 -3.23 -18.79 -23.96
N ALA A 213 -4.12 -19.45 -23.25
CA ALA A 213 -5.35 -19.92 -23.86
C ALA A 213 -6.28 -18.83 -24.22
N GLU A 214 -5.99 -17.60 -23.84
CA GLU A 214 -6.88 -16.51 -24.15
C GLU A 214 -6.66 -15.93 -25.53
N VAL A 215 -5.59 -16.32 -26.19
CA VAL A 215 -5.30 -15.80 -27.50
C VAL A 215 -6.30 -16.36 -28.51
N ARG A 216 -6.86 -15.46 -29.31
CA ARG A 216 -7.84 -15.78 -30.34
C ARG A 216 -7.36 -15.35 -31.72
N ASN A 217 -6.13 -14.88 -31.81
CA ASN A 217 -5.62 -14.32 -33.03
C ASN A 217 -4.52 -15.11 -33.69
N GLU A 218 -4.69 -15.41 -34.98
CA GLU A 218 -3.73 -16.20 -35.67
C GLU A 218 -2.36 -15.56 -35.62
N GLY A 219 -1.39 -16.36 -35.25
CA GLY A 219 -0.02 -15.93 -35.24
C GLY A 219 0.48 -15.18 -34.03
N LEU A 220 -0.43 -14.70 -33.22
CA LEU A 220 -0.07 -13.94 -32.04
C LEU A 220 0.45 -14.83 -30.94
N HIS A 221 1.68 -14.58 -30.52
CA HIS A 221 2.19 -15.14 -29.29
C HIS A 221 1.91 -14.17 -28.14
N ASP A 222 1.39 -14.70 -27.05
CA ASP A 222 1.11 -13.91 -25.87
C ASP A 222 1.15 -14.83 -24.68
N PRO A 223 1.92 -14.48 -23.66
CA PRO A 223 2.75 -13.28 -23.57
C PRO A 223 4.06 -13.36 -24.29
N GLN A 224 4.79 -12.25 -24.25
CA GLN A 224 6.14 -12.16 -24.78
C GLN A 224 7.03 -11.56 -23.73
N LEU A 225 8.24 -12.04 -23.69
CA LEU A 225 9.25 -11.44 -22.86
C LEU A 225 10.29 -10.74 -23.72
N ALA A 226 10.55 -9.47 -23.44
CA ALA A 226 11.59 -8.75 -24.14
C ALA A 226 12.76 -8.43 -23.23
N THR A 227 13.96 -8.81 -23.63
CA THR A 227 15.15 -8.42 -22.92
C THR A 227 16.00 -7.49 -23.73
N LEU A 228 16.33 -6.35 -23.16
CA LEU A 228 17.20 -5.40 -23.82
C LEU A 228 18.43 -5.15 -23.02
N THR A 229 19.53 -4.92 -23.70
CA THR A 229 20.75 -4.55 -23.05
C THR A 229 21.18 -3.18 -23.50
N THR A 230 21.86 -2.48 -22.61
CA THR A 230 22.36 -1.17 -22.91
C THR A 230 23.86 -1.15 -22.82
N LYS A 231 24.42 -0.06 -23.32
CA LYS A 231 25.85 0.11 -23.42
C LYS A 231 26.53 0.09 -22.07
N LYS A 232 25.89 0.65 -21.06
CA LYS A 232 26.47 0.55 -19.73
C LYS A 232 26.22 -0.78 -19.04
N GLY A 233 25.40 -1.60 -19.64
CA GLY A 233 25.20 -2.94 -19.15
C GLY A 233 23.90 -3.20 -18.42
N THR A 234 23.07 -2.18 -18.33
CA THR A 234 21.77 -2.35 -17.75
C THR A 234 20.98 -3.34 -18.56
N VAL A 235 20.32 -4.26 -17.88
CA VAL A 235 19.44 -5.17 -18.50
C VAL A 235 17.98 -4.83 -18.20
N ILE A 236 17.19 -4.76 -19.24
CA ILE A 236 15.80 -4.46 -19.14
C ILE A 236 14.96 -5.69 -19.50
N GLN A 237 14.08 -6.08 -18.58
CA GLN A 237 13.19 -7.19 -18.76
C GLN A 237 11.75 -6.70 -18.82
N VAL A 238 11.11 -6.77 -19.99
CA VAL A 238 9.74 -6.31 -20.15
C VAL A 238 8.86 -7.53 -20.38
N LEU A 239 7.78 -7.61 -19.63
CA LEU A 239 6.69 -8.52 -19.86
C LEU A 239 5.62 -7.83 -20.65
N VAL A 240 5.30 -8.37 -21.81
CA VAL A 240 4.22 -7.90 -22.63
C VAL A 240 3.11 -8.95 -22.58
N HIS A 241 1.93 -8.55 -22.14
CA HIS A 241 0.85 -9.48 -21.92
C HIS A 241 -0.44 -8.77 -22.29
N VAL A 242 -0.92 -9.06 -23.50
CA VAL A 242 -1.99 -8.32 -24.11
C VAL A 242 -3.37 -8.99 -24.06
N THR A 243 -3.44 -10.21 -23.56
CA THR A 243 -4.71 -10.89 -23.33
C THR A 243 -4.90 -11.20 -21.84
N ALA A 244 -4.38 -10.31 -21.03
CA ALA A 244 -4.32 -10.47 -19.58
C ALA A 244 -5.62 -10.52 -18.83
N GLN A 245 -6.67 -10.05 -19.49
CA GLN A 245 -8.01 -10.02 -18.96
C GLN A 245 -8.32 -9.00 -17.86
N TYR A 246 -7.47 -8.93 -16.84
CA TYR A 246 -7.87 -8.26 -15.62
C TYR A 246 -7.90 -6.73 -15.71
N GLY A 247 -7.14 -6.19 -16.63
CA GLY A 247 -6.89 -4.79 -16.71
C GLY A 247 -5.78 -4.33 -17.62
N TYR A 248 -5.69 -3.02 -17.76
CA TYR A 248 -4.60 -2.33 -18.42
C TYR A 248 -3.68 -1.76 -17.35
N GLU A 249 -2.42 -2.12 -17.41
CA GLU A 249 -1.47 -1.68 -16.40
C GLU A 249 -0.05 -1.54 -16.92
N VAL A 250 0.59 -0.45 -16.51
CA VAL A 250 1.98 -0.21 -16.79
C VAL A 250 2.79 -0.21 -15.51
N LYS A 251 3.73 -1.14 -15.44
CA LYS A 251 4.57 -1.27 -14.27
C LYS A 251 6.03 -1.01 -14.62
N LEU A 252 6.78 -0.45 -13.69
CA LEU A 252 8.14 -0.09 -13.91
C LEU A 252 8.94 -0.07 -12.61
N GLU A 253 10.04 -0.81 -12.61
CA GLU A 253 10.90 -0.95 -11.48
C GLU A 253 12.35 -0.83 -11.92
N VAL A 254 13.06 0.07 -11.27
CA VAL A 254 14.48 0.22 -11.50
C VAL A 254 15.28 -0.27 -10.30
N ILE A 255 16.16 -1.20 -10.58
CA ILE A 255 17.00 -1.78 -9.57
C ILE A 255 18.35 -1.10 -9.62
N GLY A 256 18.67 -0.41 -8.54
CA GLY A 256 19.91 0.29 -8.42
C GLY A 256 20.89 -0.39 -7.49
N GLU A 257 22.09 0.13 -7.49
CA GLU A 257 23.13 -0.38 -6.65
C GLU A 257 22.78 -0.36 -5.16
N THR A 258 22.06 0.68 -4.75
CA THR A 258 21.85 0.91 -3.34
C THR A 258 20.39 1.03 -2.95
N GLY A 259 19.52 0.85 -3.93
CA GLY A 259 18.12 0.85 -3.70
C GLY A 259 17.33 0.55 -4.96
N GLU A 260 16.01 0.68 -4.83
CA GLU A 260 15.11 0.47 -5.95
C GLU A 260 14.06 1.61 -6.01
N LEU A 261 13.56 1.82 -7.22
CA LEU A 261 12.45 2.71 -7.46
C LEU A 261 11.37 2.03 -8.24
N GLN A 262 10.13 2.26 -7.88
CA GLN A 262 9.04 1.74 -8.69
C GLN A 262 7.84 2.66 -8.79
N LEU A 263 7.07 2.50 -9.84
CA LEU A 263 5.85 3.26 -10.01
C LEU A 263 4.85 2.91 -8.94
N PRO A 264 4.10 3.88 -8.52
CA PRO A 264 3.16 3.66 -7.43
C PRO A 264 1.92 3.03 -7.97
N ASN A 265 1.03 2.65 -7.05
CA ASN A 265 -0.28 2.24 -7.50
C ASN A 265 -0.99 3.37 -8.11
N TYR A 266 -1.58 3.05 -9.23
CA TYR A 266 -2.26 4.02 -10.04
C TYR A 266 -3.75 4.01 -9.69
N GLY A 267 -4.37 5.18 -9.74
CA GLY A 267 -5.79 5.26 -9.61
C GLY A 267 -6.31 6.15 -8.50
N LEU A 268 -7.45 6.75 -8.75
CA LEU A 268 -8.01 7.57 -7.72
C LEU A 268 -9.34 7.06 -7.16
N GLY A 269 -9.80 5.93 -7.65
CA GLY A 269 -11.07 5.33 -7.24
C GLY A 269 -10.95 4.83 -5.83
N PRO A 270 -12.09 4.61 -5.17
CA PRO A 270 -12.03 4.34 -3.75
C PRO A 270 -11.66 2.94 -3.40
N ILE A 271 -11.19 2.79 -2.17
CA ILE A 271 -10.95 1.51 -1.60
C ILE A 271 -12.24 1.02 -0.98
N LEU A 272 -12.69 -0.15 -1.40
CA LEU A 272 -13.92 -0.71 -0.94
C LEU A 272 -13.68 -1.88 -0.06
N ARG A 273 -14.21 -1.81 1.16
CA ARG A 273 -14.27 -2.94 2.03
C ARG A 273 -15.67 -3.50 2.04
N SER A 274 -15.78 -4.72 1.53
CA SER A 274 -17.06 -5.38 1.28
C SER A 274 -16.86 -6.87 1.05
N ASN A 275 -17.76 -7.66 1.62
CA ASN A 275 -17.82 -9.08 1.34
C ASN A 275 -16.48 -9.79 1.48
N ALA A 276 -15.82 -9.56 2.59
CA ALA A 276 -14.58 -10.21 2.95
C ALA A 276 -13.39 -9.90 2.03
N ASN A 277 -13.46 -8.77 1.36
CA ASN A 277 -12.35 -8.30 0.55
C ASN A 277 -12.18 -6.80 0.69
N GLN A 278 -10.97 -6.39 0.41
CA GLN A 278 -10.61 -5.01 0.26
C GLN A 278 -10.15 -4.86 -1.18
N GLN A 279 -10.74 -3.93 -1.91
CA GLN A 279 -10.42 -3.84 -3.33
C GLN A 279 -10.48 -2.46 -3.91
N THR A 280 -9.72 -2.28 -4.98
CA THR A 280 -9.73 -1.07 -5.76
C THR A 280 -9.83 -1.41 -7.21
N ALA A 281 -10.52 -0.57 -7.94
CA ALA A 281 -10.65 -0.78 -9.36
C ALA A 281 -9.33 -0.62 -10.10
N VAL A 282 -9.21 -1.35 -11.18
CA VAL A 282 -8.11 -1.27 -12.10
C VAL A 282 -8.62 -0.68 -13.39
N GLU A 283 -7.83 0.21 -13.96
CA GLU A 283 -8.10 0.77 -15.25
C GLU A 283 -8.24 -0.29 -16.34
N MET A 284 -9.24 -0.15 -17.18
CA MET A 284 -9.38 -1.09 -18.27
C MET A 284 -8.96 -0.57 -19.62
N SER A 285 -8.70 0.72 -19.68
CA SER A 285 -8.48 1.41 -20.94
C SER A 285 -7.14 2.11 -20.99
N TRP A 286 -6.30 1.80 -21.95
CA TRP A 286 -5.09 2.60 -22.13
C TRP A 286 -5.41 4.04 -22.45
N ILE A 287 -6.54 4.25 -23.07
CA ILE A 287 -6.94 5.57 -23.42
C ILE A 287 -7.06 6.42 -22.20
N ASN A 288 -7.73 5.92 -21.18
CA ASN A 288 -7.93 6.69 -20.00
C ASN A 288 -6.64 6.78 -19.21
N ARG A 289 -5.84 5.73 -19.25
CA ARG A 289 -4.59 5.69 -18.49
C ARG A 289 -3.66 6.82 -18.87
N PHE A 290 -3.63 7.16 -20.14
CA PHE A 290 -2.65 8.12 -20.65
C PHE A 290 -3.23 9.47 -21.12
N ILE A 291 -4.44 9.75 -20.70
CA ILE A 291 -5.07 11.01 -20.99
C ILE A 291 -4.21 12.23 -20.64
N GLN A 292 -3.68 12.22 -19.43
CA GLN A 292 -2.86 13.30 -18.98
C GLN A 292 -1.62 13.44 -19.84
N ALA A 293 -1.01 12.33 -20.17
CA ALA A 293 0.23 12.39 -20.90
C ALA A 293 0.03 12.93 -22.31
N TYR A 294 -1.05 12.50 -22.94
CA TYR A 294 -1.37 13.04 -24.23
C TYR A 294 -1.62 14.54 -24.18
N ASN A 295 -2.28 15.00 -23.13
CA ASN A 295 -2.58 16.40 -23.04
C ASN A 295 -1.28 17.19 -22.86
N THR A 296 -0.45 16.72 -21.95
CA THR A 296 0.82 17.36 -21.66
C THR A 296 1.75 17.44 -22.87
N GLU A 297 1.81 16.35 -23.60
CA GLU A 297 2.61 16.23 -24.78
C GLU A 297 2.21 17.25 -25.84
N VAL A 298 0.93 17.32 -26.13
CA VAL A 298 0.43 18.20 -27.13
C VAL A 298 0.49 19.66 -26.74
N GLN A 299 0.24 19.94 -25.48
CA GLN A 299 0.32 21.30 -25.01
C GLN A 299 1.75 21.83 -25.11
N GLU A 300 2.72 20.97 -24.87
CA GLU A 300 4.10 21.43 -24.95
C GLU A 300 4.46 21.73 -26.40
N PHE A 301 4.02 20.88 -27.31
CA PHE A 301 4.31 21.08 -28.71
C PHE A 301 3.73 22.39 -29.18
N ILE A 302 2.48 22.62 -28.84
CA ILE A 302 1.83 23.87 -29.17
C ILE A 302 2.57 25.08 -28.56
N ASP A 303 2.96 24.97 -27.30
CA ASP A 303 3.65 26.02 -26.63
C ASP A 303 4.98 26.34 -27.32
N GLU A 304 5.65 25.32 -27.82
CA GLU A 304 6.87 25.56 -28.54
C GLU A 304 6.63 26.28 -29.86
N VAL A 305 5.64 25.85 -30.59
CA VAL A 305 5.32 26.46 -31.86
C VAL A 305 4.93 27.90 -31.68
N ALA A 306 4.21 28.14 -30.61
CA ALA A 306 3.71 29.45 -30.33
C ALA A 306 4.82 30.47 -30.16
N LYS A 307 5.95 30.03 -29.65
CA LYS A 307 7.05 30.94 -29.49
C LYS A 307 8.15 30.78 -30.58
N SER A 308 7.78 30.06 -31.62
CA SER A 308 8.62 29.82 -32.78
C SER A 308 9.95 29.23 -32.37
N GLU A 309 9.88 28.25 -31.47
CA GLU A 309 11.03 27.50 -31.04
C GLU A 309 10.86 26.01 -31.33
N PRO A 310 11.96 25.32 -31.58
CA PRO A 310 11.85 23.92 -31.89
C PRO A 310 11.22 23.12 -30.76
N PRO A 311 10.55 22.03 -31.09
CA PRO A 311 9.97 21.16 -30.09
C PRO A 311 11.05 20.61 -29.24
N VAL A 312 10.70 20.24 -28.03
CA VAL A 312 11.69 19.70 -27.15
C VAL A 312 11.33 18.30 -26.73
N GLY A 313 10.27 17.77 -27.29
CA GLY A 313 9.86 16.43 -27.00
C GLY A 313 10.58 15.46 -27.89
N PRO A 314 10.16 14.19 -27.85
CA PRO A 314 10.81 13.16 -28.65
C PRO A 314 10.95 13.55 -30.11
N SER A 315 12.14 13.35 -30.63
CA SER A 315 12.48 13.80 -31.95
C SER A 315 12.44 12.72 -33.01
N ALA A 316 12.83 13.12 -34.19
CA ALA A 316 12.93 12.18 -35.27
C ALA A 316 14.03 11.17 -34.96
N TRP A 317 15.08 11.60 -34.30
CA TRP A 317 16.13 10.71 -33.88
C TRP A 317 15.58 9.63 -32.94
N ASP A 318 14.74 10.05 -32.01
CA ASP A 318 14.03 9.11 -31.16
C ASP A 318 13.17 8.19 -31.97
N GLY A 319 12.55 8.71 -33.00
CA GLY A 319 11.76 7.88 -33.89
C GLY A 319 12.61 6.83 -34.61
N TYR A 320 13.81 7.20 -34.94
CA TYR A 320 14.70 6.30 -35.65
C TYR A 320 15.22 5.23 -34.71
N ILE A 321 15.59 5.62 -33.49
CA ILE A 321 16.03 4.65 -32.50
C ILE A 321 14.93 3.64 -32.28
N ALA A 322 13.71 4.09 -32.25
CA ALA A 322 12.58 3.19 -32.05
C ALA A 322 12.38 2.22 -33.21
N ALA A 323 12.56 2.74 -34.41
CA ALA A 323 12.35 1.99 -35.63
C ALA A 323 13.38 0.90 -35.79
N ILE A 324 14.61 1.24 -35.48
CA ILE A 324 15.69 0.30 -35.50
C ILE A 324 15.47 -0.82 -34.48
N THR A 325 15.04 -0.43 -33.29
CA THR A 325 14.90 -1.37 -32.22
C THR A 325 13.70 -2.27 -32.49
N ALA A 326 12.65 -1.69 -33.01
CA ALA A 326 11.47 -2.43 -33.37
C ALA A 326 11.78 -3.46 -34.46
N ALA A 327 12.55 -3.05 -35.42
CA ALA A 327 12.98 -3.94 -36.46
C ALA A 327 13.79 -5.10 -35.90
N ALA A 328 14.68 -4.82 -34.97
CA ALA A 328 15.48 -5.88 -34.37
C ALA A 328 14.60 -6.86 -33.59
N ALA A 329 13.55 -6.34 -32.97
CA ALA A 329 12.65 -7.16 -32.20
C ALA A 329 11.78 -8.03 -33.09
N ASN A 330 11.32 -7.45 -34.17
CA ASN A 330 10.57 -8.21 -35.14
C ASN A 330 11.46 -9.35 -35.71
N ARG A 331 12.74 -9.09 -35.89
CA ARG A 331 13.70 -10.08 -36.34
C ARG A 331 13.82 -11.19 -35.27
N SER A 332 13.94 -10.79 -34.03
CA SER A 332 14.06 -11.71 -32.94
C SER A 332 12.81 -12.53 -32.76
N GLN A 333 11.67 -11.95 -33.08
CA GLN A 333 10.43 -12.70 -32.97
C GLN A 333 10.39 -13.98 -33.80
N LYS A 334 11.23 -14.06 -34.83
CA LYS A 334 11.21 -15.19 -35.74
C LYS A 334 11.77 -16.41 -35.10
N ASP A 335 12.87 -16.29 -34.39
CA ASP A 335 13.54 -17.44 -33.83
C ASP A 335 13.92 -17.34 -32.34
N GLN A 336 13.41 -16.31 -31.70
CA GLN A 336 13.76 -16.03 -30.34
C GLN A 336 15.25 -15.82 -30.04
N GLU A 337 16.01 -15.41 -31.05
CA GLU A 337 17.41 -15.14 -30.84
C GLU A 337 17.71 -13.68 -30.59
N THR A 338 18.78 -13.44 -29.87
CA THR A 338 19.22 -12.10 -29.63
C THR A 338 19.70 -11.40 -30.91
N VAL A 339 19.25 -10.16 -31.09
CA VAL A 339 19.64 -9.36 -32.21
C VAL A 339 20.34 -8.09 -31.73
N LEU A 340 21.53 -7.85 -32.23
CA LEU A 340 22.31 -6.71 -31.83
C LEU A 340 21.78 -5.41 -32.39
N ILE A 341 22.03 -4.35 -31.65
CA ILE A 341 21.66 -3.03 -32.01
C ILE A 341 22.90 -2.17 -31.89
N ASN A 342 23.16 -1.34 -32.89
CA ASN A 342 24.25 -0.41 -32.84
C ASN A 342 23.84 0.93 -33.35
N VAL A 343 23.53 1.81 -32.44
CA VAL A 343 22.92 3.04 -32.84
C VAL A 343 23.97 4.08 -33.00
N ALA A 344 23.92 4.79 -34.11
CA ALA A 344 24.92 5.77 -34.46
C ALA A 344 24.87 6.83 -33.41
N GLY A 345 25.96 7.53 -33.24
CA GLY A 345 25.99 8.53 -32.21
C GLY A 345 25.08 9.66 -32.62
N THR A 346 24.48 10.29 -31.63
CA THR A 346 23.47 11.24 -31.94
C THR A 346 24.08 12.43 -32.66
N PRO A 347 23.46 12.86 -33.76
CA PRO A 347 23.86 14.09 -34.40
C PRO A 347 23.63 15.26 -33.50
N THR A 348 24.57 16.20 -33.53
CA THR A 348 24.55 17.33 -32.62
C THR A 348 23.23 18.14 -32.66
N PHE A 349 22.60 18.15 -33.81
CA PHE A 349 21.31 18.75 -34.11
C PHE A 349 20.20 18.24 -33.18
N TYR A 350 20.38 17.04 -32.65
CA TYR A 350 19.30 16.36 -31.91
C TYR A 350 19.50 16.33 -30.40
N GLN A 351 20.20 17.32 -29.87
CA GLN A 351 20.35 17.48 -28.43
C GLN A 351 19.98 18.86 -27.93
N MET B 13 11.13 -28.97 34.84
CA MET B 13 10.60 -27.69 35.29
C MET B 13 9.27 -27.37 34.59
N VAL B 14 8.76 -28.32 33.82
CA VAL B 14 7.45 -28.23 33.22
C VAL B 14 6.39 -27.68 34.17
N VAL B 15 5.70 -26.63 33.73
CA VAL B 15 4.68 -25.99 34.52
C VAL B 15 3.39 -26.78 34.43
N LYS B 16 2.88 -27.18 35.57
CA LYS B 16 1.71 -28.01 35.65
C LYS B 16 0.50 -27.11 35.88
N VAL B 17 -0.48 -27.24 35.01
CA VAL B 17 -1.57 -26.32 34.92
C VAL B 17 -2.88 -26.98 35.18
N GLY B 18 -3.75 -26.31 35.88
CA GLY B 18 -5.12 -26.71 35.91
C GLY B 18 -5.99 -25.70 35.19
N VAL B 19 -7.00 -26.18 34.49
CA VAL B 19 -7.89 -25.30 33.74
C VAL B 19 -9.28 -25.35 34.25
N ILE B 20 -9.79 -24.18 34.59
CA ILE B 20 -11.10 -23.96 35.15
C ILE B 20 -12.04 -23.31 34.11
N GLY B 21 -12.84 -24.14 33.46
CA GLY B 21 -13.65 -23.69 32.34
C GLY B 21 -13.10 -24.27 31.07
N THR B 22 -13.75 -25.30 30.56
CA THR B 22 -13.28 -26.00 29.38
C THR B 22 -14.27 -25.88 28.21
N GLY B 23 -14.63 -24.63 27.93
CA GLY B 23 -15.48 -24.27 26.83
C GLY B 23 -14.65 -23.93 25.62
N ALA B 24 -15.09 -22.96 24.86
CA ALA B 24 -14.39 -22.66 23.64
C ALA B 24 -12.96 -22.16 23.89
N MET B 25 -12.82 -21.20 24.77
CA MET B 25 -11.51 -20.60 25.00
C MET B 25 -10.65 -21.46 25.92
N GLY B 26 -11.32 -22.19 26.78
CA GLY B 26 -10.66 -23.17 27.63
C GLY B 26 -9.98 -24.24 26.84
N ARG B 27 -10.72 -24.80 25.90
CA ARG B 27 -10.12 -25.77 25.02
C ARG B 27 -9.02 -25.16 24.19
N ALA B 28 -9.21 -23.94 23.73
CA ALA B 28 -8.20 -23.30 22.91
C ALA B 28 -6.91 -23.10 23.69
N HIS B 29 -7.03 -22.71 24.94
CA HIS B 29 -5.88 -22.62 25.81
C HIS B 29 -5.20 -24.01 26.06
N ILE B 30 -6.01 -25.04 26.25
CA ILE B 30 -5.47 -26.36 26.49
C ILE B 30 -4.68 -26.74 25.28
N ASP B 31 -5.27 -26.48 24.12
CA ASP B 31 -4.60 -26.79 22.89
C ASP B 31 -3.27 -26.06 22.79
N ARG B 32 -3.27 -24.78 23.15
CA ARG B 32 -2.03 -24.00 23.11
C ARG B 32 -1.00 -24.65 23.98
N LEU B 33 -1.39 -24.87 25.22
CA LEU B 33 -0.50 -25.44 26.22
C LEU B 33 -0.02 -26.82 25.91
N THR B 34 -0.81 -27.59 25.20
CA THR B 34 -0.45 -28.96 24.93
C THR B 34 0.28 -29.14 23.63
N ASN B 35 -0.18 -28.45 22.62
CA ASN B 35 0.23 -28.77 21.28
C ASN B 35 1.08 -27.72 20.56
N VAL B 36 1.15 -26.52 21.11
CA VAL B 36 1.75 -25.42 20.37
C VAL B 36 2.86 -24.83 21.17
N LEU B 37 2.55 -24.52 22.42
CA LEU B 37 3.51 -23.88 23.27
C LEU B 37 4.42 -24.84 24.04
N THR B 38 5.49 -24.30 24.60
CA THR B 38 6.47 -25.10 25.30
C THR B 38 6.58 -24.82 26.78
N GLY B 39 6.79 -25.88 27.54
CA GLY B 39 7.04 -25.77 28.94
C GLY B 39 5.92 -26.02 29.92
N ALA B 40 4.78 -26.45 29.42
CA ALA B 40 3.65 -26.68 30.29
C ALA B 40 2.92 -27.98 30.00
N GLU B 41 2.08 -28.37 30.92
CA GLU B 41 1.28 -29.56 30.80
C GLU B 41 0.04 -29.37 31.59
N VAL B 42 -1.09 -29.68 30.98
CA VAL B 42 -2.35 -29.64 31.68
C VAL B 42 -2.63 -30.97 32.38
N VAL B 43 -2.70 -30.89 33.69
CA VAL B 43 -2.84 -32.04 34.57
C VAL B 43 -4.12 -32.06 35.36
N ALA B 44 -4.94 -31.05 35.19
CA ALA B 44 -6.22 -30.98 35.84
C ALA B 44 -7.18 -30.08 35.15
N VAL B 45 -8.46 -30.41 35.19
CA VAL B 45 -9.51 -29.57 34.62
C VAL B 45 -10.75 -29.63 35.45
N THR B 46 -11.58 -28.61 35.36
CA THR B 46 -12.90 -28.65 35.93
C THR B 46 -13.85 -27.76 35.17
N ASP B 47 -15.12 -28.09 35.17
CA ASP B 47 -16.15 -27.31 34.51
C ASP B 47 -17.47 -27.67 35.16
N ILE B 48 -18.39 -26.72 35.26
CA ILE B 48 -19.68 -27.03 35.83
C ILE B 48 -20.42 -28.03 34.98
N ASP B 49 -20.01 -28.14 33.72
CA ASP B 49 -20.46 -29.19 32.84
C ASP B 49 -19.40 -30.27 32.83
N HIS B 50 -19.63 -31.28 33.63
CA HIS B 50 -18.63 -32.27 33.87
C HIS B 50 -18.30 -33.02 32.60
N GLU B 51 -19.27 -33.19 31.75
CA GLU B 51 -19.05 -33.90 30.52
C GLU B 51 -18.08 -33.15 29.61
N ALA B 52 -18.12 -31.84 29.68
CA ALA B 52 -17.20 -31.05 28.91
C ALA B 52 -15.75 -31.20 29.42
N ALA B 53 -15.60 -31.32 30.72
CA ALA B 53 -14.28 -31.46 31.27
C ALA B 53 -13.69 -32.78 30.87
N GLU B 54 -14.50 -33.83 30.91
CA GLU B 54 -14.00 -35.14 30.54
C GLU B 54 -13.60 -35.19 29.10
N ALA B 55 -14.39 -34.54 28.27
CA ALA B 55 -14.10 -34.51 26.85
C ALA B 55 -12.81 -33.78 26.54
N ALA B 56 -12.52 -32.74 27.29
CA ALA B 56 -11.26 -32.03 27.13
C ALA B 56 -10.07 -32.92 27.43
N VAL B 57 -10.19 -33.73 28.46
CA VAL B 57 -9.17 -34.71 28.72
C VAL B 57 -9.01 -35.69 27.59
N ARG B 58 -10.12 -36.20 27.10
CA ARG B 58 -10.01 -37.18 26.06
C ARG B 58 -9.49 -36.53 24.82
N ASP B 59 -10.04 -35.36 24.53
CA ASP B 59 -9.82 -34.78 23.24
C ASP B 59 -8.40 -34.37 23.04
N PHE B 60 -7.77 -33.89 24.09
CA PHE B 60 -6.38 -33.47 23.99
C PHE B 60 -5.38 -34.49 24.55
N HIS B 61 -5.89 -35.69 24.85
CA HIS B 61 -5.07 -36.81 25.26
C HIS B 61 -4.28 -36.48 26.49
N LEU B 62 -4.93 -35.82 27.42
CA LEU B 62 -4.28 -35.36 28.62
C LEU B 62 -4.06 -36.44 29.65
N ASN B 63 -2.99 -36.31 30.42
CA ASN B 63 -2.88 -37.09 31.64
C ASN B 63 -3.31 -36.24 32.77
N ALA B 64 -4.61 -36.19 33.00
CA ALA B 64 -5.22 -35.20 33.86
C ALA B 64 -6.40 -35.68 34.67
N LYS B 65 -6.61 -35.04 35.80
CA LYS B 65 -7.66 -35.42 36.68
C LYS B 65 -8.81 -34.47 36.49
N VAL B 66 -10.01 -34.99 36.49
CA VAL B 66 -11.17 -34.15 36.39
C VAL B 66 -11.75 -33.93 37.78
N TYR B 67 -11.93 -32.68 38.14
CA TYR B 67 -12.34 -32.33 39.46
C TYR B 67 -13.74 -31.86 39.41
N PRO B 68 -14.49 -32.06 40.47
CA PRO B 68 -15.89 -31.63 40.48
C PRO B 68 -16.13 -30.12 40.45
N ASP B 69 -15.17 -29.38 40.97
CA ASP B 69 -15.25 -27.93 41.02
C ASP B 69 -13.89 -27.28 41.18
N ASP B 70 -13.89 -25.97 41.25
CA ASP B 70 -12.64 -25.23 41.32
C ASP B 70 -11.92 -25.42 42.64
N THR B 71 -12.70 -25.43 43.71
CA THR B 71 -12.14 -25.62 45.03
C THR B 71 -11.34 -26.88 45.11
N SER B 72 -11.89 -27.96 44.59
CA SER B 72 -11.17 -29.19 44.65
C SER B 72 -9.93 -29.24 43.79
N LEU B 73 -10.00 -28.70 42.59
CA LEU B 73 -8.85 -28.62 41.75
C LEU B 73 -7.77 -27.81 42.44
N LEU B 74 -8.16 -26.77 43.13
CA LEU B 74 -7.21 -25.89 43.74
C LEU B 74 -6.50 -26.50 44.93
N GLN B 75 -7.01 -27.62 45.46
CA GLN B 75 -6.31 -28.31 46.51
C GLN B 75 -5.22 -29.24 46.04
N ASP B 76 -5.07 -29.40 44.74
CA ASP B 76 -4.02 -30.23 44.17
C ASP B 76 -2.68 -29.52 44.33
N PRO B 77 -1.81 -30.09 45.16
CA PRO B 77 -0.50 -29.48 45.37
C PRO B 77 0.43 -29.52 44.18
N ASP B 78 0.17 -30.37 43.22
CA ASP B 78 1.09 -30.45 42.10
C ASP B 78 0.86 -29.37 41.04
N ILE B 79 -0.25 -28.67 41.11
CA ILE B 79 -0.56 -27.63 40.15
C ILE B 79 0.20 -26.38 40.48
N ASP B 80 0.95 -25.88 39.51
CA ASP B 80 1.74 -24.67 39.66
C ASP B 80 0.98 -23.37 39.34
N ALA B 81 -0.06 -23.49 38.50
CA ALA B 81 -0.84 -22.35 37.99
C ALA B 81 -2.23 -22.78 37.52
N VAL B 82 -3.20 -21.92 37.69
CA VAL B 82 -4.51 -22.15 37.12
C VAL B 82 -4.89 -21.18 36.03
N PHE B 83 -5.62 -21.67 35.04
CA PHE B 83 -6.21 -20.84 34.02
C PHE B 83 -7.69 -20.72 34.28
N VAL B 84 -8.17 -19.49 34.44
CA VAL B 84 -9.56 -19.22 34.65
C VAL B 84 -10.27 -18.79 33.36
N VAL B 85 -11.09 -19.69 32.80
CA VAL B 85 -11.64 -19.52 31.49
C VAL B 85 -13.13 -19.87 31.47
N SER B 86 -13.77 -19.55 32.57
CA SER B 86 -15.19 -19.76 32.72
C SER B 86 -15.98 -18.55 32.24
N PHE B 87 -17.29 -18.59 32.35
CA PHE B 87 -18.10 -17.41 32.09
C PHE B 87 -17.52 -16.24 32.90
N GLY B 88 -17.58 -15.04 32.34
CA GLY B 88 -17.03 -13.88 32.98
C GLY B 88 -17.53 -13.63 34.38
N GLY B 89 -18.80 -13.85 34.61
CA GLY B 89 -19.36 -13.64 35.92
C GLY B 89 -18.86 -14.57 37.00
N ALA B 90 -18.14 -15.59 36.62
CA ALA B 90 -17.62 -16.55 37.56
C ALA B 90 -16.18 -16.31 37.90
N HIS B 91 -15.56 -15.37 37.20
CA HIS B 91 -14.15 -15.15 37.40
C HIS B 91 -13.79 -14.68 38.78
N GLU B 92 -14.58 -13.78 39.30
CA GLU B 92 -14.28 -13.15 40.57
C GLU B 92 -14.15 -14.15 41.68
N ALA B 93 -15.15 -14.99 41.83
CA ALA B 93 -15.12 -15.96 42.93
C ALA B 93 -14.00 -16.94 42.79
N THR B 94 -13.71 -17.37 41.58
CA THR B 94 -12.65 -18.33 41.41
C THR B 94 -11.28 -17.72 41.65
N VAL B 95 -11.10 -16.50 41.19
CA VAL B 95 -9.84 -15.84 41.41
C VAL B 95 -9.59 -15.63 42.90
N LEU B 96 -10.61 -15.21 43.61
CA LEU B 96 -10.49 -15.10 45.06
C LEU B 96 -10.15 -16.42 45.75
N LYS B 97 -10.79 -17.50 45.37
CA LYS B 97 -10.40 -18.81 45.88
C LYS B 97 -8.96 -19.15 45.56
N ALA B 98 -8.55 -18.88 44.34
CA ALA B 98 -7.20 -19.21 43.94
C ALA B 98 -6.15 -18.42 44.74
N LEU B 99 -6.52 -17.25 45.19
CA LEU B 99 -5.61 -16.44 45.96
C LEU B 99 -5.48 -16.95 47.36
N ASP B 100 -6.25 -17.95 47.72
CA ASP B 100 -6.00 -18.63 48.98
C ASP B 100 -4.96 -19.71 48.85
N THR B 101 -4.50 -19.94 47.65
CA THR B 101 -3.41 -20.84 47.42
C THR B 101 -2.16 -20.05 47.04
N ASP B 102 -1.08 -20.76 46.76
CA ASP B 102 0.09 -20.04 46.35
C ASP B 102 0.32 -20.08 44.85
N LYS B 103 -0.67 -20.53 44.12
CA LYS B 103 -0.49 -20.79 42.71
C LYS B 103 -0.58 -19.50 41.91
N PHE B 104 0.06 -19.52 40.77
CA PHE B 104 -0.11 -18.47 39.81
C PHE B 104 -1.46 -18.56 39.09
N ILE B 105 -1.95 -17.42 38.66
CA ILE B 105 -3.29 -17.30 38.14
C ILE B 105 -3.34 -16.55 36.82
N PHE B 106 -3.78 -17.22 35.76
CA PHE B 106 -4.08 -16.55 34.51
C PHE B 106 -5.60 -16.57 34.37
N THR B 107 -6.20 -15.40 34.40
CA THR B 107 -7.60 -15.30 34.12
C THR B 107 -7.85 -14.61 32.81
N GLU B 108 -8.78 -15.15 32.05
CA GLU B 108 -9.25 -14.47 30.90
C GLU B 108 -9.97 -13.23 31.35
N LYS B 109 -10.06 -12.27 30.45
CA LYS B 109 -10.85 -11.12 30.74
C LYS B 109 -12.30 -11.50 30.82
N PRO B 110 -13.09 -10.76 31.58
CA PRO B 110 -12.72 -9.66 32.46
C PRO B 110 -12.13 -10.16 33.78
N LEU B 111 -11.46 -9.32 34.53
CA LEU B 111 -10.95 -9.75 35.82
C LEU B 111 -12.15 -10.06 36.71
N ALA B 112 -13.14 -9.20 36.58
CA ALA B 112 -14.40 -9.35 37.23
C ALA B 112 -15.44 -8.57 36.45
N THR B 113 -16.69 -8.96 36.58
CA THR B 113 -17.75 -8.32 35.85
C THR B 113 -18.31 -7.05 36.52
N THR B 114 -17.78 -6.69 37.67
CA THR B 114 -18.13 -5.46 38.35
C THR B 114 -16.86 -4.83 38.86
N LEU B 115 -16.84 -3.53 39.05
CA LEU B 115 -15.61 -2.94 39.48
C LEU B 115 -15.30 -3.27 40.93
N GLU B 116 -16.35 -3.49 41.68
CA GLU B 116 -16.19 -3.78 43.07
C GLU B 116 -15.58 -5.15 43.23
N GLY B 117 -15.97 -6.05 42.34
CA GLY B 117 -15.37 -7.35 42.28
C GLY B 117 -13.89 -7.27 41.99
N ALA B 118 -13.53 -6.39 41.06
CA ALA B 118 -12.15 -6.23 40.70
C ALA B 118 -11.36 -5.70 41.86
N LYS B 119 -11.95 -4.80 42.59
CA LYS B 119 -11.27 -4.24 43.73
C LYS B 119 -11.09 -5.24 44.83
N ARG B 120 -12.04 -6.13 45.02
CA ARG B 120 -11.89 -7.15 46.04
C ARG B 120 -10.72 -7.98 45.70
N ILE B 121 -10.56 -8.26 44.41
CA ILE B 121 -9.42 -9.02 43.96
C ILE B 121 -8.10 -8.31 44.24
N VAL B 122 -8.02 -7.06 43.87
CA VAL B 122 -6.81 -6.30 44.02
C VAL B 122 -6.46 -6.22 45.48
N ASP B 123 -7.46 -5.90 46.28
CA ASP B 123 -7.24 -5.82 47.72
C ASP B 123 -6.68 -7.10 48.31
N LYS B 124 -7.23 -8.23 47.88
CA LYS B 124 -6.75 -9.50 48.35
C LYS B 124 -5.39 -9.80 47.84
N GLU B 125 -5.13 -9.51 46.56
CA GLU B 125 -3.83 -9.80 46.04
C GLU B 125 -2.78 -8.95 46.75
N LEU B 126 -3.14 -7.74 47.09
CA LEU B 126 -2.21 -6.88 47.76
C LEU B 126 -1.76 -7.39 49.09
N THR B 127 -2.45 -8.39 49.62
CA THR B 127 -2.05 -8.96 50.89
C THR B 127 -1.01 -10.02 50.76
N LYS B 128 -0.58 -10.30 49.54
CA LYS B 128 0.28 -11.43 49.30
C LYS B 128 1.73 -10.97 49.15
N SER B 129 2.67 -11.86 49.29
CA SER B 129 4.04 -11.40 49.26
C SER B 129 4.55 -11.13 47.84
N LYS B 130 3.77 -11.53 46.85
CA LYS B 130 4.16 -11.36 45.48
C LYS B 130 2.98 -11.53 44.55
N LYS B 131 3.09 -10.95 43.37
CA LYS B 131 1.98 -10.85 42.47
C LYS B 131 1.88 -12.16 41.71
N VAL B 132 0.67 -12.65 41.53
CA VAL B 132 0.46 -13.90 40.85
C VAL B 132 -0.55 -13.88 39.68
N ILE B 133 -1.31 -12.80 39.55
CA ILE B 133 -2.38 -12.72 38.53
C ILE B 133 -1.94 -12.02 37.23
N GLN B 134 -2.24 -12.66 36.10
CA GLN B 134 -2.18 -12.04 34.80
C GLN B 134 -3.60 -12.09 34.24
N VAL B 135 -4.03 -11.00 33.62
CA VAL B 135 -5.32 -10.95 32.94
C VAL B 135 -5.15 -11.03 31.42
N GLY B 136 -6.02 -11.80 30.77
CA GLY B 136 -5.93 -12.09 29.35
C GLY B 136 -6.23 -11.00 28.32
N PHE B 137 -5.72 -9.82 28.55
CA PHE B 137 -5.78 -8.79 27.56
C PHE B 137 -4.69 -8.95 26.51
N MET B 138 -5.00 -9.70 25.47
CA MET B 138 -4.00 -10.11 24.52
C MET B 138 -3.57 -9.06 23.51
N ARG B 139 -4.29 -7.96 23.42
CA ARG B 139 -3.90 -6.96 22.44
C ARG B 139 -2.47 -6.52 22.64
N ARG B 140 -2.04 -6.50 23.87
CA ARG B 140 -0.71 -6.00 24.15
C ARG B 140 0.40 -6.86 23.56
N TYR B 141 0.05 -8.06 23.14
CA TYR B 141 0.99 -9.02 22.63
C TYR B 141 0.96 -9.20 21.12
N ASP B 142 0.03 -8.52 20.49
CA ASP B 142 -0.05 -8.55 19.05
C ASP B 142 1.14 -7.80 18.50
N GLN B 143 1.81 -8.42 17.56
CA GLN B 143 3.03 -7.87 17.03
C GLN B 143 2.85 -6.50 16.36
N GLY B 144 1.75 -6.35 15.65
CA GLY B 144 1.49 -5.13 14.94
C GLY B 144 1.25 -3.98 15.89
N ILE B 145 0.42 -4.23 16.87
CA ILE B 145 0.13 -3.23 17.86
C ILE B 145 1.38 -2.87 18.69
N ARG B 146 2.13 -3.88 19.08
CA ARG B 146 3.36 -3.63 19.82
C ARG B 146 4.37 -2.82 19.01
N ALA B 147 4.48 -3.16 17.75
CA ALA B 147 5.40 -2.49 16.88
C ALA B 147 5.05 -1.02 16.75
N LEU B 148 3.77 -0.74 16.75
CA LEU B 148 3.30 0.64 16.70
C LEU B 148 3.65 1.40 17.97
N LYS B 149 3.36 0.78 19.09
CA LYS B 149 3.74 1.40 20.36
C LYS B 149 5.23 1.68 20.42
N GLU B 150 6.01 0.70 19.98
CA GLU B 150 7.44 0.85 20.06
C GLU B 150 7.89 2.03 19.25
N LYS B 151 7.35 2.16 18.05
CA LYS B 151 7.75 3.27 17.20
C LYS B 151 7.32 4.58 17.84
N LEU B 152 6.13 4.58 18.43
CA LEU B 152 5.67 5.78 19.10
C LEU B 152 6.66 6.18 20.19
N ASP B 153 7.10 5.19 20.92
CA ASP B 153 7.95 5.46 22.06
C ASP B 153 9.38 5.93 21.72
N THR B 154 9.77 5.87 20.46
CA THR B 154 11.02 6.46 20.02
C THR B 154 10.98 7.96 19.93
N GLY B 155 9.80 8.51 20.00
CA GLY B 155 9.59 9.92 19.91
C GLY B 155 9.54 10.49 18.51
N ILE B 156 9.52 9.64 17.52
CA ILE B 156 9.64 10.10 16.17
C ILE B 156 8.48 10.97 15.63
N ILE B 157 7.31 10.81 16.19
CA ILE B 157 6.18 11.65 15.83
C ILE B 157 5.80 12.63 16.93
N GLY B 158 6.69 12.77 17.90
CA GLY B 158 6.40 13.63 19.01
C GLY B 158 5.34 13.03 19.91
N ALA B 159 4.73 13.88 20.70
CA ALA B 159 3.75 13.48 21.67
C ALA B 159 2.45 13.10 20.94
N PRO B 160 1.77 12.05 21.44
CA PRO B 160 0.49 11.68 20.87
C PRO B 160 -0.66 12.59 21.35
N LEU B 161 -1.38 13.16 20.40
CA LEU B 161 -2.40 14.13 20.68
C LEU B 161 -3.81 13.53 20.50
N VAL B 162 -3.94 12.73 19.48
CA VAL B 162 -5.20 12.08 19.14
C VAL B 162 -4.93 10.63 18.71
N VAL B 163 -5.80 9.74 19.15
CA VAL B 163 -5.79 8.38 18.68
C VAL B 163 -7.15 8.08 18.04
N ARG B 164 -7.11 7.54 16.83
CA ARG B 164 -8.32 7.13 16.14
C ARG B 164 -8.27 5.67 15.90
N ALA B 165 -9.29 4.96 16.33
CA ALA B 165 -9.29 3.52 16.29
C ALA B 165 -10.63 2.99 15.85
N SER B 166 -10.60 1.79 15.29
CA SER B 166 -11.79 1.05 14.94
C SER B 166 -11.71 -0.41 15.44
N HIS B 167 -12.84 -0.89 15.92
CA HIS B 167 -13.03 -2.28 16.24
C HIS B 167 -14.27 -2.70 15.46
N ILE B 168 -14.01 -3.42 14.38
CA ILE B 168 -15.01 -3.81 13.38
C ILE B 168 -15.24 -5.29 13.41
N ASN B 169 -16.49 -5.68 13.43
CA ASN B 169 -16.87 -7.08 13.55
C ASN B 169 -18.05 -7.29 12.59
N PRO B 170 -18.10 -8.43 11.92
CA PRO B 170 -19.07 -8.54 10.85
C PRO B 170 -20.51 -8.70 11.29
N ASN B 171 -20.72 -9.48 12.34
CA ASN B 171 -22.04 -9.79 12.87
CA ASN B 171 -22.03 -9.74 12.90
C ASN B 171 -21.92 -10.37 14.27
N VAL B 172 -23.00 -10.31 15.02
CA VAL B 172 -23.03 -10.84 16.35
C VAL B 172 -24.16 -11.85 16.55
N ALA B 173 -23.95 -12.66 17.56
CA ALA B 173 -24.88 -13.68 17.98
C ALA B 173 -26.00 -13.07 18.78
N SER B 174 -27.06 -13.86 18.94
CA SER B 174 -28.29 -13.38 19.51
C SER B 174 -28.16 -12.93 20.97
N ASN B 175 -27.15 -13.42 21.66
CA ASN B 175 -26.96 -13.03 23.04
C ASN B 175 -26.27 -11.70 23.22
N TYR B 176 -25.89 -11.07 22.13
CA TYR B 176 -25.09 -9.85 22.20
C TYR B 176 -25.95 -8.64 22.56
N SER B 177 -25.66 -8.04 23.70
CA SER B 177 -26.40 -6.93 24.24
C SER B 177 -25.71 -5.60 24.02
N ASN B 178 -26.44 -4.53 24.24
CA ASN B 178 -25.88 -3.21 24.10
C ASN B 178 -24.67 -3.05 24.99
N GLU B 179 -24.73 -3.58 26.19
CA GLU B 179 -23.64 -3.35 27.12
C GLU B 179 -22.38 -4.13 26.73
N MET B 180 -22.57 -5.16 25.93
CA MET B 180 -21.48 -5.97 25.45
C MET B 180 -20.62 -5.22 24.43
N ALA B 181 -21.18 -4.21 23.83
CA ALA B 181 -20.37 -3.36 22.96
C ALA B 181 -19.20 -2.82 23.74
N ILE B 182 -19.40 -2.66 25.04
CA ILE B 182 -18.34 -2.27 25.95
C ILE B 182 -17.59 -3.47 26.51
N THR B 183 -18.35 -4.35 27.16
CA THR B 183 -17.76 -5.42 27.94
C THR B 183 -17.09 -6.57 27.18
N ASP B 184 -17.54 -6.78 25.96
CA ASP B 184 -16.98 -7.81 25.13
C ASP B 184 -16.03 -7.22 24.06
N THR B 185 -16.41 -6.06 23.55
CA THR B 185 -15.76 -5.49 22.39
C THR B 185 -14.78 -4.33 22.69
N LEU B 186 -15.30 -3.20 23.11
CA LEU B 186 -14.46 -2.04 23.46
C LEU B 186 -13.45 -2.30 24.57
N ILE B 187 -13.70 -3.33 25.35
CA ILE B 187 -12.85 -3.63 26.46
C ILE B 187 -11.40 -3.82 26.06
N HIS B 188 -11.19 -4.23 24.84
CA HIS B 188 -9.86 -4.45 24.39
C HIS B 188 -9.13 -3.15 24.16
N GLU B 189 -9.82 -2.22 23.53
CA GLU B 189 -9.32 -0.87 23.41
C GLU B 189 -9.22 -0.15 24.79
N ILE B 190 -10.15 -0.42 25.69
CA ILE B 190 -10.06 0.16 27.01
C ILE B 190 -8.77 -0.26 27.73
N ASP B 191 -8.39 -1.51 27.61
CA ASP B 191 -7.10 -1.88 28.19
C ASP B 191 -5.92 -1.34 27.40
N GLU B 192 -6.06 -1.36 26.09
CA GLU B 192 -4.97 -1.03 25.20
C GLU B 192 -4.48 0.41 25.27
N MET B 193 -5.40 1.36 25.33
CA MET B 193 -5.01 2.74 25.10
C MET B 193 -4.21 3.35 26.23
N HIS B 194 -4.55 3.02 27.46
CA HIS B 194 -3.73 3.52 28.54
C HIS B 194 -2.33 2.99 28.56
N TRP B 195 -2.18 1.77 28.10
CA TRP B 195 -0.89 1.15 27.94
C TRP B 195 -0.12 1.74 26.78
N LEU B 196 -0.80 1.90 25.67
CA LEU B 196 -0.17 2.48 24.51
C LEU B 196 0.44 3.82 24.80
N LEU B 197 -0.31 4.61 25.54
CA LEU B 197 0.02 5.99 25.77
C LEU B 197 0.71 6.28 27.08
N ASP B 198 0.86 5.27 27.90
CA ASP B 198 1.41 5.47 29.22
C ASP B 198 0.70 6.58 29.94
N ASP B 199 -0.61 6.44 30.04
CA ASP B 199 -1.47 7.49 30.51
C ASP B 199 -2.62 6.95 31.33
N GLU B 200 -3.43 7.83 31.85
CA GLU B 200 -4.57 7.44 32.61
C GLU B 200 -5.81 8.15 32.11
N TYR B 201 -6.94 7.47 32.14
CA TYR B 201 -8.16 8.04 31.63
C TYR B 201 -8.81 9.05 32.58
N THR B 202 -9.44 10.06 32.02
CA THR B 202 -10.19 11.01 32.81
C THR B 202 -11.68 11.04 32.53
N SER B 203 -12.10 10.54 31.40
CA SER B 203 -13.52 10.48 31.11
C SER B 203 -13.77 9.55 29.96
N ILE B 204 -15.00 9.10 29.83
CA ILE B 204 -15.43 8.34 28.67
C ILE B 204 -16.83 8.75 28.29
N GLN B 205 -17.08 8.74 27.01
CA GLN B 205 -18.38 9.13 26.48
CA GLN B 205 -18.36 9.12 26.48
C GLN B 205 -18.76 8.28 25.30
N ILE B 206 -19.98 7.78 25.34
CA ILE B 206 -20.51 6.95 24.29
C ILE B 206 -21.63 7.65 23.55
N THR B 207 -21.50 7.73 22.24
CA THR B 207 -22.56 8.29 21.42
C THR B 207 -23.04 7.34 20.39
N TYR B 208 -24.27 7.58 19.99
CA TYR B 208 -24.97 6.74 19.05
C TYR B 208 -25.27 7.48 17.73
N PRO B 209 -24.57 7.13 16.66
CA PRO B 209 -24.95 7.62 15.36
C PRO B 209 -26.22 6.92 14.90
N ARG B 210 -26.66 7.20 13.70
CA ARG B 210 -27.84 6.53 13.23
C ARG B 210 -27.69 5.01 13.34
N GLN B 211 -28.80 4.36 13.65
CA GLN B 211 -28.81 2.95 13.87
C GLN B 211 -28.67 2.23 12.58
N SER B 212 -27.86 1.20 12.58
CA SER B 212 -27.74 0.37 11.41
C SER B 212 -28.95 -0.55 11.19
N ALA B 213 -29.35 -0.66 9.95
CA ALA B 213 -30.40 -1.59 9.57
C ALA B 213 -30.00 -3.06 9.75
N GLU B 214 -28.72 -3.31 9.92
CA GLU B 214 -28.25 -4.68 10.07
C GLU B 214 -28.39 -5.23 11.47
N VAL B 215 -28.78 -4.40 12.41
CA VAL B 215 -28.97 -4.87 13.76
C VAL B 215 -30.21 -5.73 13.90
N ARG B 216 -30.01 -6.92 14.41
CA ARG B 216 -31.10 -7.86 14.69
C ARG B 216 -31.26 -8.15 16.20
N ASN B 217 -30.52 -7.47 17.05
CA ASN B 217 -30.55 -7.69 18.49
C ASN B 217 -31.29 -6.64 19.31
N GLU B 218 -32.16 -7.11 20.21
CA GLU B 218 -32.95 -6.24 21.03
C GLU B 218 -32.11 -5.37 21.89
N GLY B 219 -32.32 -4.07 21.75
CA GLY B 219 -31.67 -3.12 22.59
C GLY B 219 -30.30 -2.68 22.14
N LEU B 220 -29.76 -3.38 21.16
CA LEU B 220 -28.41 -3.09 20.67
C LEU B 220 -28.36 -1.85 19.78
N HIS B 221 -27.54 -0.88 20.19
CA HIS B 221 -27.15 0.22 19.37
C HIS B 221 -25.88 -0.11 18.60
N ASP B 222 -25.92 0.09 17.30
CA ASP B 222 -24.76 -0.12 16.49
C ASP B 222 -24.85 0.78 15.26
N PRO B 223 -23.79 1.50 14.96
CA PRO B 223 -22.52 1.53 15.68
C PRO B 223 -22.52 2.38 16.92
N GLN B 224 -21.41 2.35 17.64
CA GLN B 224 -21.21 3.21 18.76
C GLN B 224 -19.87 3.96 18.67
N LEU B 225 -19.88 5.19 19.12
CA LEU B 225 -18.68 5.96 19.17
C LEU B 225 -18.25 6.19 20.59
N ALA B 226 -17.03 5.78 20.90
CA ALA B 226 -16.49 5.98 22.22
C ALA B 226 -15.40 7.04 22.18
N THR B 227 -15.53 8.01 23.06
CA THR B 227 -14.52 9.03 23.21
C THR B 227 -13.95 9.02 24.59
N LEU B 228 -12.65 8.84 24.65
CA LEU B 228 -11.96 8.85 25.91
C LEU B 228 -10.99 10.01 25.97
N THR B 229 -10.88 10.62 27.14
CA THR B 229 -9.89 11.61 27.39
C THR B 229 -8.87 11.08 28.41
N THR B 230 -7.65 11.59 28.33
CA THR B 230 -6.59 11.21 29.23
C THR B 230 -6.00 12.39 29.99
N LYS B 231 -5.26 12.08 31.02
CA LYS B 231 -4.63 13.07 31.87
C LYS B 231 -3.69 14.01 31.12
N LYS B 232 -2.93 13.47 30.20
CA LYS B 232 -2.03 14.29 29.42
C LYS B 232 -2.75 15.04 28.33
N GLY B 233 -4.01 14.73 28.13
CA GLY B 233 -4.86 15.47 27.22
C GLY B 233 -5.20 14.81 25.89
N THR B 234 -4.66 13.64 25.65
CA THR B 234 -4.92 12.93 24.43
C THR B 234 -6.37 12.53 24.36
N VAL B 235 -6.99 12.76 23.21
CA VAL B 235 -8.31 12.30 22.94
C VAL B 235 -8.32 11.05 22.06
N ILE B 236 -9.04 10.03 22.52
CA ILE B 236 -9.17 8.79 21.85
C ILE B 236 -10.56 8.64 21.30
N GLN B 237 -10.66 8.42 19.99
CA GLN B 237 -11.92 8.20 19.30
C GLN B 237 -11.98 6.78 18.73
N VAL B 238 -12.84 5.94 19.29
CA VAL B 238 -12.98 4.58 18.80
C VAL B 238 -14.33 4.37 18.15
N LEU B 239 -14.32 3.78 16.97
CA LEU B 239 -15.53 3.36 16.33
C LEU B 239 -15.72 1.89 16.61
N VAL B 240 -16.86 1.57 17.22
CA VAL B 240 -17.27 0.23 17.48
C VAL B 240 -18.41 -0.10 16.50
N HIS B 241 -18.18 -1.09 15.65
CA HIS B 241 -19.15 -1.43 14.62
C HIS B 241 -19.20 -2.95 14.49
N VAL B 242 -20.24 -3.53 15.07
CA VAL B 242 -20.31 -4.96 15.25
C VAL B 242 -21.20 -5.72 14.31
N THR B 243 -21.92 -5.00 13.47
CA THR B 243 -22.70 -5.59 12.39
C THR B 243 -22.26 -5.07 11.02
N ALA B 244 -20.95 -4.91 10.89
CA ALA B 244 -20.35 -4.27 9.73
C ALA B 244 -20.37 -5.06 8.44
N GLN B 245 -20.61 -6.35 8.59
CA GLN B 245 -20.75 -7.28 7.48
C GLN B 245 -19.48 -7.69 6.77
N TYR B 246 -18.63 -6.74 6.48
CA TYR B 246 -17.58 -7.04 5.54
C TYR B 246 -16.42 -7.87 6.11
N GLY B 247 -16.22 -7.79 7.40
CA GLY B 247 -15.10 -8.44 8.00
C GLY B 247 -14.84 -8.11 9.42
N TYR B 248 -13.79 -8.68 9.98
CA TYR B 248 -13.30 -8.33 11.31
C TYR B 248 -12.02 -7.53 11.15
N GLU B 249 -11.96 -6.37 11.74
CA GLU B 249 -10.80 -5.52 11.52
C GLU B 249 -10.50 -4.61 12.70
N VAL B 250 -9.24 -4.54 13.06
CA VAL B 250 -8.79 -3.69 14.11
C VAL B 250 -7.85 -2.64 13.53
N LYS B 251 -8.24 -1.38 13.70
CA LYS B 251 -7.51 -0.25 13.13
C LYS B 251 -7.04 0.66 14.23
N LEU B 252 -5.86 1.23 14.05
CA LEU B 252 -5.25 2.07 15.05
C LEU B 252 -4.38 3.13 14.40
N GLU B 253 -4.69 4.40 14.69
CA GLU B 253 -3.93 5.52 14.22
C GLU B 253 -3.59 6.47 15.35
N VAL B 254 -2.32 6.84 15.44
CA VAL B 254 -1.87 7.79 16.41
C VAL B 254 -1.38 9.07 15.72
N ILE B 255 -1.99 10.16 16.12
CA ILE B 255 -1.68 11.47 15.61
C ILE B 255 -0.74 12.19 16.57
N GLY B 256 0.47 12.41 16.11
CA GLY B 256 1.45 13.08 16.90
C GLY B 256 1.73 14.50 16.45
N GLU B 257 2.55 15.16 17.23
CA GLU B 257 2.93 16.51 16.98
C GLU B 257 3.57 16.72 15.62
N THR B 258 4.43 15.77 15.24
CA THR B 258 5.23 15.90 14.03
C THR B 258 5.06 14.79 12.98
N GLY B 259 4.13 13.89 13.24
CA GLY B 259 3.83 12.83 12.32
C GLY B 259 2.69 11.95 12.80
N GLU B 260 2.43 10.89 12.05
CA GLU B 260 1.41 9.91 12.40
C GLU B 260 1.94 8.48 12.29
N LEU B 261 1.30 7.58 13.04
CA LEU B 261 1.54 6.16 12.91
C LEU B 261 0.24 5.39 12.75
N GLN B 262 0.23 4.41 11.88
CA GLN B 262 -0.95 3.57 11.81
C GLN B 262 -0.62 2.12 11.54
N LEU B 263 -1.50 1.24 11.99
CA LEU B 263 -1.33 -0.16 11.69
C LEU B 263 -1.57 -0.39 10.22
N PRO B 264 -0.80 -1.30 9.64
CA PRO B 264 -1.01 -1.66 8.26
C PRO B 264 -2.19 -2.62 8.14
N ASN B 265 -2.55 -3.00 6.94
CA ASN B 265 -3.55 -4.04 6.79
C ASN B 265 -3.02 -5.33 7.34
N TYR B 266 -3.91 -6.04 8.03
CA TYR B 266 -3.60 -7.33 8.55
C TYR B 266 -3.78 -8.37 7.49
N GLY B 267 -2.83 -9.30 7.40
CA GLY B 267 -2.97 -10.44 6.51
C GLY B 267 -1.77 -10.75 5.62
N LEU B 268 -1.55 -12.03 5.34
CA LEU B 268 -0.42 -12.46 4.54
C LEU B 268 -0.79 -13.00 3.20
N GLY B 269 -2.08 -12.97 2.89
CA GLY B 269 -2.61 -13.56 1.68
C GLY B 269 -2.27 -12.72 0.49
N PRO B 270 -2.43 -13.29 -0.68
CA PRO B 270 -1.87 -12.60 -1.81
C PRO B 270 -2.72 -11.45 -2.27
N ILE B 271 -2.08 -10.58 -3.05
CA ILE B 271 -2.77 -9.59 -3.81
C ILE B 271 -3.19 -10.17 -5.14
N LEU B 272 -4.49 -10.09 -5.39
CA LEU B 272 -5.08 -10.59 -6.61
C LEU B 272 -5.50 -9.49 -7.58
N ARG B 273 -5.00 -9.60 -8.80
CA ARG B 273 -5.42 -8.77 -9.88
C ARG B 273 -6.32 -9.63 -10.76
N SER B 274 -7.58 -9.23 -10.84
CA SER B 274 -8.61 -10.04 -11.48
C SER B 274 -9.85 -9.22 -11.65
N ASN B 275 -10.43 -9.29 -12.83
CA ASN B 275 -11.75 -8.78 -13.04
C ASN B 275 -11.91 -7.30 -12.72
N ALA B 276 -10.97 -6.53 -13.24
CA ALA B 276 -10.97 -5.08 -13.11
C ALA B 276 -10.82 -4.60 -11.68
N ASN B 277 -10.27 -5.44 -10.82
CA ASN B 277 -9.96 -5.03 -9.48
C ASN B 277 -8.63 -5.57 -9.01
N GLN B 278 -8.07 -4.90 -8.03
CA GLN B 278 -6.98 -5.42 -7.28
C GLN B 278 -7.52 -5.65 -5.86
N GLN B 279 -7.32 -6.82 -5.32
CA GLN B 279 -7.87 -7.09 -4.02
C GLN B 279 -7.07 -8.00 -3.10
N THR B 280 -7.32 -7.83 -1.82
CA THR B 280 -6.86 -8.73 -0.81
C THR B 280 -8.01 -9.17 0.07
N ALA B 281 -7.84 -10.31 0.69
CA ALA B 281 -8.86 -10.82 1.55
C ALA B 281 -8.89 -10.12 2.88
N VAL B 282 -10.07 -10.03 3.48
CA VAL B 282 -10.22 -9.52 4.83
C VAL B 282 -10.58 -10.67 5.75
N GLU B 283 -9.94 -10.72 6.90
CA GLU B 283 -10.27 -11.67 7.93
C GLU B 283 -11.71 -11.55 8.37
N MET B 284 -12.36 -12.68 8.57
CA MET B 284 -13.71 -12.66 9.09
C MET B 284 -13.83 -13.12 10.53
N SER B 285 -12.72 -13.61 11.08
CA SER B 285 -12.69 -14.20 12.40
C SER B 285 -11.73 -13.49 13.34
N TRP B 286 -12.23 -13.00 14.47
CA TRP B 286 -11.33 -12.49 15.49
C TRP B 286 -10.44 -13.56 16.04
N ILE B 287 -10.93 -14.77 16.05
CA ILE B 287 -10.11 -15.88 16.46
C ILE B 287 -8.85 -15.97 15.65
N ASN B 288 -8.99 -15.95 14.35
CA ASN B 288 -7.86 -16.06 13.52
C ASN B 288 -6.95 -14.84 13.65
N ARG B 289 -7.55 -13.68 13.80
CA ARG B 289 -6.80 -12.44 13.83
C ARG B 289 -5.76 -12.41 14.95
N PHE B 290 -6.08 -13.04 16.05
CA PHE B 290 -5.28 -12.89 17.24
C PHE B 290 -4.60 -14.20 17.73
N ILE B 291 -4.50 -15.17 16.84
CA ILE B 291 -3.79 -16.39 17.14
C ILE B 291 -2.44 -16.12 17.78
N GLN B 292 -1.68 -15.28 17.12
CA GLN B 292 -0.34 -15.01 17.55
C GLN B 292 -0.33 -14.40 18.94
N ALA B 293 -1.20 -13.43 19.15
CA ALA B 293 -1.19 -12.75 20.42
C ALA B 293 -1.50 -13.69 21.58
N TYR B 294 -2.45 -14.57 21.37
CA TYR B 294 -2.83 -15.54 22.39
C TYR B 294 -1.66 -16.48 22.70
N ASN B 295 -0.91 -16.85 21.68
CA ASN B 295 0.21 -17.74 21.88
C ASN B 295 1.29 -17.04 22.64
N THR B 296 1.56 -15.80 22.27
CA THR B 296 2.65 -15.09 22.89
C THR B 296 2.35 -14.75 24.32
N GLU B 297 1.13 -14.31 24.53
CA GLU B 297 0.65 -13.98 25.83
C GLU B 297 0.80 -15.17 26.78
N VAL B 298 0.38 -16.33 26.33
CA VAL B 298 0.36 -17.47 27.20
C VAL B 298 1.74 -18.03 27.44
N GLN B 299 2.55 -18.03 26.41
CA GLN B 299 3.91 -18.47 26.55
C GLN B 299 4.69 -17.62 27.55
N GLU B 300 4.45 -16.31 27.55
CA GLU B 300 5.05 -15.44 28.54
C GLU B 300 4.65 -15.83 29.96
N PHE B 301 3.38 -16.04 30.16
CA PHE B 301 2.90 -16.39 31.47
C PHE B 301 3.53 -17.68 31.94
N ILE B 302 3.59 -18.66 31.06
CA ILE B 302 4.18 -19.94 31.40
C ILE B 302 5.64 -19.72 31.72
N ASP B 303 6.32 -18.95 30.88
CA ASP B 303 7.71 -18.68 31.13
C ASP B 303 7.99 -18.04 32.48
N GLU B 304 7.12 -17.17 32.96
CA GLU B 304 7.33 -16.54 34.24
C GLU B 304 7.06 -17.51 35.38
N VAL B 305 6.06 -18.36 35.23
CA VAL B 305 5.83 -19.39 36.23
C VAL B 305 6.98 -20.36 36.35
N ALA B 306 7.59 -20.66 35.22
CA ALA B 306 8.68 -21.59 35.21
C ALA B 306 9.84 -21.10 36.05
N LYS B 307 9.93 -19.80 36.22
CA LYS B 307 10.96 -19.17 37.03
C LYS B 307 10.48 -18.75 38.40
N SER B 308 9.28 -19.15 38.76
CA SER B 308 8.64 -18.69 39.93
C SER B 308 8.78 -17.17 40.08
N GLU B 309 8.70 -16.43 38.99
CA GLU B 309 8.65 -14.98 39.03
C GLU B 309 7.26 -14.47 38.70
N PRO B 310 6.87 -13.33 39.23
CA PRO B 310 5.56 -12.78 38.96
C PRO B 310 5.34 -12.58 37.47
N PRO B 311 4.10 -12.73 37.03
CA PRO B 311 3.76 -12.36 35.66
C PRO B 311 4.16 -10.93 35.37
N VAL B 312 4.45 -10.65 34.12
CA VAL B 312 4.70 -9.31 33.72
C VAL B 312 3.66 -8.75 32.75
N GLY B 313 2.65 -9.52 32.42
CA GLY B 313 1.58 -9.04 31.57
C GLY B 313 0.60 -8.25 32.37
N PRO B 314 -0.53 -7.90 31.74
CA PRO B 314 -1.58 -7.11 32.35
C PRO B 314 -1.99 -7.71 33.65
N SER B 315 -2.15 -6.88 34.64
CA SER B 315 -2.31 -7.33 35.97
C SER B 315 -3.70 -7.13 36.49
N ALA B 316 -3.89 -7.53 37.74
CA ALA B 316 -5.14 -7.28 38.38
C ALA B 316 -5.48 -5.79 38.45
N TRP B 317 -4.47 -4.96 38.61
CA TRP B 317 -4.67 -3.52 38.57
C TRP B 317 -5.19 -3.07 37.18
N ASP B 318 -4.59 -3.58 36.13
CA ASP B 318 -5.10 -3.35 34.81
C ASP B 318 -6.58 -3.83 34.67
N GLY B 319 -6.85 -4.96 35.27
CA GLY B 319 -8.20 -5.44 35.28
C GLY B 319 -9.12 -4.48 35.96
N TYR B 320 -8.59 -3.86 37.00
CA TYR B 320 -9.35 -2.88 37.74
C TYR B 320 -9.63 -1.63 36.90
N ILE B 321 -8.61 -1.15 36.23
CA ILE B 321 -8.78 0.04 35.41
C ILE B 321 -9.80 -0.22 34.31
N ALA B 322 -9.72 -1.40 33.75
CA ALA B 322 -10.68 -1.80 32.75
C ALA B 322 -12.10 -1.83 33.28
N ALA B 323 -12.26 -2.38 34.47
CA ALA B 323 -13.57 -2.51 35.02
C ALA B 323 -14.21 -1.18 35.34
N ILE B 324 -13.41 -0.27 35.87
CA ILE B 324 -13.91 1.04 36.18
C ILE B 324 -14.33 1.81 34.95
N THR B 325 -13.49 1.73 33.92
CA THR B 325 -13.73 2.40 32.67
C THR B 325 -14.95 1.80 31.96
N ALA B 326 -15.04 0.47 31.99
CA ALA B 326 -16.19 -0.21 31.43
C ALA B 326 -17.50 0.15 32.12
N ALA B 327 -17.46 0.28 33.42
CA ALA B 327 -18.62 0.68 34.16
C ALA B 327 -19.06 2.10 33.79
N ALA B 328 -18.08 2.97 33.65
CA ALA B 328 -18.37 4.32 33.27
C ALA B 328 -18.98 4.38 31.89
N ALA B 329 -18.48 3.57 30.98
CA ALA B 329 -19.05 3.52 29.66
C ALA B 329 -20.47 3.01 29.66
N ASN B 330 -20.73 1.98 30.45
CA ASN B 330 -22.08 1.45 30.51
C ASN B 330 -22.99 2.51 31.09
N ARG B 331 -22.44 3.33 31.98
CA ARG B 331 -23.20 4.42 32.54
C ARG B 331 -23.48 5.45 31.45
N SER B 332 -22.48 5.75 30.64
CA SER B 332 -22.64 6.68 29.56
C SER B 332 -23.65 6.21 28.52
N GLN B 333 -23.69 4.91 28.28
CA GLN B 333 -24.61 4.34 27.32
C GLN B 333 -26.08 4.65 27.61
N LYS B 334 -26.38 4.98 28.84
CA LYS B 334 -27.77 5.27 29.20
C LYS B 334 -28.28 6.55 28.64
N ASP B 335 -27.42 7.55 28.52
CA ASP B 335 -27.83 8.86 28.09
C ASP B 335 -26.88 9.62 27.17
N GLN B 336 -25.83 8.95 26.77
CA GLN B 336 -24.85 9.52 25.87
C GLN B 336 -24.08 10.70 26.45
N GLU B 337 -24.05 10.76 27.75
CA GLU B 337 -23.35 11.78 28.46
C GLU B 337 -22.00 11.34 28.94
N THR B 338 -21.13 12.31 29.10
CA THR B 338 -19.79 12.07 29.56
C THR B 338 -19.76 11.61 31.02
N VAL B 339 -18.95 10.60 31.28
CA VAL B 339 -18.74 10.11 32.60
C VAL B 339 -17.26 10.20 33.01
N LEU B 340 -17.00 10.86 34.13
CA LEU B 340 -15.68 11.01 34.64
C LEU B 340 -15.04 9.73 35.16
N ILE B 341 -13.75 9.64 34.96
CA ILE B 341 -12.97 8.56 35.44
C ILE B 341 -11.81 9.10 36.26
N ASN B 342 -11.68 8.62 37.48
CA ASN B 342 -10.61 9.00 38.37
C ASN B 342 -10.04 7.77 38.98
N VAL B 343 -8.99 7.24 38.39
CA VAL B 343 -8.44 6.01 38.86
C VAL B 343 -7.45 6.33 39.93
N ALA B 344 -7.49 5.56 41.00
CA ALA B 344 -6.50 5.66 42.06
C ALA B 344 -5.08 5.49 41.59
N GLY B 345 -4.15 5.98 42.37
CA GLY B 345 -2.77 5.84 42.01
C GLY B 345 -2.32 4.41 42.13
N THR B 346 -1.49 3.97 41.21
CA THR B 346 -1.05 2.61 41.18
C THR B 346 -0.28 2.29 42.47
N PRO B 347 -0.69 1.27 43.21
CA PRO B 347 0.01 0.80 44.39
C PRO B 347 1.36 0.35 43.99
N THR B 348 2.36 0.44 44.86
CA THR B 348 3.71 0.08 44.45
C THR B 348 3.87 -1.41 44.13
N PHE B 349 3.08 -2.24 44.78
CA PHE B 349 2.94 -3.66 44.44
C PHE B 349 2.74 -3.86 42.94
N TYR B 350 2.04 -2.93 42.30
CA TYR B 350 1.70 -3.06 40.91
C TYR B 350 2.55 -2.18 39.98
N GLN B 351 3.56 -1.54 40.52
CA GLN B 351 4.40 -0.67 39.71
C GLN B 351 5.60 -1.41 39.11
N MET C 13 5.29 -38.48 22.78
CA MET C 13 6.55 -38.73 23.48
C MET C 13 7.57 -37.70 23.05
N VAL C 14 8.55 -37.42 23.87
CA VAL C 14 9.56 -36.42 23.55
C VAL C 14 10.59 -36.99 22.58
N VAL C 15 10.83 -36.25 21.51
CA VAL C 15 11.79 -36.66 20.51
C VAL C 15 13.18 -36.25 20.93
N LYS C 16 14.04 -37.23 21.09
CA LYS C 16 15.37 -36.95 21.51
C LYS C 16 16.29 -36.73 20.33
N VAL C 17 16.95 -35.58 20.33
CA VAL C 17 17.67 -35.14 19.16
C VAL C 17 19.17 -35.02 19.37
N GLY C 18 19.92 -35.43 18.36
CA GLY C 18 21.31 -35.12 18.28
C GLY C 18 21.58 -34.11 17.16
N VAL C 19 22.45 -33.18 17.43
CA VAL C 19 22.78 -32.14 16.49
C VAL C 19 24.25 -32.21 16.10
N ILE C 20 24.47 -32.25 14.79
CA ILE C 20 25.78 -32.36 14.20
C ILE C 20 26.07 -31.05 13.49
N GLY C 21 26.97 -30.28 14.07
CA GLY C 21 27.28 -28.97 13.59
C GLY C 21 26.60 -27.94 14.48
N THR C 22 27.37 -27.34 15.37
CA THR C 22 26.83 -26.37 16.29
C THR C 22 27.37 -24.97 16.04
N GLY C 23 27.21 -24.52 14.81
CA GLY C 23 27.53 -23.17 14.43
C GLY C 23 26.29 -22.30 14.47
N ALA C 24 26.19 -21.35 13.55
CA ALA C 24 25.13 -20.36 13.63
C ALA C 24 23.75 -21.01 13.52
N MET C 25 23.54 -21.76 12.46
CA MET C 25 22.26 -22.41 12.23
C MET C 25 22.01 -23.60 13.13
N GLY C 26 23.08 -24.32 13.48
CA GLY C 26 22.92 -25.38 14.44
C GLY C 26 22.44 -24.87 15.80
N ARG C 27 23.05 -23.79 16.26
CA ARG C 27 22.61 -23.18 17.50
C ARG C 27 21.21 -22.62 17.37
N ALA C 28 20.86 -22.12 16.20
CA ALA C 28 19.52 -21.61 16.01
C ALA C 28 18.49 -22.75 16.09
N HIS C 29 18.85 -23.90 15.56
CA HIS C 29 17.97 -25.03 15.62
C HIS C 29 17.88 -25.58 17.04
N ILE C 30 19.00 -25.59 17.74
CA ILE C 30 19.01 -26.02 19.13
C ILE C 30 18.11 -25.13 19.95
N ASP C 31 18.21 -23.82 19.71
CA ASP C 31 17.36 -22.86 20.38
C ASP C 31 15.88 -23.13 20.09
N ARG C 32 15.53 -23.37 18.83
CA ARG C 32 14.16 -23.72 18.45
C ARG C 32 13.65 -24.88 19.27
N LEU C 33 14.46 -25.92 19.27
CA LEU C 33 14.05 -27.20 19.79
C LEU C 33 13.94 -27.16 21.30
N THR C 34 14.77 -26.33 21.91
CA THR C 34 14.84 -26.20 23.35
C THR C 34 13.87 -25.19 23.95
N ASN C 35 13.75 -24.04 23.31
CA ASN C 35 13.11 -22.90 23.91
C ASN C 35 11.86 -22.39 23.24
N VAL C 36 11.58 -22.89 22.05
CA VAL C 36 10.50 -22.36 21.23
C VAL C 36 9.48 -23.38 20.86
N LEU C 37 9.93 -24.51 20.35
CA LEU C 37 9.03 -25.51 19.85
C LEU C 37 8.72 -26.56 20.91
N THR C 38 7.73 -27.38 20.63
CA THR C 38 7.27 -28.37 21.58
C THR C 38 7.63 -29.78 21.15
N GLY C 39 7.94 -30.59 22.14
CA GLY C 39 8.12 -32.00 21.92
C GLY C 39 9.48 -32.56 21.61
N ALA C 40 10.52 -31.80 21.85
CA ALA C 40 11.85 -32.29 21.56
C ALA C 40 12.81 -31.88 22.61
N GLU C 41 13.90 -32.62 22.68
CA GLU C 41 15.00 -32.35 23.56
C GLU C 41 16.30 -32.67 22.85
N VAL C 42 17.24 -31.76 22.91
CA VAL C 42 18.57 -32.02 22.39
C VAL C 42 19.41 -32.71 23.46
N VAL C 43 19.81 -33.94 23.15
CA VAL C 43 20.51 -34.76 24.10
C VAL C 43 21.94 -35.14 23.72
N ALA C 44 22.34 -34.73 22.54
CA ALA C 44 23.68 -34.98 22.04
C ALA C 44 24.09 -33.94 21.01
N VAL C 45 25.36 -33.55 21.06
CA VAL C 45 25.94 -32.66 20.07
C VAL C 45 27.34 -33.06 19.66
N THR C 46 27.72 -32.62 18.47
CA THR C 46 29.07 -32.74 18.00
C THR C 46 29.39 -31.65 17.00
N ASP C 47 30.66 -31.24 16.99
CA ASP C 47 31.17 -30.29 16.03
C ASP C 47 32.67 -30.50 15.92
N ILE C 48 33.22 -30.33 14.73
CA ILE C 48 34.64 -30.49 14.58
C ILE C 48 35.43 -29.54 15.46
N ASP C 49 34.81 -28.41 15.80
CA ASP C 49 35.28 -27.53 16.86
C ASP C 49 34.61 -27.96 18.14
N HIS C 50 35.31 -28.76 18.90
CA HIS C 50 34.77 -29.33 20.10
C HIS C 50 34.36 -28.27 21.11
N GLU C 51 35.09 -27.19 21.13
CA GLU C 51 34.78 -26.10 22.04
C GLU C 51 33.45 -25.43 21.72
N ALA C 52 33.13 -25.37 20.44
CA ALA C 52 31.83 -24.84 20.01
C ALA C 52 30.70 -25.71 20.50
N ALA C 53 30.91 -27.01 20.47
CA ALA C 53 29.91 -27.96 20.90
C ALA C 53 29.69 -27.88 22.41
N GLU C 54 30.78 -27.74 23.14
CA GLU C 54 30.69 -27.58 24.58
C GLU C 54 29.99 -26.28 24.91
N ALA C 55 30.31 -25.24 24.14
CA ALA C 55 29.71 -23.95 24.34
C ALA C 55 28.21 -23.99 24.10
N ALA C 56 27.78 -24.76 23.11
CA ALA C 56 26.38 -24.89 22.83
C ALA C 56 25.68 -25.54 24.00
N VAL C 57 26.30 -26.55 24.60
CA VAL C 57 25.71 -27.18 25.78
C VAL C 57 25.54 -26.21 26.96
N ARG C 58 26.60 -25.47 27.26
CA ARG C 58 26.57 -24.44 28.28
C ARG C 58 25.51 -23.36 27.97
N ASP C 59 25.59 -22.79 26.79
CA ASP C 59 24.75 -21.64 26.42
C ASP C 59 23.27 -21.93 26.41
N PHE C 60 22.89 -23.16 26.06
CA PHE C 60 21.50 -23.53 26.00
C PHE C 60 21.02 -24.41 27.16
N HIS C 61 21.90 -24.59 28.15
CA HIS C 61 21.59 -25.34 29.34
C HIS C 61 21.11 -26.76 29.06
N LEU C 62 21.82 -27.43 28.16
CA LEU C 62 21.44 -28.73 27.75
C LEU C 62 21.96 -29.82 28.68
N ASN C 63 21.15 -30.87 28.76
CA ASN C 63 21.50 -32.11 29.39
C ASN C 63 21.87 -33.01 28.25
N ALA C 64 23.05 -32.78 27.73
CA ALA C 64 23.46 -33.37 26.47
C ALA C 64 24.86 -33.91 26.54
N LYS C 65 25.11 -34.94 25.78
CA LYS C 65 26.45 -35.45 25.63
C LYS C 65 27.17 -34.85 24.44
N VAL C 66 28.42 -34.47 24.66
CA VAL C 66 29.30 -34.02 23.61
C VAL C 66 30.13 -35.19 23.03
N TYR C 67 29.89 -35.47 21.78
CA TYR C 67 30.65 -36.49 21.08
C TYR C 67 31.69 -35.85 20.19
N PRO C 68 32.78 -36.56 19.93
CA PRO C 68 33.86 -35.92 19.20
C PRO C 68 33.66 -35.92 17.68
N ASP C 69 32.77 -36.78 17.19
CA ASP C 69 32.43 -36.83 15.78
C ASP C 69 31.03 -37.37 15.51
N ASP C 70 30.64 -37.33 14.25
CA ASP C 70 29.35 -37.82 13.87
C ASP C 70 29.17 -39.33 14.08
N THR C 71 30.19 -40.09 13.76
CA THR C 71 30.15 -41.50 13.93
C THR C 71 29.80 -41.89 15.34
N SER C 72 30.48 -41.30 16.30
CA SER C 72 30.19 -41.62 17.67
CA SER C 72 30.22 -41.54 17.71
C SER C 72 28.82 -41.16 18.13
N LEU C 73 28.38 -39.99 17.70
CA LEU C 73 27.05 -39.54 18.07
C LEU C 73 25.98 -40.48 17.53
N LEU C 74 26.21 -40.96 16.33
CA LEU C 74 25.24 -41.78 15.68
C LEU C 74 25.10 -43.17 16.31
N GLN C 75 26.03 -43.54 17.15
CA GLN C 75 25.87 -44.81 17.85
C GLN C 75 25.17 -44.71 19.19
N ASP C 76 24.71 -43.53 19.55
CA ASP C 76 23.93 -43.35 20.75
C ASP C 76 22.51 -43.89 20.52
N PRO C 77 22.13 -44.98 21.18
CA PRO C 77 20.82 -45.52 20.80
C PRO C 77 19.66 -44.67 21.29
N ASP C 78 19.89 -43.76 22.21
CA ASP C 78 18.81 -42.98 22.75
C ASP C 78 18.30 -41.89 21.80
N ILE C 79 19.11 -41.54 20.85
CA ILE C 79 18.71 -40.54 19.89
C ILE C 79 17.65 -41.01 18.90
N ASP C 80 16.59 -40.23 18.77
CA ASP C 80 15.54 -40.53 17.83
C ASP C 80 15.76 -39.94 16.45
N ALA C 81 16.42 -38.78 16.40
CA ALA C 81 16.64 -38.07 15.16
C ALA C 81 17.88 -37.23 15.24
N VAL C 82 18.49 -37.00 14.10
CA VAL C 82 19.62 -36.13 14.02
C VAL C 82 19.33 -34.94 13.12
N PHE C 83 19.88 -33.81 13.52
CA PHE C 83 19.91 -32.66 12.68
C PHE C 83 21.32 -32.48 12.13
N VAL C 84 21.40 -32.40 10.83
CA VAL C 84 22.65 -32.19 10.17
C VAL C 84 22.82 -30.72 9.74
N VAL C 85 23.69 -30.01 10.43
CA VAL C 85 23.84 -28.58 10.24
C VAL C 85 25.30 -28.16 10.16
N SER C 86 26.10 -29.03 9.55
CA SER C 86 27.50 -28.73 9.31
C SER C 86 27.66 -27.98 8.01
N PHE C 87 28.89 -27.81 7.57
CA PHE C 87 29.17 -27.27 6.26
C PHE C 87 28.41 -28.07 5.22
N GLY C 88 27.94 -27.41 4.18
CA GLY C 88 27.20 -28.09 3.15
C GLY C 88 27.90 -29.32 2.60
N GLY C 89 29.19 -29.16 2.35
CA GLY C 89 30.04 -30.21 1.83
C GLY C 89 30.16 -31.44 2.70
N ALA C 90 29.76 -31.31 3.95
CA ALA C 90 29.85 -32.39 4.88
C ALA C 90 28.55 -33.13 5.03
N HIS C 91 27.49 -32.58 4.47
CA HIS C 91 26.20 -33.21 4.63
C HIS C 91 26.13 -34.64 4.10
N GLU C 92 26.69 -34.84 2.91
CA GLU C 92 26.51 -36.11 2.22
C GLU C 92 26.99 -37.31 3.03
N ALA C 93 28.19 -37.21 3.55
CA ALA C 93 28.77 -38.34 4.22
C ALA C 93 28.09 -38.60 5.55
N THR C 94 27.65 -37.54 6.19
CA THR C 94 27.00 -37.68 7.44
C THR C 94 25.61 -38.27 7.23
N VAL C 95 24.90 -37.82 6.20
CA VAL C 95 23.58 -38.36 5.95
C VAL C 95 23.63 -39.86 5.58
N LEU C 96 24.62 -40.24 4.81
CA LEU C 96 24.84 -41.63 4.48
C LEU C 96 25.14 -42.49 5.70
N LYS C 97 25.95 -41.98 6.60
CA LYS C 97 26.16 -42.66 7.86
C LYS C 97 24.90 -42.83 8.65
N ALA C 98 24.12 -41.77 8.69
CA ALA C 98 22.90 -41.82 9.47
C ALA C 98 21.87 -42.80 8.91
N LEU C 99 21.95 -43.05 7.63
CA LEU C 99 21.05 -43.97 6.97
C LEU C 99 21.34 -45.43 7.34
N ASP C 100 22.51 -45.68 7.89
CA ASP C 100 22.83 -47.00 8.41
C ASP C 100 22.19 -47.19 9.79
N THR C 101 21.61 -46.14 10.34
CA THR C 101 20.95 -46.23 11.63
C THR C 101 19.46 -46.18 11.43
N ASP C 102 18.73 -46.27 12.52
CA ASP C 102 17.30 -46.23 12.42
C ASP C 102 16.77 -44.81 12.53
N LYS C 103 17.65 -43.85 12.69
CA LYS C 103 17.27 -42.53 13.14
C LYS C 103 16.65 -41.71 12.02
N PHE C 104 15.72 -40.84 12.39
CA PHE C 104 15.21 -39.86 11.45
C PHE C 104 16.25 -38.76 11.23
N ILE C 105 16.19 -38.12 10.07
CA ILE C 105 17.24 -37.23 9.64
C ILE C 105 16.66 -35.91 9.11
N PHE C 106 16.96 -34.81 9.80
CA PHE C 106 16.74 -33.49 9.28
C PHE C 106 18.09 -32.92 8.88
N THR C 107 18.27 -32.70 7.59
CA THR C 107 19.46 -32.05 7.12
C THR C 107 19.15 -30.68 6.57
N GLU C 108 19.96 -29.70 6.97
CA GLU C 108 19.86 -28.42 6.32
C GLU C 108 20.23 -28.55 4.88
N LYS C 109 19.79 -27.61 4.08
CA LYS C 109 20.19 -27.61 2.69
C LYS C 109 21.66 -27.31 2.67
N PRO C 110 22.35 -27.81 1.65
CA PRO C 110 21.91 -28.70 0.61
C PRO C 110 21.91 -30.16 1.07
N LEU C 111 21.20 -31.02 0.35
CA LEU C 111 21.29 -32.44 0.64
C LEU C 111 22.72 -32.94 0.45
N ALA C 112 23.32 -32.44 -0.61
CA ALA C 112 24.67 -32.71 -0.92
C ALA C 112 25.10 -31.64 -1.87
N THR C 113 26.40 -31.45 -1.99
CA THR C 113 26.96 -30.43 -2.83
C THR C 113 27.22 -30.88 -4.27
N THR C 114 26.99 -32.13 -4.56
CA THR C 114 26.99 -32.58 -5.94
C THR C 114 25.76 -33.39 -6.21
N LEU C 115 25.33 -33.43 -7.47
CA LEU C 115 24.16 -34.18 -7.84
C LEU C 115 24.44 -35.66 -7.73
N GLU C 116 25.68 -36.05 -7.92
CA GLU C 116 26.04 -37.42 -7.67
C GLU C 116 25.93 -37.87 -6.23
N GLY C 117 26.33 -37.01 -5.31
CA GLY C 117 26.21 -37.30 -3.90
C GLY C 117 24.76 -37.35 -3.49
N ALA C 118 23.97 -36.45 -4.05
CA ALA C 118 22.55 -36.50 -3.81
C ALA C 118 21.93 -37.81 -4.29
N LYS C 119 22.39 -38.28 -5.44
CA LYS C 119 21.87 -39.51 -5.98
C LYS C 119 22.25 -40.68 -5.12
N ARG C 120 23.43 -40.59 -4.54
CA ARG C 120 23.90 -41.62 -3.63
C ARG C 120 22.98 -41.77 -2.43
N ILE C 121 22.56 -40.64 -1.87
CA ILE C 121 21.70 -40.63 -0.71
C ILE C 121 20.32 -41.16 -1.09
N VAL C 122 19.81 -40.72 -2.22
CA VAL C 122 18.52 -41.19 -2.70
C VAL C 122 18.54 -42.68 -2.88
N ASP C 123 19.53 -43.12 -3.61
CA ASP C 123 19.66 -44.55 -3.83
C ASP C 123 19.69 -45.37 -2.55
N LYS C 124 20.38 -44.87 -1.54
CA LYS C 124 20.48 -45.57 -0.29
C LYS C 124 19.20 -45.50 0.52
N GLU C 125 18.58 -44.34 0.52
CA GLU C 125 17.33 -44.23 1.23
C GLU C 125 16.25 -45.16 0.64
N LEU C 126 16.26 -45.32 -0.67
CA LEU C 126 15.34 -46.21 -1.36
C LEU C 126 15.37 -47.68 -0.87
N THR C 127 16.49 -48.10 -0.30
CA THR C 127 16.63 -49.46 0.18
C THR C 127 16.00 -49.65 1.55
N LYS C 128 15.51 -48.58 2.16
CA LYS C 128 15.03 -48.65 3.52
C LYS C 128 13.54 -48.87 3.63
N SER C 129 13.13 -49.21 4.85
CA SER C 129 11.77 -49.55 5.09
C SER C 129 10.91 -48.34 5.42
N LYS C 130 11.50 -47.17 5.44
CA LYS C 130 10.72 -45.95 5.43
C LYS C 130 11.58 -44.73 5.13
N LYS C 131 10.94 -43.71 4.60
CA LYS C 131 11.60 -42.45 4.32
C LYS C 131 11.87 -41.75 5.63
N VAL C 132 13.10 -41.29 5.82
CA VAL C 132 13.49 -40.69 7.10
C VAL C 132 14.14 -39.29 6.97
N ILE C 133 14.42 -38.86 5.75
CA ILE C 133 15.09 -37.59 5.49
C ILE C 133 14.13 -36.45 5.14
N GLN C 134 14.29 -35.34 5.83
CA GLN C 134 13.70 -34.09 5.45
C GLN C 134 14.86 -33.11 5.23
N VAL C 135 14.72 -32.30 4.20
CA VAL C 135 15.68 -31.26 3.85
C VAL C 135 15.16 -29.87 4.16
N GLY C 136 16.02 -29.04 4.71
CA GLY C 136 15.67 -27.72 5.19
C GLY C 136 15.31 -26.61 4.20
N PHE C 137 14.54 -26.93 3.20
CA PHE C 137 14.01 -25.91 2.34
C PHE C 137 12.77 -25.24 2.95
N MET C 138 13.02 -24.27 3.78
CA MET C 138 11.98 -23.68 4.58
C MET C 138 10.96 -22.85 3.83
N ARG C 139 11.26 -22.44 2.60
CA ARG C 139 10.37 -21.52 1.93
C ARG C 139 8.97 -22.08 1.83
N ARG C 140 8.88 -23.38 1.66
CA ARG C 140 7.59 -24.01 1.46
C ARG C 140 6.69 -23.89 2.66
N TYR C 141 7.25 -23.51 3.80
CA TYR C 141 6.48 -23.38 5.03
C TYR C 141 6.08 -21.93 5.35
N ASP C 142 6.56 -20.98 4.57
CA ASP C 142 6.25 -19.60 4.81
C ASP C 142 4.80 -19.37 4.51
N GLN C 143 4.10 -18.76 5.46
CA GLN C 143 2.69 -18.66 5.35
C GLN C 143 2.24 -17.82 4.15
N GLY C 144 3.00 -16.79 3.84
CA GLY C 144 2.69 -15.97 2.72
C GLY C 144 2.82 -16.69 1.39
N ILE C 145 3.94 -17.37 1.23
CA ILE C 145 4.19 -18.10 0.01
C ILE C 145 3.14 -19.21 -0.15
N ARG C 146 2.85 -19.91 0.94
CA ARG C 146 1.86 -20.95 0.89
C ARG C 146 0.50 -20.43 0.49
N ALA C 147 0.16 -19.29 1.02
CA ALA C 147 -1.12 -18.70 0.73
C ALA C 147 -1.23 -18.33 -0.73
N LEU C 148 -0.15 -17.88 -1.31
CA LEU C 148 -0.19 -17.56 -2.72
C LEU C 148 -0.34 -18.82 -3.54
N LYS C 149 0.39 -19.85 -3.18
CA LYS C 149 0.27 -21.11 -3.91
C LYS C 149 -1.15 -21.65 -3.84
N GLU C 150 -1.72 -21.57 -2.66
CA GLU C 150 -3.06 -22.10 -2.50
C GLU C 150 -4.04 -21.36 -3.38
N LYS C 151 -3.88 -20.05 -3.46
CA LYS C 151 -4.80 -19.26 -4.25
C LYS C 151 -4.57 -19.57 -5.72
N LEU C 152 -3.32 -19.80 -6.09
CA LEU C 152 -3.02 -20.13 -7.46
C LEU C 152 -3.70 -21.41 -7.85
N ASP C 153 -3.72 -22.33 -6.93
CA ASP C 153 -4.22 -23.65 -7.21
C ASP C 153 -5.74 -23.70 -7.28
N THR C 154 -6.42 -22.60 -6.96
CA THR C 154 -7.86 -22.54 -7.14
C THR C 154 -8.25 -22.33 -8.57
N GLY C 155 -7.29 -21.97 -9.38
CA GLY C 155 -7.57 -21.74 -10.78
C GLY C 155 -7.99 -20.33 -11.14
N ILE C 156 -8.01 -19.47 -10.16
CA ILE C 156 -8.61 -18.18 -10.30
C ILE C 156 -7.93 -17.24 -11.28
N ILE C 157 -6.66 -17.44 -11.51
CA ILE C 157 -5.97 -16.66 -12.52
C ILE C 157 -5.59 -17.49 -13.76
N GLY C 158 -6.20 -18.67 -13.88
CA GLY C 158 -5.85 -19.57 -14.94
C GLY C 158 -4.47 -20.15 -14.80
N ALA C 159 -3.90 -20.57 -15.92
CA ALA C 159 -2.61 -21.22 -15.93
C ALA C 159 -1.52 -20.21 -15.75
N PRO C 160 -0.50 -20.58 -14.99
CA PRO C 160 0.65 -19.75 -14.81
C PRO C 160 1.54 -19.72 -16.05
N LEU C 161 1.78 -18.51 -16.50
CA LEU C 161 2.53 -18.28 -17.68
C LEU C 161 3.97 -17.84 -17.40
N VAL C 162 4.08 -16.87 -16.50
CA VAL C 162 5.34 -16.29 -16.12
C VAL C 162 5.38 -16.13 -14.61
N VAL C 163 6.55 -16.35 -14.03
CA VAL C 163 6.78 -16.07 -12.64
C VAL C 163 7.96 -15.09 -12.56
N ARG C 164 7.76 -14.02 -11.81
CA ARG C 164 8.81 -13.06 -11.59
C ARG C 164 9.10 -13.02 -10.12
N ALA C 165 10.36 -13.14 -9.80
CA ALA C 165 10.76 -13.21 -8.42
C ALA C 165 12.03 -12.43 -8.15
N SER C 166 12.20 -12.02 -6.90
CA SER C 166 13.39 -11.36 -6.45
C SER C 166 13.89 -11.94 -5.14
N HIS C 167 15.19 -12.07 -5.05
CA HIS C 167 15.86 -12.46 -3.83
C HIS C 167 16.90 -11.40 -3.53
N ILE C 168 16.53 -10.54 -2.60
CA ILE C 168 17.29 -9.34 -2.31
C ILE C 168 17.93 -9.43 -0.95
N ASN C 169 19.23 -9.18 -0.93
CA ASN C 169 20.02 -9.25 0.27
C ASN C 169 20.95 -8.03 0.35
N PRO C 170 21.15 -7.52 1.56
CA PRO C 170 21.81 -6.23 1.64
C PRO C 170 23.28 -6.22 1.32
N ASN C 171 24.02 -7.19 1.84
CA ASN C 171 25.44 -7.29 1.62
C ASN C 171 25.91 -8.70 2.00
N VAL C 172 27.07 -9.08 1.53
CA VAL C 172 27.61 -10.40 1.83
C VAL C 172 28.97 -10.36 2.50
N ALA C 173 29.35 -11.50 3.06
CA ALA C 173 30.64 -11.68 3.70
C ALA C 173 31.76 -11.76 2.71
N SER C 174 32.98 -11.58 3.22
CA SER C 174 34.19 -11.63 2.42
CA SER C 174 34.14 -11.59 2.36
C SER C 174 34.47 -12.95 1.75
N ASN C 175 33.88 -14.01 2.27
CA ASN C 175 34.05 -15.34 1.69
C ASN C 175 32.89 -15.84 0.81
N TYR C 176 31.99 -14.93 0.44
CA TYR C 176 30.87 -15.25 -0.46
C TYR C 176 31.28 -15.18 -1.89
N SER C 177 31.19 -16.30 -2.56
CA SER C 177 31.68 -16.46 -3.91
C SER C 177 30.57 -16.45 -4.97
N ASN C 178 30.98 -16.33 -6.22
CA ASN C 178 30.06 -16.31 -7.33
C ASN C 178 29.19 -17.53 -7.35
N GLU C 179 29.76 -18.67 -7.03
CA GLU C 179 28.97 -19.86 -7.08
C GLU C 179 27.95 -19.90 -5.95
N MET C 180 28.18 -19.14 -4.90
CA MET C 180 27.29 -19.10 -3.78
C MET C 180 26.01 -18.35 -4.09
N ALA C 181 26.07 -17.50 -5.09
CA ALA C 181 24.86 -16.86 -5.55
C ALA C 181 23.84 -17.88 -5.96
N ILE C 182 24.34 -19.05 -6.37
CA ILE C 182 23.48 -20.15 -6.69
C ILE C 182 23.28 -21.04 -5.48
N THR C 183 24.35 -21.50 -4.90
CA THR C 183 24.23 -22.57 -3.94
C THR C 183 23.70 -22.13 -2.59
N ASP C 184 23.83 -20.85 -2.28
CA ASP C 184 23.36 -20.38 -1.02
C ASP C 184 22.11 -19.49 -1.09
N THR C 185 21.91 -18.88 -2.24
CA THR C 185 20.89 -17.87 -2.37
C THR C 185 19.77 -18.35 -3.32
N LEU C 186 20.09 -18.47 -4.59
CA LEU C 186 19.12 -18.93 -5.57
C LEU C 186 18.56 -20.34 -5.26
N ILE C 187 19.26 -21.12 -4.47
CA ILE C 187 18.80 -22.46 -4.17
C ILE C 187 17.40 -22.48 -3.61
N HIS C 188 17.05 -21.43 -2.91
CA HIS C 188 15.72 -21.35 -2.33
C HIS C 188 14.64 -21.25 -3.39
N GLU C 189 14.89 -20.45 -4.39
CA GLU C 189 13.97 -20.35 -5.51
C GLU C 189 13.98 -21.60 -6.36
N ILE C 190 15.14 -22.23 -6.48
CA ILE C 190 15.24 -23.49 -7.19
C ILE C 190 14.34 -24.57 -6.59
N ASP C 191 14.31 -24.70 -5.28
CA ASP C 191 13.40 -25.67 -4.69
C ASP C 191 11.95 -25.18 -4.76
N GLU C 192 11.75 -23.89 -4.58
CA GLU C 192 10.41 -23.34 -4.44
C GLU C 192 9.55 -23.43 -5.67
N MET C 193 10.14 -23.08 -6.80
CA MET C 193 9.34 -22.90 -7.99
C MET C 193 8.72 -24.16 -8.55
N HIS C 194 9.47 -25.24 -8.62
CA HIS C 194 8.87 -26.48 -9.07
C HIS C 194 7.73 -26.95 -8.15
N TRP C 195 7.86 -26.69 -6.87
CA TRP C 195 6.79 -26.97 -5.93
C TRP C 195 5.60 -26.03 -6.13
N LEU C 196 5.89 -24.75 -6.28
CA LEU C 196 4.84 -23.76 -6.43
C LEU C 196 3.96 -24.08 -7.62
N LEU C 197 4.62 -24.47 -8.71
CA LEU C 197 3.95 -24.69 -9.99
C LEU C 197 3.53 -26.12 -10.26
N ASP C 198 3.97 -27.03 -9.43
CA ASP C 198 3.75 -28.46 -9.61
C ASP C 198 4.17 -28.84 -11.01
N ASP C 199 5.40 -28.49 -11.33
CA ASP C 199 5.92 -28.66 -12.68
C ASP C 199 7.38 -29.01 -12.51
N GLU C 200 8.02 -29.39 -13.59
CA GLU C 200 9.41 -29.77 -13.54
C GLU C 200 10.16 -28.85 -14.48
N TYR C 201 11.43 -28.64 -14.19
CA TYR C 201 12.24 -27.76 -14.99
C TYR C 201 12.78 -28.44 -16.23
N THR C 202 12.98 -27.66 -17.28
CA THR C 202 13.63 -28.10 -18.51
C THR C 202 14.93 -27.38 -18.85
N SER C 203 15.16 -26.25 -18.22
CA SER C 203 16.40 -25.51 -18.43
C SER C 203 16.62 -24.41 -17.42
N ILE C 204 17.87 -23.96 -17.33
CA ILE C 204 18.21 -22.81 -16.55
C ILE C 204 19.31 -22.02 -17.23
N GLN C 205 19.27 -20.71 -17.06
CA GLN C 205 20.23 -19.82 -17.67
C GLN C 205 20.51 -18.67 -16.75
N ILE C 206 21.78 -18.44 -16.48
CA ILE C 206 22.21 -17.36 -15.64
C ILE C 206 22.87 -16.28 -16.49
N THR C 207 22.40 -15.05 -16.37
CA THR C 207 23.04 -13.95 -17.05
C THR C 207 23.48 -12.84 -16.11
N TYR C 208 24.42 -12.04 -16.57
CA TYR C 208 25.06 -11.07 -15.72
C TYR C 208 24.83 -9.64 -16.25
N PRO C 209 24.01 -8.88 -15.54
CA PRO C 209 23.84 -7.48 -15.89
C PRO C 209 25.05 -6.72 -15.47
N ARG C 210 25.02 -5.42 -15.61
CA ARG C 210 26.16 -4.63 -15.21
C ARG C 210 26.50 -4.87 -13.76
N GLN C 211 27.78 -4.89 -13.50
CA GLN C 211 28.33 -5.17 -12.21
C GLN C 211 28.16 -4.02 -11.26
N SER C 212 27.63 -4.33 -10.09
CA SER C 212 27.47 -3.30 -9.09
C SER C 212 28.79 -2.84 -8.52
N ALA C 213 28.90 -1.55 -8.28
CA ALA C 213 30.03 -1.01 -7.55
C ALA C 213 30.13 -1.41 -6.10
N GLU C 214 29.08 -2.02 -5.57
CA GLU C 214 29.05 -2.37 -4.17
C GLU C 214 29.69 -3.73 -3.87
N VAL C 215 29.99 -4.48 -4.92
CA VAL C 215 30.64 -5.74 -4.72
C VAL C 215 32.07 -5.53 -4.25
N ARG C 216 32.45 -6.22 -3.19
CA ARG C 216 33.79 -6.15 -2.64
C ARG C 216 34.57 -7.47 -2.80
N ASN C 217 33.99 -8.45 -3.45
CA ASN C 217 34.54 -9.79 -3.45
C ASN C 217 34.99 -10.19 -4.83
N GLU C 218 36.24 -10.59 -4.97
CA GLU C 218 36.74 -10.94 -6.27
C GLU C 218 35.96 -12.08 -6.89
N GLY C 219 35.61 -11.96 -8.15
CA GLY C 219 34.92 -13.00 -8.86
C GLY C 219 33.40 -13.03 -8.75
N LEU C 220 32.87 -12.30 -7.79
CA LEU C 220 31.46 -12.30 -7.57
C LEU C 220 30.77 -11.35 -8.53
N HIS C 221 29.87 -11.91 -9.34
CA HIS C 221 28.99 -11.15 -10.16
C HIS C 221 27.73 -10.82 -9.37
N ASP C 222 27.33 -9.56 -9.35
CA ASP C 222 26.09 -9.16 -8.71
C ASP C 222 25.59 -7.91 -9.38
N PRO C 223 24.32 -7.89 -9.75
CA PRO C 223 23.30 -8.93 -9.62
C PRO C 223 23.44 -10.05 -10.63
N GLN C 224 22.62 -11.05 -10.47
CA GLN C 224 22.54 -12.11 -11.43
C GLN C 224 21.09 -12.34 -11.78
N LEU C 225 20.84 -12.67 -13.03
CA LEU C 225 19.51 -12.96 -13.50
C LEU C 225 19.38 -14.45 -13.85
N ALA C 226 18.38 -15.10 -13.30
CA ALA C 226 18.17 -16.50 -13.55
C ALA C 226 16.87 -16.71 -14.27
N THR C 227 16.94 -17.41 -15.38
CA THR C 227 15.75 -17.75 -16.11
C THR C 227 15.57 -19.25 -16.14
N LEU C 228 14.44 -19.72 -15.63
CA LEU C 228 14.12 -21.13 -15.63
C LEU C 228 12.92 -21.37 -16.48
N THR C 229 12.95 -22.51 -17.17
CA THR C 229 11.81 -22.95 -17.92
C THR C 229 11.29 -24.25 -17.38
N THR C 230 10.00 -24.46 -17.52
CA THR C 230 9.34 -25.65 -17.06
C THR C 230 8.71 -26.44 -18.22
N LYS C 231 8.33 -27.68 -17.93
CA LYS C 231 7.76 -28.57 -18.93
C LYS C 231 6.50 -28.03 -19.59
N LYS C 232 5.66 -27.39 -18.81
CA LYS C 232 4.45 -26.80 -19.33
C LYS C 232 4.72 -25.47 -19.98
N GLY C 233 5.94 -25.00 -19.85
CA GLY C 233 6.35 -23.81 -20.54
C GLY C 233 6.31 -22.50 -19.78
N THR C 234 5.99 -22.57 -18.52
CA THR C 234 6.07 -21.39 -17.68
C THR C 234 7.51 -20.91 -17.59
N VAL C 235 7.71 -19.62 -17.74
CA VAL C 235 9.02 -19.04 -17.63
C VAL C 235 9.16 -18.31 -16.28
N ILE C 236 10.24 -18.62 -15.57
CA ILE C 236 10.53 -17.99 -14.30
C ILE C 236 11.75 -17.06 -14.43
N GLN C 237 11.55 -15.78 -14.14
CA GLN C 237 12.63 -14.82 -14.09
C GLN C 237 12.95 -14.37 -12.66
N VAL C 238 14.07 -14.81 -12.13
CA VAL C 238 14.48 -14.43 -10.80
C VAL C 238 15.59 -13.41 -10.87
N LEU C 239 15.45 -12.34 -10.11
CA LEU C 239 16.54 -11.41 -9.85
C LEU C 239 17.21 -11.75 -8.55
N VAL C 240 18.52 -11.98 -8.61
CA VAL C 240 19.35 -12.20 -7.46
C VAL C 240 20.27 -10.99 -7.24
N HIS C 241 20.16 -10.37 -6.07
CA HIS C 241 20.87 -9.14 -5.83
C HIS C 241 21.30 -9.11 -4.38
N VAL C 242 22.54 -9.47 -4.15
CA VAL C 242 23.03 -9.71 -2.81
C VAL C 242 23.83 -8.57 -2.18
N THR C 243 24.05 -7.53 -2.94
CA THR C 243 24.62 -6.32 -2.42
C THR C 243 23.66 -5.14 -2.59
N ALA C 244 22.38 -5.38 -2.36
CA ALA C 244 21.35 -4.40 -2.62
C ALA C 244 21.29 -3.23 -1.68
N GLN C 245 21.97 -3.38 -0.56
CA GLN C 245 22.05 -2.38 0.50
C GLN C 245 20.80 -2.14 1.33
N TYR C 246 19.66 -1.98 0.69
CA TYR C 246 18.53 -1.39 1.36
C TYR C 246 17.84 -2.31 2.37
N GLY C 247 17.98 -3.59 2.16
CA GLY C 247 17.22 -4.54 2.92
C GLY C 247 17.32 -5.96 2.42
N TYR C 248 16.66 -6.85 3.15
CA TYR C 248 16.44 -8.22 2.74
C TYR C 248 15.00 -8.35 2.31
N GLU C 249 14.76 -8.82 1.11
CA GLU C 249 13.42 -8.94 0.60
C GLU C 249 13.23 -10.13 -0.34
N VAL C 250 12.12 -10.82 -0.18
CA VAL C 250 11.71 -11.83 -1.12
C VAL C 250 10.42 -11.43 -1.78
N LYS C 251 10.43 -11.38 -3.10
CA LYS C 251 9.27 -11.03 -3.85
C LYS C 251 8.86 -12.14 -4.80
N LEU C 252 7.58 -12.23 -5.05
CA LEU C 252 7.02 -13.27 -5.87
C LEU C 252 5.77 -12.80 -6.59
N GLU C 253 5.77 -12.90 -7.89
CA GLU C 253 4.62 -12.55 -8.67
C GLU C 253 4.33 -13.66 -9.69
N VAL C 254 3.10 -14.13 -9.73
CA VAL C 254 2.68 -15.08 -10.73
C VAL C 254 1.73 -14.47 -11.74
N ILE C 255 2.11 -14.53 -12.99
CA ILE C 255 1.29 -14.02 -14.06
C ILE C 255 0.51 -15.15 -14.71
N GLY C 256 -0.80 -15.06 -14.60
CA GLY C 256 -1.69 -16.01 -15.17
C GLY C 256 -2.42 -15.55 -16.42
N GLU C 257 -3.12 -16.49 -17.00
CA GLU C 257 -3.87 -16.24 -18.18
C GLU C 257 -4.93 -15.16 -17.96
N THR C 258 -5.50 -15.12 -16.77
CA THR C 258 -6.66 -14.27 -16.50
C THR C 258 -6.49 -13.31 -15.36
N GLY C 259 -5.29 -13.30 -14.78
CA GLY C 259 -5.00 -12.45 -13.68
C GLY C 259 -3.61 -12.66 -13.13
N GLU C 260 -3.31 -11.99 -12.04
CA GLU C 260 -2.03 -12.06 -11.39
C GLU C 260 -2.18 -12.25 -9.90
N LEU C 261 -1.16 -12.86 -9.32
CA LEU C 261 -1.04 -12.95 -7.88
C LEU C 261 0.35 -12.52 -7.43
N GLN C 262 0.41 -11.75 -6.36
CA GLN C 262 1.69 -11.43 -5.77
C GLN C 262 1.72 -11.39 -4.27
N LEU C 263 2.88 -11.67 -3.72
CA LEU C 263 3.06 -11.58 -2.29
C LEU C 263 2.91 -10.15 -1.86
N PRO C 264 2.29 -9.96 -0.73
CA PRO C 264 2.24 -8.61 -0.19
C PRO C 264 3.59 -8.26 0.45
N ASN C 265 3.73 -7.00 0.82
CA ASN C 265 4.94 -6.55 1.43
C ASN C 265 5.05 -7.30 2.75
N TYR C 266 6.26 -7.67 3.13
CA TYR C 266 6.42 -8.36 4.36
C TYR C 266 6.45 -7.33 5.45
N GLY C 267 5.95 -7.68 6.62
CA GLY C 267 6.11 -6.83 7.77
C GLY C 267 4.83 -6.47 8.47
N LEU C 268 4.93 -6.26 9.76
CA LEU C 268 3.79 -5.95 10.57
C LEU C 268 3.91 -4.56 11.19
N GLY C 269 5.01 -3.90 10.91
CA GLY C 269 5.35 -2.66 11.55
C GLY C 269 4.50 -1.55 11.03
N PRO C 270 4.53 -0.41 11.69
CA PRO C 270 3.58 0.61 11.34
C PRO C 270 3.95 1.42 10.13
N ILE C 271 2.92 2.03 9.57
CA ILE C 271 3.09 3.05 8.57
C ILE C 271 3.35 4.36 9.28
N LEU C 272 4.48 4.96 8.93
CA LEU C 272 4.95 6.22 9.45
C LEU C 272 4.76 7.35 8.46
N ARG C 273 4.08 8.38 8.92
CA ARG C 273 4.01 9.64 8.23
C ARG C 273 4.91 10.66 8.91
N SER C 274 5.91 11.10 8.20
CA SER C 274 6.93 11.91 8.77
C SER C 274 7.80 12.49 7.69
N ASN C 275 8.16 13.75 7.83
CA ASN C 275 9.20 14.34 7.00
C ASN C 275 8.96 14.19 5.51
N ALA C 276 7.76 14.56 5.11
CA ALA C 276 7.36 14.59 3.71
C ALA C 276 7.33 13.25 3.06
N ASN C 277 7.22 12.21 3.86
CA ASN C 277 7.10 10.87 3.36
CA ASN C 277 7.04 10.90 3.33
C ASN C 277 6.17 9.99 4.16
N GLN C 278 5.67 8.95 3.50
CA GLN C 278 4.95 7.87 4.13
C GLN C 278 5.83 6.63 3.97
N GLN C 279 6.11 5.93 5.06
CA GLN C 279 7.00 4.81 4.97
C GLN C 279 6.73 3.65 5.88
N THR C 280 7.26 2.51 5.46
CA THR C 280 7.29 1.31 6.24
C THR C 280 8.69 0.73 6.27
N ALA C 281 9.02 0.06 7.35
CA ALA C 281 10.33 -0.53 7.47
C ALA C 281 10.50 -1.76 6.61
N VAL C 282 11.75 -1.99 6.22
CA VAL C 282 12.14 -3.17 5.51
C VAL C 282 13.08 -3.97 6.40
N GLU C 283 12.84 -5.27 6.48
CA GLU C 283 13.67 -6.17 7.23
C GLU C 283 15.10 -6.11 6.73
N MET C 284 16.07 -6.16 7.63
CA MET C 284 17.43 -6.23 7.21
C MET C 284 18.04 -7.61 7.34
N SER C 285 17.35 -8.51 7.99
CA SER C 285 17.91 -9.80 8.33
C SER C 285 17.10 -10.94 7.78
N TRP C 286 17.75 -11.77 6.99
CA TRP C 286 17.11 -12.98 6.53
C TRP C 286 16.59 -13.86 7.70
N ILE C 287 17.21 -13.72 8.85
CA ILE C 287 16.84 -14.47 10.02
C ILE C 287 15.49 -14.12 10.50
N ASN C 288 15.23 -12.85 10.57
CA ASN C 288 13.94 -12.49 11.03
C ASN C 288 12.90 -12.78 9.93
N ARG C 289 13.27 -12.68 8.67
CA ARG C 289 12.31 -12.88 7.60
C ARG C 289 11.61 -14.22 7.66
N PHE C 290 12.38 -15.26 7.92
CA PHE C 290 11.86 -16.60 7.79
C PHE C 290 11.75 -17.36 9.09
N ILE C 291 11.77 -16.62 10.18
CA ILE C 291 11.65 -17.21 11.48
C ILE C 291 10.44 -18.13 11.62
N GLN C 292 9.30 -17.71 11.08
CA GLN C 292 8.11 -18.53 11.14
C GLN C 292 8.30 -19.82 10.37
N ALA C 293 8.85 -19.73 9.18
CA ALA C 293 9.01 -20.90 8.38
C ALA C 293 9.94 -21.92 9.02
N TYR C 294 11.03 -21.44 9.60
CA TYR C 294 11.98 -22.33 10.22
C TYR C 294 11.28 -23.05 11.39
N ASN C 295 10.50 -22.31 12.16
CA ASN C 295 9.83 -22.91 13.30
C ASN C 295 8.81 -23.93 12.82
N THR C 296 8.03 -23.55 11.83
CA THR C 296 7.01 -24.45 11.33
C THR C 296 7.61 -25.74 10.74
N GLU C 297 8.67 -25.58 9.98
CA GLU C 297 9.29 -26.72 9.34
C GLU C 297 9.80 -27.71 10.37
N VAL C 298 10.45 -27.21 11.40
CA VAL C 298 11.04 -28.08 12.36
C VAL C 298 10.00 -28.71 13.24
N GLN C 299 9.01 -27.92 13.62
CA GLN C 299 7.93 -28.46 14.41
C GLN C 299 7.24 -29.63 13.69
N GLU C 300 7.11 -29.53 12.40
CA GLU C 300 6.45 -30.55 11.64
C GLU C 300 7.28 -31.82 11.59
N PHE C 301 8.58 -31.65 11.43
CA PHE C 301 9.50 -32.77 11.48
C PHE C 301 9.39 -33.51 12.81
N ILE C 302 9.54 -32.78 13.89
CA ILE C 302 9.42 -33.34 15.19
C ILE C 302 8.07 -34.04 15.38
N ASP C 303 7.02 -33.43 14.88
CA ASP C 303 5.71 -34.00 15.06
C ASP C 303 5.59 -35.34 14.33
N GLU C 304 6.23 -35.45 13.18
CA GLU C 304 6.24 -36.69 12.45
C GLU C 304 7.09 -37.75 13.16
N VAL C 305 8.29 -37.39 13.57
CA VAL C 305 9.13 -38.31 14.28
C VAL C 305 8.43 -38.85 15.52
N ALA C 306 7.62 -38.03 16.16
CA ALA C 306 7.00 -38.43 17.40
C ALA C 306 6.00 -39.55 17.14
N LYS C 307 5.50 -39.58 15.94
CA LYS C 307 4.54 -40.57 15.54
C LYS C 307 5.24 -41.72 14.86
N SER C 308 6.55 -41.67 14.78
CA SER C 308 7.31 -42.58 13.99
C SER C 308 6.81 -42.68 12.59
N GLU C 309 6.34 -41.57 12.07
CA GLU C 309 5.94 -41.50 10.68
C GLU C 309 7.00 -40.82 9.84
N PRO C 310 7.06 -41.15 8.57
CA PRO C 310 7.93 -40.42 7.66
C PRO C 310 7.65 -38.94 7.64
N PRO C 311 8.68 -38.13 7.49
CA PRO C 311 8.52 -36.71 7.23
C PRO C 311 7.67 -36.47 6.01
N VAL C 312 6.99 -35.33 6.04
CA VAL C 312 6.17 -34.90 4.95
C VAL C 312 6.72 -33.66 4.23
N GLY C 313 7.81 -33.12 4.75
CA GLY C 313 8.43 -32.00 4.11
C GLY C 313 9.31 -32.38 2.95
N PRO C 314 10.08 -31.43 2.47
CA PRO C 314 10.95 -31.63 1.34
C PRO C 314 11.87 -32.84 1.55
N SER C 315 11.98 -33.67 0.54
CA SER C 315 12.63 -34.95 0.68
C SER C 315 13.99 -34.99 0.05
N ALA C 316 14.62 -36.15 0.10
CA ALA C 316 15.88 -36.32 -0.58
C ALA C 316 15.75 -36.14 -2.06
N TRP C 317 14.58 -36.47 -2.58
CA TRP C 317 14.37 -36.34 -3.99
C TRP C 317 14.32 -34.83 -4.33
N ASP C 318 13.67 -34.08 -3.47
CA ASP C 318 13.69 -32.66 -3.63
C ASP C 318 15.15 -32.15 -3.57
N GLY C 319 15.95 -32.74 -2.70
CA GLY C 319 17.34 -32.38 -2.60
C GLY C 319 18.12 -32.68 -3.85
N TYR C 320 17.75 -33.77 -4.49
CA TYR C 320 18.34 -34.17 -5.76
C TYR C 320 17.97 -33.22 -6.90
N ILE C 321 16.69 -32.91 -7.01
CA ILE C 321 16.25 -31.95 -8.00
C ILE C 321 16.98 -30.62 -7.84
N ALA C 322 17.09 -30.16 -6.61
CA ALA C 322 17.81 -28.92 -6.37
C ALA C 322 19.29 -29.01 -6.74
N ALA C 323 19.91 -30.13 -6.46
CA ALA C 323 21.32 -30.28 -6.74
C ALA C 323 21.61 -30.38 -8.23
N ILE C 324 20.75 -31.06 -8.95
CA ILE C 324 20.81 -31.10 -10.39
C ILE C 324 20.68 -29.70 -10.99
N THR C 325 19.74 -28.92 -10.48
CA THR C 325 19.45 -27.63 -11.04
C THR C 325 20.53 -26.61 -10.67
N ALA C 326 21.03 -26.70 -9.45
CA ALA C 326 22.16 -25.89 -9.06
C ALA C 326 23.40 -26.14 -9.92
N ALA C 327 23.67 -27.41 -10.16
CA ALA C 327 24.79 -27.77 -10.96
C ALA C 327 24.69 -27.20 -12.34
N ALA C 328 23.51 -27.29 -12.92
CA ALA C 328 23.24 -26.69 -14.19
C ALA C 328 23.45 -25.19 -14.14
N ALA C 329 23.01 -24.59 -13.07
CA ALA C 329 23.17 -23.16 -12.96
C ALA C 329 24.65 -22.77 -12.85
N ASN C 330 25.42 -23.50 -12.08
CA ASN C 330 26.86 -23.21 -11.94
C ASN C 330 27.58 -23.36 -13.28
N ARG C 331 27.17 -24.35 -14.06
CA ARG C 331 27.61 -24.46 -15.43
C ARG C 331 27.26 -23.25 -16.26
N SER C 332 26.03 -22.78 -16.12
CA SER C 332 25.58 -21.66 -16.91
C SER C 332 26.33 -20.43 -16.59
N GLN C 333 26.77 -20.28 -15.35
CA GLN C 333 27.54 -19.12 -14.94
C GLN C 333 28.84 -18.96 -15.69
N LYS C 334 29.39 -20.05 -16.20
CA LYS C 334 30.69 -19.98 -16.83
C LYS C 334 30.63 -19.16 -18.10
N ASP C 335 29.57 -19.31 -18.87
CA ASP C 335 29.45 -18.64 -20.15
C ASP C 335 28.10 -17.95 -20.43
N GLN C 336 27.20 -17.99 -19.45
CA GLN C 336 25.88 -17.40 -19.57
C GLN C 336 24.99 -18.06 -20.58
N GLU C 337 25.27 -19.32 -20.82
CA GLU C 337 24.46 -20.08 -21.73
C GLU C 337 23.44 -20.94 -21.02
N THR C 338 22.33 -21.16 -21.70
CA THR C 338 21.29 -22.02 -21.21
C THR C 338 21.77 -23.46 -21.07
N VAL C 339 21.43 -24.07 -19.95
CA VAL C 339 21.73 -25.46 -19.67
C VAL C 339 20.46 -26.24 -19.49
N LEU C 340 20.33 -27.33 -20.21
CA LEU C 340 19.17 -28.18 -20.08
C LEU C 340 19.11 -28.99 -18.81
N ILE C 341 17.89 -29.21 -18.36
CA ILE C 341 17.63 -30.02 -17.20
C ILE C 341 16.59 -31.06 -17.54
N ASN C 342 16.86 -32.31 -17.20
CA ASN C 342 15.90 -33.35 -17.37
C ASN C 342 15.96 -34.38 -16.26
N VAL C 343 15.22 -34.15 -15.22
CA VAL C 343 15.23 -35.04 -14.11
C VAL C 343 14.27 -36.18 -14.29
N ALA C 344 14.70 -37.32 -13.82
CA ALA C 344 13.97 -38.55 -13.91
C ALA C 344 12.68 -38.48 -13.17
N GLY C 345 11.82 -39.42 -13.47
CA GLY C 345 10.54 -39.44 -12.85
C GLY C 345 10.68 -39.73 -11.37
N THR C 346 9.74 -39.23 -10.61
CA THR C 346 9.77 -39.34 -9.17
C THR C 346 9.40 -40.73 -8.71
N PRO C 347 10.28 -41.35 -7.92
CA PRO C 347 9.93 -42.67 -7.44
C PRO C 347 8.73 -42.67 -6.56
N THR C 348 7.96 -43.74 -6.66
CA THR C 348 6.84 -43.92 -5.79
C THR C 348 7.17 -43.66 -4.34
N PHE C 349 8.34 -44.11 -3.92
CA PHE C 349 8.86 -43.91 -2.57
C PHE C 349 8.77 -42.44 -2.14
N TYR C 350 8.92 -41.57 -3.12
CA TYR C 350 9.00 -40.16 -2.91
C TYR C 350 7.75 -39.36 -3.35
N GLN C 351 6.67 -40.05 -3.72
CA GLN C 351 5.36 -39.42 -4.00
C GLN C 351 4.39 -39.69 -2.88
N MET D 13 -15.93 33.66 -26.71
CA MET D 13 -15.34 34.88 -26.19
C MET D 13 -14.18 34.53 -25.26
N VAL D 14 -13.03 35.21 -25.39
CA VAL D 14 -12.02 35.15 -24.34
C VAL D 14 -12.45 36.05 -23.17
N VAL D 15 -12.55 35.48 -22.00
CA VAL D 15 -12.97 36.15 -20.79
C VAL D 15 -11.81 36.93 -20.15
N LYS D 16 -12.03 38.21 -19.98
CA LYS D 16 -11.03 39.09 -19.42
C LYS D 16 -11.21 39.18 -17.92
N VAL D 17 -10.16 38.80 -17.23
CA VAL D 17 -10.19 38.53 -15.83
C VAL D 17 -9.36 39.51 -15.04
N GLY D 18 -9.92 39.97 -13.94
CA GLY D 18 -9.13 40.62 -12.93
C GLY D 18 -9.00 39.80 -11.66
N VAL D 19 -7.85 39.90 -11.03
CA VAL D 19 -7.56 39.13 -9.83
C VAL D 19 -7.24 40.09 -8.69
N ILE D 20 -7.99 39.94 -7.62
CA ILE D 20 -7.83 40.70 -6.41
C ILE D 20 -7.22 39.81 -5.31
N GLY D 21 -5.98 40.07 -4.96
CA GLY D 21 -5.22 39.22 -4.09
C GLY D 21 -4.29 38.36 -4.91
N THR D 22 -3.01 38.69 -4.90
CA THR D 22 -2.04 37.94 -5.68
C THR D 22 -0.94 37.32 -4.81
N GLY D 23 -1.40 36.58 -3.82
CA GLY D 23 -0.55 35.75 -3.01
C GLY D 23 -0.49 34.34 -3.55
N ALA D 24 -0.41 33.36 -2.67
CA ALA D 24 -0.14 32.01 -3.09
C ALA D 24 -1.20 31.47 -4.04
N MET D 25 -2.43 31.59 -3.65
CA MET D 25 -3.48 31.06 -4.46
C MET D 25 -3.85 32.00 -5.61
N GLY D 26 -3.70 33.29 -5.40
CA GLY D 26 -3.88 34.21 -6.50
C GLY D 26 -2.96 33.91 -7.65
N ARG D 27 -1.71 33.70 -7.33
CA ARG D 27 -0.73 33.34 -8.31
C ARG D 27 -1.05 32.03 -8.99
N ALA D 28 -1.47 31.06 -8.21
CA ALA D 28 -1.80 29.75 -8.74
C ALA D 28 -2.96 29.81 -9.72
N HIS D 29 -3.94 30.64 -9.42
CA HIS D 29 -5.10 30.80 -10.29
C HIS D 29 -4.69 31.58 -11.54
N ILE D 30 -3.82 32.56 -11.38
CA ILE D 30 -3.30 33.27 -12.55
C ILE D 30 -2.54 32.33 -13.46
N ASP D 31 -1.73 31.48 -12.84
CA ASP D 31 -0.98 30.49 -13.59
C ASP D 31 -1.92 29.63 -14.39
N ARG D 32 -2.91 29.06 -13.74
CA ARG D 32 -3.77 28.16 -14.44
C ARG D 32 -4.57 28.85 -15.54
N LEU D 33 -5.02 30.05 -15.26
CA LEU D 33 -5.80 30.78 -16.22
C LEU D 33 -5.00 31.14 -17.48
N THR D 34 -3.71 31.34 -17.31
CA THR D 34 -2.82 31.84 -18.34
C THR D 34 -2.21 30.70 -19.14
N ASN D 35 -1.82 29.62 -18.47
CA ASN D 35 -1.00 28.59 -19.08
C ASN D 35 -1.64 27.23 -19.29
N VAL D 36 -2.79 26.99 -18.67
CA VAL D 36 -3.39 25.68 -18.67
C VAL D 36 -4.80 25.70 -19.19
N LEU D 37 -5.61 26.57 -18.65
CA LEU D 37 -7.01 26.60 -18.99
C LEU D 37 -7.25 27.32 -20.30
N THR D 38 -8.46 27.17 -20.83
CA THR D 38 -8.83 27.79 -22.08
C THR D 38 -9.78 28.96 -21.93
N GLY D 39 -9.63 29.96 -22.78
CA GLY D 39 -10.64 30.96 -22.91
C GLY D 39 -10.64 32.10 -21.92
N ALA D 40 -9.47 32.35 -21.33
CA ALA D 40 -9.33 33.40 -20.36
C ALA D 40 -8.01 34.13 -20.50
N GLU D 41 -8.02 35.40 -20.12
CA GLU D 41 -6.83 36.21 -20.00
C GLU D 41 -6.90 37.11 -18.75
N VAL D 42 -5.84 37.11 -17.96
CA VAL D 42 -5.74 38.03 -16.84
C VAL D 42 -5.23 39.38 -17.34
N VAL D 43 -6.10 40.37 -17.20
CA VAL D 43 -5.84 41.70 -17.74
C VAL D 43 -5.67 42.76 -16.67
N ALA D 44 -5.91 42.39 -15.43
CA ALA D 44 -5.77 43.31 -14.33
C ALA D 44 -5.62 42.60 -12.99
N VAL D 45 -4.80 43.19 -12.13
CA VAL D 45 -4.59 42.71 -10.79
C VAL D 45 -4.52 43.85 -9.79
N THR D 46 -4.75 43.50 -8.55
CA THR D 46 -4.49 44.36 -7.41
C THR D 46 -4.18 43.54 -6.18
N ASP D 47 -3.36 44.09 -5.32
CA ASP D 47 -3.06 43.51 -4.02
C ASP D 47 -2.69 44.66 -3.10
N ILE D 48 -2.96 44.52 -1.82
CA ILE D 48 -2.61 45.58 -0.91
C ILE D 48 -1.09 45.77 -0.81
N ASP D 49 -0.38 44.73 -1.17
CA ASP D 49 1.06 44.78 -1.32
C ASP D 49 1.32 44.93 -2.81
N HIS D 50 1.62 46.15 -3.22
CA HIS D 50 1.78 46.44 -4.63
CA HIS D 50 1.78 46.46 -4.62
C HIS D 50 2.89 45.64 -5.26
N GLU D 51 3.92 45.39 -4.48
CA GLU D 51 5.01 44.59 -4.99
C GLU D 51 4.57 43.18 -5.36
N ALA D 52 3.65 42.64 -4.61
CA ALA D 52 3.14 41.32 -4.90
C ALA D 52 2.36 41.30 -6.23
N ALA D 53 1.62 42.37 -6.44
CA ALA D 53 0.85 42.50 -7.65
C ALA D 53 1.77 42.58 -8.82
N GLU D 54 2.79 43.40 -8.69
CA GLU D 54 3.73 43.58 -9.78
C GLU D 54 4.46 42.29 -10.06
N ALA D 55 4.74 41.54 -9.01
CA ALA D 55 5.46 40.32 -9.20
C ALA D 55 4.65 39.29 -9.95
N ALA D 56 3.36 39.32 -9.73
CA ALA D 56 2.49 38.39 -10.41
C ALA D 56 2.43 38.67 -11.92
N VAL D 57 2.36 39.94 -12.26
CA VAL D 57 2.32 40.34 -13.66
C VAL D 57 3.59 39.92 -14.37
N ARG D 58 4.70 40.21 -13.73
CA ARG D 58 6.01 39.85 -14.20
C ARG D 58 6.22 38.32 -14.29
N ASP D 59 5.98 37.62 -13.21
CA ASP D 59 6.31 36.22 -13.16
C ASP D 59 5.47 35.38 -14.11
N PHE D 60 4.26 35.84 -14.41
CA PHE D 60 3.37 35.12 -15.29
C PHE D 60 3.25 35.73 -16.67
N HIS D 61 4.10 36.71 -16.93
CA HIS D 61 4.21 37.30 -18.24
C HIS D 61 2.91 37.88 -18.75
N LEU D 62 2.27 38.65 -17.91
CA LEU D 62 1.00 39.20 -18.26
C LEU D 62 1.12 40.60 -18.83
N ASN D 63 0.13 40.89 -19.64
CA ASN D 63 -0.15 42.25 -20.06
CA ASN D 63 -0.14 42.25 -20.05
C ASN D 63 -1.34 42.75 -19.26
N ALA D 64 -1.08 43.16 -18.05
CA ALA D 64 -2.13 43.46 -17.12
C ALA D 64 -1.90 44.76 -16.41
N LYS D 65 -2.98 45.48 -16.18
CA LYS D 65 -2.97 46.65 -15.35
C LYS D 65 -2.82 46.32 -13.88
N VAL D 66 -2.03 47.11 -13.19
CA VAL D 66 -1.93 47.05 -11.75
C VAL D 66 -2.67 48.19 -11.11
N TYR D 67 -3.77 47.84 -10.47
CA TYR D 67 -4.65 48.79 -9.86
C TYR D 67 -4.26 48.95 -8.37
N PRO D 68 -4.45 50.14 -7.84
CA PRO D 68 -4.07 50.40 -6.47
C PRO D 68 -5.00 49.76 -5.42
N ASP D 69 -6.21 49.45 -5.82
CA ASP D 69 -7.18 48.84 -4.95
C ASP D 69 -8.28 48.14 -5.74
N ASP D 70 -9.13 47.45 -5.01
CA ASP D 70 -10.22 46.71 -5.61
C ASP D 70 -11.24 47.62 -6.22
N THR D 71 -11.49 48.74 -5.60
CA THR D 71 -12.52 49.58 -6.13
C THR D 71 -12.19 50.11 -7.51
N SER D 72 -10.95 50.46 -7.75
CA SER D 72 -10.56 50.93 -9.05
C SER D 72 -10.57 49.85 -10.10
N LEU D 73 -10.16 48.67 -9.72
CA LEU D 73 -10.18 47.58 -10.62
C LEU D 73 -11.60 47.25 -11.03
N LEU D 74 -12.49 47.28 -10.06
CA LEU D 74 -13.86 46.93 -10.33
C LEU D 74 -14.58 47.91 -11.26
N GLN D 75 -14.03 49.10 -11.40
CA GLN D 75 -14.65 50.11 -12.21
C GLN D 75 -14.11 50.13 -13.63
N ASP D 76 -13.27 49.18 -13.97
CA ASP D 76 -12.79 49.04 -15.33
C ASP D 76 -13.78 48.21 -16.11
N PRO D 77 -14.40 48.81 -17.12
CA PRO D 77 -15.50 48.14 -17.82
C PRO D 77 -15.04 46.98 -18.69
N ASP D 78 -13.76 46.89 -18.96
CA ASP D 78 -13.29 45.86 -19.85
C ASP D 78 -13.12 44.52 -19.16
N ILE D 79 -13.26 44.51 -17.86
CA ILE D 79 -13.15 43.27 -17.13
C ILE D 79 -14.49 42.55 -17.05
N ASP D 80 -14.46 41.29 -17.41
CA ASP D 80 -15.64 40.46 -17.46
C ASP D 80 -15.96 39.74 -16.16
N ALA D 81 -14.91 39.37 -15.46
CA ALA D 81 -15.02 38.58 -14.26
C ALA D 81 -13.85 38.88 -13.34
N VAL D 82 -14.13 38.88 -12.05
CA VAL D 82 -13.10 38.98 -11.05
C VAL D 82 -12.98 37.76 -10.17
N PHE D 83 -11.73 37.51 -9.78
CA PHE D 83 -11.39 36.49 -8.81
C PHE D 83 -11.00 37.14 -7.52
N VAL D 84 -11.63 36.74 -6.43
CA VAL D 84 -11.31 37.27 -5.13
C VAL D 84 -10.46 36.26 -4.37
N VAL D 85 -9.20 36.58 -4.16
CA VAL D 85 -8.23 35.62 -3.71
C VAL D 85 -7.37 36.25 -2.62
N SER D 86 -7.98 37.20 -1.93
CA SER D 86 -7.37 37.81 -0.78
C SER D 86 -7.51 36.97 0.51
N PHE D 87 -6.92 37.47 1.58
CA PHE D 87 -7.15 36.95 2.91
C PHE D 87 -8.64 36.81 3.12
N GLY D 88 -9.05 35.75 3.76
CA GLY D 88 -10.46 35.41 3.85
C GLY D 88 -11.31 36.51 4.46
N GLY D 89 -10.75 37.19 5.45
CA GLY D 89 -11.42 38.29 6.09
C GLY D 89 -11.70 39.49 5.21
N ALA D 90 -11.07 39.49 4.06
CA ALA D 90 -11.21 40.54 3.09
C ALA D 90 -12.24 40.26 1.97
N HIS D 91 -12.73 39.04 1.90
CA HIS D 91 -13.58 38.69 0.80
C HIS D 91 -14.88 39.45 0.85
N GLU D 92 -15.45 39.56 2.03
CA GLU D 92 -16.78 40.14 2.17
C GLU D 92 -16.92 41.52 1.53
N ALA D 93 -16.03 42.43 1.88
CA ALA D 93 -16.16 43.77 1.39
C ALA D 93 -15.93 43.84 -0.13
N THR D 94 -15.00 43.04 -0.62
CA THR D 94 -14.69 43.03 -2.02
C THR D 94 -15.85 42.47 -2.83
N VAL D 95 -16.44 41.40 -2.34
CA VAL D 95 -17.56 40.79 -3.04
C VAL D 95 -18.76 41.75 -3.10
N LEU D 96 -19.04 42.39 -1.98
CA LEU D 96 -20.11 43.36 -1.93
C LEU D 96 -19.89 44.53 -2.93
N LYS D 97 -18.67 45.06 -3.02
CA LYS D 97 -18.36 46.04 -4.04
C LYS D 97 -18.51 45.53 -5.46
N ALA D 98 -18.11 44.29 -5.70
CA ALA D 98 -18.23 43.75 -7.03
C ALA D 98 -19.66 43.55 -7.45
N LEU D 99 -20.53 43.32 -6.47
CA LEU D 99 -21.94 43.17 -6.76
C LEU D 99 -22.59 44.49 -7.25
N ASP D 100 -21.85 45.59 -7.12
CA ASP D 100 -22.28 46.85 -7.65
C ASP D 100 -21.95 46.97 -9.13
N THR D 101 -21.26 46.00 -9.68
CA THR D 101 -20.98 45.96 -11.08
C THR D 101 -21.73 44.82 -11.72
N ASP D 102 -21.60 44.63 -13.02
CA ASP D 102 -22.20 43.45 -13.62
C ASP D 102 -21.20 42.38 -13.91
N LYS D 103 -20.09 42.41 -13.22
CA LYS D 103 -19.11 41.39 -13.42
C LYS D 103 -19.52 40.08 -12.73
N PHE D 104 -19.05 39.01 -13.32
CA PHE D 104 -19.10 37.75 -12.68
C PHE D 104 -17.99 37.66 -11.62
N ILE D 105 -18.27 36.90 -10.56
CA ILE D 105 -17.43 36.86 -9.40
C ILE D 105 -17.10 35.43 -9.00
N PHE D 106 -15.82 35.10 -9.00
CA PHE D 106 -15.35 33.86 -8.39
C PHE D 106 -14.60 34.23 -7.10
N THR D 107 -15.11 33.80 -5.96
CA THR D 107 -14.41 34.06 -4.73
C THR D 107 -13.89 32.76 -4.14
N GLU D 108 -12.67 32.79 -3.68
CA GLU D 108 -12.20 31.66 -2.92
C GLU D 108 -13.02 31.54 -1.64
N LYS D 109 -13.02 30.36 -1.06
CA LYS D 109 -13.57 30.25 0.25
C LYS D 109 -12.69 30.97 1.27
N PRO D 110 -13.28 31.32 2.41
CA PRO D 110 -14.70 31.30 2.72
C PRO D 110 -15.43 32.47 2.03
N LEU D 111 -16.74 32.40 1.94
CA LEU D 111 -17.48 33.49 1.37
C LEU D 111 -17.31 34.73 2.20
N ALA D 112 -17.35 34.55 3.51
CA ALA D 112 -17.00 35.55 4.48
C ALA D 112 -16.52 34.85 5.75
N THR D 113 -15.96 35.58 6.68
CA THR D 113 -15.50 34.99 7.92
C THR D 113 -16.50 35.10 9.08
N THR D 114 -17.65 35.69 8.80
CA THR D 114 -18.74 35.78 9.74
C THR D 114 -20.03 35.39 9.07
N LEU D 115 -20.95 34.92 9.85
CA LEU D 115 -22.24 34.61 9.32
C LEU D 115 -22.92 35.90 8.81
N GLU D 116 -22.75 36.96 9.54
CA GLU D 116 -23.40 38.19 9.20
C GLU D 116 -22.93 38.72 7.82
N GLY D 117 -21.64 38.60 7.58
CA GLY D 117 -21.08 38.93 6.30
C GLY D 117 -21.56 38.10 5.13
N ALA D 118 -21.70 36.80 5.35
CA ALA D 118 -22.16 35.96 4.29
C ALA D 118 -23.60 36.28 3.95
N LYS D 119 -24.36 36.58 4.99
CA LYS D 119 -25.75 36.88 4.78
C LYS D 119 -25.92 38.21 4.06
N ARG D 120 -25.03 39.15 4.30
CA ARG D 120 -25.09 40.40 3.58
CA ARG D 120 -25.09 40.41 3.58
C ARG D 120 -24.87 40.17 2.09
N ILE D 121 -24.02 39.22 1.78
CA ILE D 121 -23.67 38.96 0.40
C ILE D 121 -24.82 38.34 -0.32
N VAL D 122 -25.43 37.38 0.33
CA VAL D 122 -26.60 36.74 -0.23
C VAL D 122 -27.73 37.76 -0.40
N ASP D 123 -27.99 38.54 0.63
CA ASP D 123 -29.06 39.52 0.56
C ASP D 123 -28.87 40.49 -0.62
N LYS D 124 -27.63 40.90 -0.86
CA LYS D 124 -27.36 41.77 -1.97
C LYS D 124 -27.44 41.05 -3.29
N GLU D 125 -26.91 39.84 -3.38
CA GLU D 125 -26.99 39.11 -4.63
C GLU D 125 -28.45 38.82 -5.05
N LEU D 126 -29.28 38.54 -4.07
CA LEU D 126 -30.67 38.27 -4.34
C LEU D 126 -31.40 39.46 -4.96
N THR D 127 -30.84 40.65 -4.86
CA THR D 127 -31.47 41.80 -5.50
C THR D 127 -31.14 41.91 -6.97
N LYS D 128 -30.33 41.01 -7.46
CA LYS D 128 -29.86 41.11 -8.82
C LYS D 128 -30.69 40.28 -9.77
N SER D 129 -30.55 40.56 -11.04
CA SER D 129 -31.41 39.92 -11.99
C SER D 129 -30.93 38.53 -12.28
N LYS D 130 -29.66 38.30 -12.02
CA LYS D 130 -29.08 37.01 -12.27
C LYS D 130 -27.92 36.70 -11.31
N LYS D 131 -27.73 35.42 -11.05
CA LYS D 131 -26.69 34.96 -10.14
C LYS D 131 -25.35 35.09 -10.78
N VAL D 132 -24.38 35.59 -10.02
CA VAL D 132 -23.06 35.87 -10.57
C VAL D 132 -21.86 35.32 -9.77
N ILE D 133 -22.10 34.88 -8.55
CA ILE D 133 -21.05 34.41 -7.67
C ILE D 133 -20.86 32.88 -7.67
N GLN D 134 -19.62 32.48 -7.79
CA GLN D 134 -19.21 31.11 -7.52
C GLN D 134 -18.21 31.15 -6.38
N VAL D 135 -18.35 30.21 -5.48
CA VAL D 135 -17.44 30.07 -4.38
C VAL D 135 -16.54 28.87 -4.62
N GLY D 136 -15.25 29.05 -4.31
CA GLY D 136 -14.25 28.04 -4.55
C GLY D 136 -14.20 26.80 -3.68
N PHE D 137 -15.32 26.16 -3.48
CA PHE D 137 -15.36 24.89 -2.79
C PHE D 137 -14.97 23.75 -3.76
N MET D 138 -13.67 23.60 -3.93
CA MET D 138 -13.16 22.76 -4.97
C MET D 138 -13.27 21.26 -4.70
N ARG D 139 -13.49 20.89 -3.45
CA ARG D 139 -13.51 19.48 -3.10
C ARG D 139 -14.51 18.71 -3.94
N ARG D 140 -15.61 19.37 -4.27
CA ARG D 140 -16.68 18.80 -5.05
C ARG D 140 -16.27 18.40 -6.44
N TYR D 141 -15.16 18.96 -6.91
CA TYR D 141 -14.70 18.73 -8.25
C TYR D 141 -13.56 17.70 -8.33
N ASP D 142 -13.05 17.30 -7.18
CA ASP D 142 -11.91 16.40 -7.14
C ASP D 142 -12.34 15.00 -7.56
N GLN D 143 -11.66 14.44 -8.54
CA GLN D 143 -12.09 13.21 -9.16
C GLN D 143 -12.18 12.04 -8.20
N GLY D 144 -11.25 12.00 -7.27
CA GLY D 144 -11.25 10.97 -6.28
C GLY D 144 -12.42 11.04 -5.33
N ILE D 145 -12.70 12.24 -4.84
CA ILE D 145 -13.78 12.44 -3.92
C ILE D 145 -15.09 12.18 -4.66
N ARG D 146 -15.14 12.59 -5.92
CA ARG D 146 -16.32 12.34 -6.69
C ARG D 146 -16.52 10.86 -6.94
N ALA D 147 -15.44 10.17 -7.15
CA ALA D 147 -15.51 8.75 -7.37
C ALA D 147 -16.02 8.01 -6.14
N LEU D 148 -15.63 8.48 -4.99
CA LEU D 148 -16.10 7.88 -3.77
C LEU D 148 -17.60 8.11 -3.60
N LYS D 149 -18.04 9.32 -3.84
CA LYS D 149 -19.43 9.65 -3.72
C LYS D 149 -20.27 8.80 -4.64
N GLU D 150 -19.78 8.63 -5.87
CA GLU D 150 -20.53 7.86 -6.84
C GLU D 150 -20.68 6.45 -6.37
N LYS D 151 -19.62 5.89 -5.82
CA LYS D 151 -19.69 4.53 -5.33
C LYS D 151 -20.64 4.41 -4.16
N LEU D 152 -20.61 5.40 -3.29
CA LEU D 152 -21.49 5.42 -2.15
C LEU D 152 -22.92 5.38 -2.61
N ASP D 153 -23.18 6.17 -3.63
CA ASP D 153 -24.53 6.34 -4.12
C ASP D 153 -25.06 5.13 -4.86
N THR D 154 -24.24 4.16 -5.14
CA THR D 154 -24.74 2.94 -5.73
C THR D 154 -25.42 2.02 -4.73
N GLY D 155 -25.22 2.29 -3.46
CA GLY D 155 -25.76 1.47 -2.43
C GLY D 155 -24.93 0.29 -1.97
N ILE D 156 -23.75 0.17 -2.52
CA ILE D 156 -22.92 -0.98 -2.29
C ILE D 156 -22.54 -1.18 -0.80
N ILE D 157 -22.46 -0.11 -0.03
CA ILE D 157 -22.14 -0.23 1.37
C ILE D 157 -23.29 0.10 2.32
N GLY D 158 -24.47 0.23 1.75
CA GLY D 158 -25.62 0.60 2.54
C GLY D 158 -25.61 2.05 2.89
N ALA D 159 -26.34 2.40 3.93
CA ALA D 159 -26.46 3.76 4.39
C ALA D 159 -25.20 4.23 5.11
N PRO D 160 -24.85 5.49 4.92
CA PRO D 160 -23.71 6.01 5.66
C PRO D 160 -24.04 6.31 7.11
N LEU D 161 -23.30 5.70 8.00
CA LEU D 161 -23.54 5.87 9.40
C LEU D 161 -22.60 6.86 10.04
N VAL D 162 -21.33 6.75 9.67
CA VAL D 162 -20.27 7.56 10.25
C VAL D 162 -19.30 7.96 9.15
N VAL D 163 -18.82 9.19 9.21
CA VAL D 163 -17.80 9.67 8.33
C VAL D 163 -16.60 10.08 9.18
N ARG D 164 -15.43 9.62 8.77
CA ARG D 164 -14.23 10.05 9.40
C ARG D 164 -13.33 10.74 8.40
N ALA D 165 -12.87 11.91 8.76
CA ALA D 165 -12.08 12.74 7.86
C ALA D 165 -10.92 13.41 8.58
N SER D 166 -9.87 13.66 7.81
CA SER D 166 -8.74 14.43 8.27
C SER D 166 -8.41 15.55 7.29
N HIS D 167 -8.07 16.68 7.85
CA HIS D 167 -7.59 17.82 7.10
C HIS D 167 -6.27 18.25 7.76
N ILE D 168 -5.19 17.84 7.10
CA ILE D 168 -3.84 17.95 7.64
C ILE D 168 -3.03 18.95 6.82
N ASN D 169 -2.42 19.90 7.52
CA ASN D 169 -1.48 20.82 6.92
C ASN D 169 -0.20 20.78 7.72
N PRO D 170 0.92 21.05 7.08
CA PRO D 170 2.19 20.89 7.78
C PRO D 170 2.48 22.01 8.75
N ASN D 171 2.10 23.21 8.34
CA ASN D 171 2.31 24.42 9.13
CA ASN D 171 2.28 24.41 9.16
C ASN D 171 1.42 25.55 8.63
N VAL D 172 1.33 26.60 9.40
CA VAL D 172 0.57 27.76 9.02
C VAL D 172 1.40 29.03 9.13
N ALA D 173 0.93 30.05 8.45
CA ALA D 173 1.56 31.34 8.46
C ALA D 173 1.20 32.12 9.72
N SER D 174 1.89 33.21 9.94
CA SER D 174 1.74 33.91 11.17
C SER D 174 0.41 34.59 11.32
N ASN D 175 -0.32 34.78 10.24
CA ASN D 175 -1.61 35.43 10.33
C ASN D 175 -2.79 34.47 10.56
N TYR D 176 -2.46 33.20 10.75
CA TYR D 176 -3.47 32.19 10.93
C TYR D 176 -3.98 32.19 12.37
N SER D 177 -5.26 32.39 12.52
CA SER D 177 -5.88 32.51 13.80
C SER D 177 -6.67 31.27 14.19
N ASN D 178 -7.03 31.19 15.45
CA ASN D 178 -7.81 30.07 15.93
C ASN D 178 -9.10 29.98 15.16
N GLU D 179 -9.67 31.14 14.90
CA GLU D 179 -10.93 31.20 14.20
C GLU D 179 -10.80 30.65 12.76
N MET D 180 -9.63 30.78 12.19
CA MET D 180 -9.37 30.32 10.84
C MET D 180 -9.34 28.81 10.73
N ALA D 181 -9.10 28.14 11.84
CA ALA D 181 -9.18 26.72 11.82
C ALA D 181 -10.55 26.28 11.34
N ILE D 182 -11.53 27.13 11.55
CA ILE D 182 -12.86 26.89 11.03
C ILE D 182 -13.07 27.54 9.65
N THR D 183 -12.84 28.85 9.58
CA THR D 183 -13.21 29.57 8.39
C THR D 183 -12.31 29.33 7.22
N ASP D 184 -11.07 28.94 7.46
CA ASP D 184 -10.13 28.73 6.39
C ASP D 184 -9.92 27.25 6.07
N THR D 185 -10.16 26.41 7.06
CA THR D 185 -9.75 25.02 6.98
C THR D 185 -10.97 24.10 7.00
N LEU D 186 -11.61 24.01 8.16
CA LEU D 186 -12.79 23.16 8.31
C LEU D 186 -13.94 23.47 7.32
N ILE D 187 -13.95 24.69 6.82
CA ILE D 187 -14.96 25.10 5.89
C ILE D 187 -15.07 24.17 4.68
N HIS D 188 -13.96 23.58 4.29
CA HIS D 188 -13.97 22.66 3.20
C HIS D 188 -14.81 21.44 3.57
N GLU D 189 -14.58 20.94 4.77
CA GLU D 189 -15.32 19.77 5.23
C GLU D 189 -16.80 20.09 5.49
N ILE D 190 -17.05 21.29 5.97
CA ILE D 190 -18.40 21.74 6.16
C ILE D 190 -19.18 21.70 4.86
N ASP D 191 -18.58 22.19 3.80
CA ASP D 191 -19.23 22.13 2.52
C ASP D 191 -19.32 20.76 1.94
N GLU D 192 -18.22 20.03 2.08
CA GLU D 192 -18.06 18.75 1.45
C GLU D 192 -19.08 17.72 1.94
N MET D 193 -19.26 17.63 3.23
CA MET D 193 -20.04 16.54 3.76
C MET D 193 -21.54 16.67 3.47
N HIS D 194 -22.03 17.88 3.52
CA HIS D 194 -23.37 18.21 3.07
C HIS D 194 -23.59 17.73 1.61
N TRP D 195 -22.64 18.02 0.76
CA TRP D 195 -22.70 17.61 -0.63
C TRP D 195 -22.56 16.11 -0.80
N LEU D 196 -21.62 15.53 -0.07
CA LEU D 196 -21.34 14.13 -0.16
C LEU D 196 -22.52 13.26 0.23
N LEU D 197 -23.18 13.67 1.28
CA LEU D 197 -24.20 12.87 1.89
C LEU D 197 -25.57 13.27 1.43
N ASP D 198 -25.67 14.38 0.72
CA ASP D 198 -26.97 14.97 0.41
C ASP D 198 -27.83 15.07 1.66
N ASP D 199 -27.31 15.76 2.66
CA ASP D 199 -27.93 15.85 3.95
C ASP D 199 -27.57 17.17 4.58
N GLU D 200 -28.27 17.56 5.61
CA GLU D 200 -27.94 18.81 6.22
C GLU D 200 -27.59 18.62 7.67
N TYR D 201 -26.93 19.60 8.27
CA TYR D 201 -26.48 19.47 9.63
C TYR D 201 -27.49 19.84 10.71
N THR D 202 -27.41 19.18 11.85
CA THR D 202 -28.22 19.55 12.99
C THR D 202 -27.42 20.06 14.14
N SER D 203 -26.11 19.84 14.13
CA SER D 203 -25.27 20.33 15.16
C SER D 203 -23.78 20.22 14.83
N ILE D 204 -22.96 20.95 15.57
CA ILE D 204 -21.52 20.86 15.49
C ILE D 204 -20.90 21.07 16.85
N GLN D 205 -19.83 20.34 17.12
CA GLN D 205 -19.12 20.49 18.38
C GLN D 205 -17.64 20.47 18.13
N ILE D 206 -16.93 21.42 18.69
CA ILE D 206 -15.50 21.46 18.60
C ILE D 206 -14.86 21.14 19.94
N THR D 207 -13.92 20.19 19.92
CA THR D 207 -13.16 19.91 21.10
C THR D 207 -11.67 20.07 20.86
N TYR D 208 -10.96 20.34 21.95
CA TYR D 208 -9.55 20.61 21.92
C TYR D 208 -8.73 19.50 22.58
N PRO D 209 -8.10 18.66 21.79
CA PRO D 209 -7.15 17.72 22.34
C PRO D 209 -5.90 18.40 22.83
N ARG D 210 -5.04 17.61 23.40
CA ARG D 210 -3.72 17.99 23.80
C ARG D 210 -3.10 18.98 22.83
N GLN D 211 -2.78 20.17 23.30
CA GLN D 211 -2.16 21.19 22.48
C GLN D 211 -0.79 20.80 21.97
N SER D 212 -0.58 20.96 20.69
CA SER D 212 0.71 20.64 20.14
C SER D 212 1.78 21.62 20.54
N ALA D 213 2.96 21.11 20.83
CA ALA D 213 4.11 21.97 20.99
C ALA D 213 4.56 22.64 19.70
N GLU D 214 3.99 22.26 18.57
CA GLU D 214 4.42 22.84 17.30
C GLU D 214 3.72 24.16 16.95
N VAL D 215 2.69 24.49 17.71
CA VAL D 215 1.99 25.72 17.50
C VAL D 215 2.89 26.92 17.77
N ARG D 216 2.86 27.89 16.86
CA ARG D 216 3.68 29.07 16.94
C ARG D 216 2.87 30.34 16.86
N ASN D 217 1.56 30.20 16.90
CA ASN D 217 0.68 31.33 16.75
C ASN D 217 -0.14 31.53 17.98
N GLU D 218 -0.10 32.73 18.52
CA GLU D 218 -0.81 33.03 19.74
C GLU D 218 -2.30 32.77 19.61
N GLY D 219 -2.86 32.07 20.57
CA GLY D 219 -4.25 31.80 20.54
C GLY D 219 -4.75 30.64 19.72
N LEU D 220 -3.87 30.04 18.93
CA LEU D 220 -4.27 28.93 18.08
C LEU D 220 -4.25 27.63 18.84
N HIS D 221 -5.38 26.95 18.83
CA HIS D 221 -5.46 25.60 19.33
C HIS D 221 -5.27 24.65 18.18
N ASP D 222 -4.37 23.70 18.33
CA ASP D 222 -4.14 22.69 17.31
C ASP D 222 -3.61 21.44 17.96
N PRO D 223 -4.17 20.28 17.61
CA PRO D 223 -5.26 20.08 16.67
C PRO D 223 -6.63 20.43 17.21
N GLN D 224 -7.63 20.32 16.37
CA GLN D 224 -9.02 20.47 16.75
C GLN D 224 -9.84 19.30 16.23
N LEU D 225 -10.83 18.89 17.00
CA LEU D 225 -11.74 17.86 16.62
C LEU D 225 -13.13 18.44 16.43
N ALA D 226 -13.71 18.15 15.29
CA ALA D 226 -15.03 18.59 14.94
C ALA D 226 -15.96 17.42 14.79
N THR D 227 -17.05 17.43 15.53
CA THR D 227 -18.10 16.46 15.33
C THR D 227 -19.35 17.12 14.79
N LEU D 228 -19.77 16.66 13.63
CA LEU D 228 -20.96 17.16 12.98
C LEU D 228 -22.02 16.07 12.88
N THR D 229 -23.26 16.41 13.13
CA THR D 229 -24.34 15.47 13.02
C THR D 229 -25.29 15.95 11.95
N THR D 230 -25.85 15.02 11.22
CA THR D 230 -26.80 15.32 10.16
C THR D 230 -28.23 14.91 10.49
N LYS D 231 -29.14 15.39 9.67
CA LYS D 231 -30.55 15.10 9.85
C LYS D 231 -30.83 13.63 9.82
N LYS D 232 -30.18 12.92 8.92
CA LYS D 232 -30.36 11.51 8.85
C LYS D 232 -29.62 10.76 9.96
N GLY D 233 -28.83 11.47 10.75
CA GLY D 233 -28.18 10.91 11.89
C GLY D 233 -26.77 10.41 11.66
N THR D 234 -26.25 10.70 10.49
CA THR D 234 -24.88 10.42 10.21
C THR D 234 -24.01 11.31 11.09
N VAL D 235 -22.96 10.73 11.65
CA VAL D 235 -22.02 11.46 12.46
C VAL D 235 -20.70 11.57 11.73
N ILE D 236 -20.22 12.80 11.64
CA ILE D 236 -18.96 13.09 11.00
C ILE D 236 -17.91 13.54 12.04
N GLN D 237 -16.78 12.85 12.07
CA GLN D 237 -15.69 13.18 12.94
C GLN D 237 -14.51 13.67 12.10
N VAL D 238 -14.19 14.95 12.20
CA VAL D 238 -13.10 15.53 11.45
C VAL D 238 -11.97 15.88 12.36
N LEU D 239 -10.79 15.47 11.96
CA LEU D 239 -9.58 15.94 12.57
C LEU D 239 -8.99 17.07 11.72
N VAL D 240 -8.80 18.21 12.37
CA VAL D 240 -8.14 19.35 11.80
C VAL D 240 -6.78 19.48 12.46
N HIS D 241 -5.71 19.34 11.70
CA HIS D 241 -4.39 19.40 12.28
C HIS D 241 -3.48 20.19 11.35
N VAL D 242 -3.27 21.46 11.69
CA VAL D 242 -2.61 22.38 10.79
C VAL D 242 -1.12 22.66 11.05
N THR D 243 -0.59 22.09 12.13
CA THR D 243 0.83 22.12 12.42
C THR D 243 1.43 20.71 12.43
N ALA D 244 0.92 19.85 11.58
CA ALA D 244 1.31 18.43 11.57
C ALA D 244 2.71 18.08 11.16
N GLN D 245 3.37 19.05 10.57
CA GLN D 245 4.74 18.93 10.09
C GLN D 245 5.00 18.03 8.89
N TYR D 246 4.39 16.86 8.86
CA TYR D 246 4.86 15.85 7.92
C TYR D 246 4.47 16.10 6.49
N GLY D 247 3.39 16.84 6.30
CA GLY D 247 2.81 16.95 4.99
C GLY D 247 1.43 17.53 4.95
N TYR D 248 0.88 17.59 3.75
CA TYR D 248 -0.45 18.09 3.51
C TYR D 248 -1.31 16.90 3.07
N GLU D 249 -2.41 16.67 3.75
CA GLU D 249 -3.19 15.50 3.40
C GLU D 249 -4.67 15.64 3.72
N VAL D 250 -5.48 15.12 2.82
CA VAL D 250 -6.90 14.98 3.01
C VAL D 250 -7.31 13.51 3.02
N LYS D 251 -7.96 13.11 4.11
CA LYS D 251 -8.42 11.77 4.28
C LYS D 251 -9.95 11.71 4.41
N LEU D 252 -10.54 10.68 3.84
CA LEU D 252 -11.98 10.49 3.87
C LEU D 252 -12.36 9.00 3.90
N GLU D 253 -13.10 8.65 4.93
CA GLU D 253 -13.58 7.31 5.11
C GLU D 253 -15.07 7.35 5.44
N VAL D 254 -15.83 6.61 4.66
CA VAL D 254 -17.23 6.46 4.91
C VAL D 254 -17.59 5.05 5.42
N ILE D 255 -18.16 5.01 6.60
CA ILE D 255 -18.57 3.78 7.23
C ILE D 255 -20.07 3.54 6.95
N GLY D 256 -20.34 2.48 6.21
CA GLY D 256 -21.69 2.12 5.87
C GLY D 256 -22.15 0.87 6.61
N GLU D 257 -23.41 0.55 6.44
CA GLU D 257 -24.03 -0.58 7.07
C GLU D 257 -23.36 -1.88 6.69
N THR D 258 -22.93 -2.00 5.45
CA THR D 258 -22.46 -3.26 4.96
C THR D 258 -21.05 -3.26 4.40
N GLY D 259 -20.39 -2.13 4.56
CA GLY D 259 -19.05 -1.95 4.09
C GLY D 259 -18.51 -0.58 4.35
N GLU D 260 -17.30 -0.34 3.88
CA GLU D 260 -16.65 0.96 4.01
C GLU D 260 -16.06 1.40 2.69
N LEU D 261 -15.98 2.72 2.52
CA LEU D 261 -15.32 3.32 1.41
C LEU D 261 -14.25 4.33 1.86
N GLN D 262 -13.12 4.32 1.20
CA GLN D 262 -12.01 5.18 1.61
C GLN D 262 -11.31 5.77 0.39
N LEU D 263 -10.96 7.02 0.51
CA LEU D 263 -10.14 7.67 -0.47
C LEU D 263 -8.77 7.10 -0.36
N PRO D 264 -8.17 6.76 -1.49
CA PRO D 264 -6.80 6.26 -1.47
C PRO D 264 -5.74 7.35 -1.21
N ASN D 265 -4.55 6.91 -0.87
CA ASN D 265 -3.37 7.79 -0.81
C ASN D 265 -3.12 8.44 -2.17
N TYR D 266 -2.92 9.74 -2.12
CA TYR D 266 -2.69 10.52 -3.29
C TYR D 266 -1.20 10.54 -3.53
N GLY D 267 -0.76 10.28 -4.75
CA GLY D 267 0.65 10.38 -4.99
C GLY D 267 1.07 9.94 -6.37
N LEU D 268 2.00 10.70 -6.94
CA LEU D 268 2.52 10.33 -8.22
C LEU D 268 3.93 9.85 -8.14
N GLY D 269 4.56 10.12 -7.01
CA GLY D 269 6.00 9.97 -6.88
C GLY D 269 6.27 8.52 -6.76
N PRO D 270 7.52 8.15 -6.95
CA PRO D 270 7.82 6.74 -6.92
C PRO D 270 7.94 6.21 -5.52
N ILE D 271 7.85 4.89 -5.44
CA ILE D 271 8.16 4.15 -4.26
C ILE D 271 9.65 3.88 -4.20
N LEU D 272 10.27 4.33 -3.14
CA LEU D 272 11.69 4.20 -2.96
C LEU D 272 12.00 3.16 -1.91
N ARG D 273 12.83 2.21 -2.28
CA ARG D 273 13.40 1.29 -1.34
C ARG D 273 14.85 1.70 -1.09
N SER D 274 15.12 2.08 0.13
CA SER D 274 16.42 2.60 0.49
C SER D 274 16.57 2.63 2.00
N ASN D 275 17.74 2.28 2.51
CA ASN D 275 18.05 2.51 3.92
C ASN D 275 17.01 1.95 4.85
N ALA D 276 16.65 0.71 4.60
CA ALA D 276 15.83 -0.08 5.50
C ALA D 276 14.40 0.42 5.55
N ASN D 277 14.02 1.19 4.55
CA ASN D 277 12.65 1.62 4.40
CA ASN D 277 12.62 1.48 4.39
C ASN D 277 12.11 1.56 2.98
N GLN D 278 10.80 1.56 2.90
CA GLN D 278 10.08 1.67 1.68
C GLN D 278 9.19 2.91 1.86
N GLN D 279 9.36 3.87 0.97
CA GLN D 279 8.70 5.16 1.16
C GLN D 279 8.17 5.83 -0.10
N THR D 280 7.14 6.64 0.06
CA THR D 280 6.61 7.49 -0.99
C THR D 280 6.45 8.91 -0.48
N ALA D 281 6.68 9.87 -1.34
CA ALA D 281 6.52 11.25 -0.95
C ALA D 281 5.11 11.63 -0.64
N VAL D 282 4.97 12.57 0.27
CA VAL D 282 3.71 13.21 0.61
C VAL D 282 3.73 14.63 0.11
N GLU D 283 2.64 15.06 -0.49
CA GLU D 283 2.52 16.44 -0.91
C GLU D 283 2.71 17.38 0.28
N MET D 284 3.24 18.55 0.04
CA MET D 284 3.39 19.51 1.12
C MET D 284 2.44 20.71 0.96
N SER D 285 1.67 20.69 -0.10
CA SER D 285 0.75 21.78 -0.31
C SER D 285 -0.51 21.39 -1.03
N TRP D 286 -1.52 22.21 -0.82
CA TRP D 286 -2.76 22.14 -1.55
C TRP D 286 -2.56 22.36 -3.03
N ILE D 287 -1.55 23.12 -3.37
CA ILE D 287 -1.46 23.61 -4.74
C ILE D 287 -1.28 22.51 -5.75
N ASN D 288 -0.57 21.47 -5.39
CA ASN D 288 -0.52 20.37 -6.26
C ASN D 288 -1.50 19.24 -5.97
N ARG D 289 -1.86 19.07 -4.71
CA ARG D 289 -2.82 18.03 -4.40
C ARG D 289 -4.14 18.21 -5.09
N PHE D 290 -4.58 19.45 -5.16
CA PHE D 290 -5.90 19.74 -5.71
C PHE D 290 -5.89 20.49 -7.05
N ILE D 291 -4.77 20.41 -7.75
CA ILE D 291 -4.64 21.10 -9.01
C ILE D 291 -5.74 20.76 -10.02
N GLN D 292 -6.11 19.50 -10.10
CA GLN D 292 -7.19 19.10 -11.01
C GLN D 292 -8.51 19.74 -10.64
N ALA D 293 -8.84 19.69 -9.35
CA ALA D 293 -10.08 20.26 -8.90
C ALA D 293 -10.13 21.77 -9.14
N TYR D 294 -9.04 22.46 -8.87
CA TYR D 294 -9.01 23.89 -9.13
C TYR D 294 -9.14 24.18 -10.62
N ASN D 295 -8.43 23.43 -11.43
CA ASN D 295 -8.54 23.58 -12.86
C ASN D 295 -9.97 23.35 -13.37
N THR D 296 -10.60 22.30 -12.88
CA THR D 296 -11.95 21.99 -13.28
C THR D 296 -12.96 23.05 -12.86
N GLU D 297 -12.93 23.46 -11.60
CA GLU D 297 -13.86 24.46 -11.14
C GLU D 297 -13.71 25.80 -11.87
N VAL D 298 -12.48 26.20 -12.10
CA VAL D 298 -12.24 27.49 -12.69
C VAL D 298 -12.61 27.47 -14.17
N GLN D 299 -12.31 26.37 -14.84
CA GLN D 299 -12.66 26.26 -16.23
C GLN D 299 -14.17 26.31 -16.40
N GLU D 300 -14.90 25.71 -15.47
CA GLU D 300 -16.34 25.70 -15.52
C GLU D 300 -16.90 27.13 -15.30
N PHE D 301 -16.30 27.86 -14.38
CA PHE D 301 -16.64 29.26 -14.18
C PHE D 301 -16.46 30.08 -15.46
N ILE D 302 -15.28 29.97 -16.05
CA ILE D 302 -14.94 30.71 -17.24
C ILE D 302 -15.89 30.36 -18.40
N ASP D 303 -16.17 29.08 -18.53
CA ASP D 303 -17.06 28.62 -19.56
C ASP D 303 -18.45 29.20 -19.41
N GLU D 304 -18.93 29.38 -18.18
CA GLU D 304 -20.20 30.04 -17.98
C GLU D 304 -20.16 31.54 -18.27
N VAL D 305 -19.13 32.21 -17.78
CA VAL D 305 -18.97 33.63 -18.08
C VAL D 305 -18.94 33.90 -19.58
N ALA D 306 -18.27 33.03 -20.33
CA ALA D 306 -18.14 33.20 -21.76
C ALA D 306 -19.52 33.22 -22.43
N LYS D 307 -20.46 32.49 -21.85
CA LYS D 307 -21.82 32.48 -22.33
C LYS D 307 -22.76 33.48 -21.64
N SER D 308 -22.21 34.33 -20.79
CA SER D 308 -23.03 35.20 -19.97
C SER D 308 -24.16 34.48 -19.27
N GLU D 309 -23.86 33.30 -18.76
CA GLU D 309 -24.75 32.54 -17.97
C GLU D 309 -24.27 32.40 -16.54
N PRO D 310 -25.20 32.26 -15.61
CA PRO D 310 -24.82 32.11 -14.20
C PRO D 310 -23.94 30.90 -13.95
N PRO D 311 -23.01 31.02 -13.03
CA PRO D 311 -22.24 29.86 -12.63
C PRO D 311 -23.16 28.72 -12.20
N VAL D 312 -22.64 27.51 -12.35
CA VAL D 312 -23.36 26.36 -11.95
C VAL D 312 -22.71 25.67 -10.78
N GLY D 313 -21.56 26.15 -10.37
CA GLY D 313 -20.88 25.58 -9.22
C GLY D 313 -21.39 26.15 -7.94
N PRO D 314 -20.71 25.86 -6.84
CA PRO D 314 -21.14 26.30 -5.54
C PRO D 314 -21.42 27.79 -5.52
N SER D 315 -22.53 28.14 -4.90
CA SER D 315 -23.01 29.48 -4.88
C SER D 315 -22.80 30.19 -3.57
N ALA D 316 -23.20 31.46 -3.56
CA ALA D 316 -23.15 32.23 -2.36
C ALA D 316 -24.06 31.62 -1.30
N TRP D 317 -25.11 30.99 -1.74
CA TRP D 317 -25.95 30.29 -0.81
C TRP D 317 -25.21 29.13 -0.14
N ASP D 318 -24.48 28.37 -0.92
CA ASP D 318 -23.65 27.31 -0.37
C ASP D 318 -22.65 27.88 0.62
N GLY D 319 -22.13 29.05 0.28
CA GLY D 319 -21.23 29.75 1.13
C GLY D 319 -21.84 30.20 2.43
N TYR D 320 -23.10 30.62 2.36
CA TYR D 320 -23.84 31.05 3.51
C TYR D 320 -24.20 29.88 4.40
N ILE D 321 -24.65 28.81 3.79
CA ILE D 321 -24.98 27.63 4.54
C ILE D 321 -23.76 27.15 5.31
N ALA D 322 -22.63 27.13 4.64
CA ALA D 322 -21.41 26.79 5.30
C ALA D 322 -21.04 27.78 6.41
N ALA D 323 -21.26 29.06 6.17
CA ALA D 323 -20.97 30.07 7.17
C ALA D 323 -21.82 29.93 8.43
N ILE D 324 -23.02 29.42 8.27
CA ILE D 324 -23.85 29.20 9.43
C ILE D 324 -23.22 28.14 10.34
N THR D 325 -22.80 27.06 9.74
CA THR D 325 -22.20 25.96 10.46
C THR D 325 -20.85 26.39 10.99
N ALA D 326 -20.14 27.19 10.22
CA ALA D 326 -18.86 27.69 10.67
C ALA D 326 -18.95 28.63 11.87
N ALA D 327 -19.93 29.51 11.84
CA ALA D 327 -20.18 30.36 12.97
C ALA D 327 -20.56 29.57 14.21
N ALA D 328 -21.31 28.50 14.02
CA ALA D 328 -21.67 27.62 15.12
C ALA D 328 -20.42 27.02 15.74
N ALA D 329 -19.49 26.63 14.88
CA ALA D 329 -18.24 26.05 15.35
C ALA D 329 -17.37 27.08 16.03
N ASN D 330 -17.34 28.30 15.50
CA ASN D 330 -16.59 29.34 16.20
C ASN D 330 -17.18 29.62 17.62
N ARG D 331 -18.48 29.47 17.73
CA ARG D 331 -19.14 29.56 19.01
C ARG D 331 -18.74 28.39 19.89
N SER D 332 -18.73 27.20 19.33
CA SER D 332 -18.34 26.01 20.06
C SER D 332 -16.90 26.08 20.55
N GLN D 333 -16.04 26.74 19.79
CA GLN D 333 -14.65 26.88 20.18
C GLN D 333 -14.47 27.50 21.56
N LYS D 334 -15.45 28.29 21.96
CA LYS D 334 -15.30 29.06 23.17
C LYS D 334 -15.48 28.25 24.43
N ASP D 335 -16.29 27.21 24.40
CA ASP D 335 -16.57 26.40 25.57
C ASP D 335 -16.62 24.91 25.28
N GLN D 336 -16.37 24.54 24.04
CA GLN D 336 -16.33 23.15 23.65
C GLN D 336 -17.67 22.48 23.77
N GLU D 337 -18.72 23.27 23.70
CA GLU D 337 -20.05 22.73 23.74
C GLU D 337 -20.73 22.63 22.38
N THR D 338 -21.59 21.64 22.27
CA THR D 338 -22.37 21.45 21.08
C THR D 338 -23.28 22.64 20.75
N VAL D 339 -23.27 23.04 19.49
CA VAL D 339 -24.11 24.11 19.01
C VAL D 339 -25.06 23.60 17.94
N LEU D 340 -26.33 23.94 18.06
CA LEU D 340 -27.32 23.48 17.15
C LEU D 340 -27.34 24.27 15.85
N ILE D 341 -27.75 23.60 14.80
CA ILE D 341 -27.83 24.17 13.50
C ILE D 341 -29.16 23.81 12.85
N ASN D 342 -29.80 24.79 12.22
CA ASN D 342 -30.98 24.54 11.41
C ASN D 342 -31.07 25.55 10.29
N VAL D 343 -30.61 25.18 9.14
CA VAL D 343 -30.54 26.12 8.04
C VAL D 343 -31.84 26.27 7.28
N ALA D 344 -32.05 27.46 6.77
CA ALA D 344 -33.21 27.74 5.98
C ALA D 344 -33.19 27.04 4.67
N GLY D 345 -34.35 26.95 4.05
CA GLY D 345 -34.43 26.37 2.74
C GLY D 345 -33.79 27.26 1.70
N THR D 346 -33.38 26.64 0.62
CA THR D 346 -32.77 27.34 -0.49
C THR D 346 -33.78 28.23 -1.17
N PRO D 347 -33.46 29.50 -1.30
CA PRO D 347 -34.33 30.35 -2.07
C PRO D 347 -34.37 29.96 -3.55
N THR D 348 -35.48 30.27 -4.20
CA THR D 348 -35.65 29.97 -5.59
C THR D 348 -34.49 30.47 -6.47
N PHE D 349 -33.97 31.64 -6.16
CA PHE D 349 -32.91 32.25 -6.93
C PHE D 349 -31.71 31.31 -7.01
N TYR D 350 -31.56 30.51 -5.98
CA TYR D 350 -30.37 29.68 -5.80
C TYR D 350 -30.58 28.21 -6.11
N GLN D 351 -31.76 27.87 -6.57
CA GLN D 351 -32.05 26.49 -6.86
C GLN D 351 -31.58 26.05 -8.23
#